data_9OXS
#
_entry.id   9OXS
#
_cell.length_a   1.00
_cell.length_b   1.00
_cell.length_c   1.00
_cell.angle_alpha   90.00
_cell.angle_beta   90.00
_cell.angle_gamma   90.00
#
_symmetry.space_group_name_H-M   'P 1'
#
loop_
_entity.id
_entity.type
_entity.pdbx_description
1 polymer 'Cleavage and polyadenylation specificity factor subunit 1'
2 polymer "pre-mRNA 3' end processing protein WDR33"
3 polymer 'Isoform 2 of Cleavage and polyadenylation specificity factor subunit 4'
4 polymer "RNA (5'-R(P*AP*AP*UP*AP*AP*UP*C)-3')"
5 non-polymer 'ZINC ION'
#
loop_
_entity_poly.entity_id
_entity_poly.type
_entity_poly.pdbx_seq_one_letter_code
_entity_poly.pdbx_strand_id
1 'polypeptide(L)'
;MYAVYKQAHPPTGLEFSMYCNFFNNSERNLVVAGTSQLYVYRLNRDAEALTKNDRSTEGKAHREKLELAASFSFFGNVMS
MASVQLAGAKRDALLLSFKDAKLSVVEYDPGTHDLKTLSLHYFEEPELRDGFVQNVHTPRVRVDPDGRCAAMLVYGTRLV
VLPFRRESLAEEHEGLVGEGQRSSFLPSYIIDVRALDEKLLNIIDLQFLHGYYEPTLLILFEPNQTWPGRVAVRQDTCSI
VAISLNITQKVHPVIWSLTSLPFDCTQALAVPKPIGGVVVFAVNSLLYLNQSVPPYGVALNSLTTGTTAFPLRTQEGVRI
TLDCAQATFISYDKMVISLKGGEIYVLTLITDGMRSVRAFHFDKAAASVLTTSMVTMEPGYLFLGSRLGNSLLLKYTEKL
QEPPASAVREAADKEEPPSKKKRVDATAGWSAAGKSVPQDEVDEIEVYGSEAQSGTQLATYSFEVCDSILNIGPCANAAV
GEPAFLSEEFQNSPEPDLEIVVCSGHGKNGALSVLQKSIRPQVVTTFELPGCYDMWTVIAPVRKEEEDNPKGEGTEQEPS
TTPEADDDGRRHGFLILSREDSTMILQTGQEIMELDTSGFATQGPTVFAGNIGDNRYIVQVSPLGIRLLEGVNQLHFIPV
DLGAPIVQCAVADPYVVIMSAEGHVTMFLLKSDSYGGRHHRLALHKPPLHHQSKVITLCLYRDLSGMFTTESRLGGARDE
LGGRSGPEAEGLGSETSPTVDDEEEMLYGDSGSLFSPSKEEARRSSQPPADRDPAPFRAEPTHWCLLVRENGTMEIYQLP
DWRLVFLVKNFPVGQRVLVDSSFGQPTTQGEARREEATRQGELPLVKEVLLVALGSRQSRPYLLVHVDQELLIYEAFPHD
SQLGQGNLKVRFKKVPHNINFREKKPKPSKKKAEGGGAEEGAGARGRVARFRYFEDIYGYSGVFICGPSPHWLLVTGRGA
LRLHPMAIDGPVDSFAPFHNVNCPRGFLYFNRQGELRISVLPAYLSYDAPWPVRKIPLRCTAHYVAYHVESKVYAVATST
NTPCARIPRMTGEEKEFETIERDERYIHPQQEAFSIQLISPVSWEAIPNARIELQEWEHVTCMKTVSLRSEETVSGLKGY
VAAGTCLMQGEEVTCRGRILIMDVIEVVPEPGQPLTKNKFKVLYEKEQKGPVTALCHCNGHLVSAIGQKIFLWSLRASEL
TGMAFIDTQLYIHQMISVKNFILAADVMKSISLLRYQEESKTLSLVSRDAKPLEVYSVDFMVDNAQLGFLVSDRDRNLMV
YMYLPEAKESFGGMRLLRRADFHVGAHVNTFWRTPCRGATEGLSKKSVVWENKHITWFATLDGGIGLLLPMQEKTYRRLL
MLQNALTTMLPHHAGLNPRAFRMLHVDRRTLQNAVRNVLDGELLNRYLYLSTMERSELAKKIGTTPDIILDDLLETDRVT
AHF
;
A
2 'polypeptide(L)'
;SNAATEIGSPPRFFHMPRFQHQAPRQLFYKRPDFAQQQAMQQLTFDGKRMRKAVNRKTIDYNPSVIKYLENRIWQRDQRD
MRAIQPDAGYYNDLVPPIGMLNNPMNAVTTKFVRTSTNKVKCPVFVVRWTPEGRRLVTGASSGEFTLWNGLTFNFETILQ
AHDSPVRAMTWSHNDMWMLTADHGGYVKYWQSNMNNVKMFQAHKEAIREASFSPTDNKFATCSDDGTVRIWDFLRCHEER
ILRGHGADVKCVDWHPTKGLVVSGSKDSQQPIKFWDPKTGQSLATLHAHKNTVMEVKLNLNGNWLLTASRDHLCKLFDIR
NLKEELQVFRGHKKEATAVAWHPVHEGLFASGGSDGSLLFWHVGVEKEVGGMEMAHEGMIWSLAWHPLGHILCSGSNDHT
SKFWTRNRPGDKMRDRYNLNLLPGMSEDGVEYDDLEPNSLAVIPGMGIPEQLKLAMEQEQMGKDESNEIEMTIPGLDWGM
EEVMQKDQKKVPQKKVPYAKPIPAQFQQAWMQNKVPIPAPNEVLNDRKEDIKLEEKKKTQAEIEQEMATLQYTNPQLLEQ
LKIERLAQKQVEQI
;
B
3 'polypeptide(L)'
;MQEIIASVDHIKFDLEIAVEQQLGAQPLPFPGMDKSGAAVCEFFLKAACGKGGMCPFRHISGEKTVVCKHWLRGLCKKGD
QCEFLHEYDMTKMPECYFYSKFGECSNKECPFLHIDPESKIKDCPWYDRGFCKHGPLCRHRHTRRVICVNYLVGFCPEGP
SCKFMHPRFELPMGTTEQPPLPQQTQPPAKQRTPQVIGVMQSQNSSAGNRGPRPLEQVTCYKCGEKGHYANRCTKGHLAF
LSGQ
;
C
4 'polyribonucleotide' UGCAAUAAUCAA E
#
loop_
_chem_comp.id
_chem_comp.type
_chem_comp.name
_chem_comp.formula
A RNA linking ADENOSINE-5'-MONOPHOSPHATE 'C10 H14 N5 O7 P'
C RNA linking CYTIDINE-5'-MONOPHOSPHATE 'C9 H14 N3 O8 P'
G RNA linking GUANOSINE-5'-MONOPHOSPHATE 'C10 H14 N5 O8 P'
U RNA linking URIDINE-5'-MONOPHOSPHATE 'C9 H13 N2 O9 P'
ZN non-polymer 'ZINC ION' 'Zn 2'
#
# COMPACT_ATOMS: atom_id res chain seq x y z
N MET A 1 -1.46 -9.95 20.47
CA MET A 1 -2.83 -10.50 20.32
C MET A 1 -3.81 -9.37 20.00
N TYR A 2 -4.13 -8.57 21.01
CA TYR A 2 -5.08 -7.49 20.84
C TYR A 2 -4.35 -6.20 20.47
N ALA A 3 -5.07 -5.31 19.79
CA ALA A 3 -4.48 -4.07 19.29
C ALA A 3 -5.63 -3.12 18.95
N VAL A 4 -5.27 -1.98 18.36
CA VAL A 4 -6.25 -1.05 17.80
C VAL A 4 -5.57 -0.29 16.67
N TYR A 5 -6.27 -0.18 15.54
CA TYR A 5 -5.74 0.49 14.37
C TYR A 5 -6.23 1.93 14.37
N LYS A 6 -5.29 2.87 14.34
CA LYS A 6 -5.59 4.29 14.27
C LYS A 6 -4.94 4.86 13.02
N GLN A 7 -5.62 5.81 12.38
CA GLN A 7 -5.12 6.46 11.18
C GLN A 7 -4.56 7.83 11.56
N ALA A 8 -3.30 8.07 11.19
CA ALA A 8 -2.63 9.32 11.53
C ALA A 8 -2.70 10.33 10.38
N HIS A 9 -2.22 9.94 9.21
CA HIS A 9 -2.20 10.81 8.04
C HIS A 9 -3.15 10.26 6.99
N PRO A 10 -4.18 10.99 6.57
CA PRO A 10 -5.09 10.46 5.58
C PRO A 10 -4.38 10.26 4.24
N PRO A 11 -4.79 9.28 3.45
CA PRO A 11 -4.11 9.06 2.17
C PRO A 11 -4.16 10.30 1.28
N THR A 12 -3.05 10.55 0.59
CA THR A 12 -2.95 11.62 -0.38
C THR A 12 -2.67 11.00 -1.75
N GLY A 13 -3.27 11.59 -2.79
CA GLY A 13 -3.12 11.04 -4.12
C GLY A 13 -4.45 10.66 -4.74
N LEU A 14 -4.87 11.43 -5.73
CA LEU A 14 -6.16 11.23 -6.39
C LEU A 14 -6.04 10.14 -7.44
N GLU A 15 -7.19 9.57 -7.80
CA GLU A 15 -7.22 8.44 -8.72
C GLU A 15 -8.22 8.64 -9.84
N PHE A 16 -9.30 9.38 -9.56
CA PHE A 16 -10.35 9.64 -10.53
C PHE A 16 -10.70 11.11 -10.49
N SER A 17 -11.24 11.61 -11.61
CA SER A 17 -11.63 13.00 -11.70
C SER A 17 -12.84 13.11 -12.63
N MET A 18 -13.60 14.19 -12.45
CA MET A 18 -14.77 14.44 -13.28
C MET A 18 -15.27 15.84 -13.00
N TYR A 19 -15.94 16.41 -14.00
CA TYR A 19 -16.46 17.78 -13.93
C TYR A 19 -17.98 17.70 -14.06
N CYS A 20 -18.66 17.48 -12.94
CA CYS A 20 -20.10 17.25 -12.92
C CYS A 20 -20.78 18.33 -12.10
N ASN A 21 -22.12 18.24 -12.02
CA ASN A 21 -22.93 19.20 -11.27
C ASN A 21 -23.27 18.60 -9.91
N PHE A 22 -22.27 18.61 -9.03
CA PHE A 22 -22.42 17.92 -7.75
C PHE A 22 -23.41 18.64 -6.83
N PHE A 23 -23.27 19.95 -6.68
CA PHE A 23 -24.06 20.69 -5.71
C PHE A 23 -25.43 21.10 -6.25
N ASN A 24 -25.49 21.56 -7.49
CA ASN A 24 -26.75 21.95 -8.11
C ASN A 24 -26.55 21.92 -9.63
N ASN A 25 -27.61 22.24 -10.36
CA ASN A 25 -27.57 22.21 -11.82
C ASN A 25 -27.02 23.49 -12.43
N SER A 26 -26.83 24.54 -11.64
CA SER A 26 -26.33 25.81 -12.18
C SER A 26 -24.84 25.74 -12.48
N GLU A 27 -24.03 25.53 -11.45
CA GLU A 27 -22.57 25.53 -11.57
C GLU A 27 -22.03 24.12 -11.40
N ARG A 28 -21.05 23.77 -12.22
CA ARG A 28 -20.43 22.45 -12.16
C ARG A 28 -19.23 22.47 -11.23
N ASN A 29 -18.81 21.28 -10.81
CA ASN A 29 -17.73 21.11 -9.84
C ASN A 29 -16.79 20.02 -10.31
N LEU A 30 -15.55 20.11 -9.84
CA LEU A 30 -14.56 19.06 -10.06
C LEU A 30 -14.63 18.08 -8.91
N VAL A 31 -14.98 16.83 -9.20
CA VAL A 31 -15.08 15.78 -8.19
C VAL A 31 -13.92 14.83 -8.42
N VAL A 32 -13.00 14.76 -7.46
CA VAL A 32 -11.84 13.90 -7.53
C VAL A 32 -11.86 12.97 -6.33
N ALA A 33 -11.48 11.71 -6.55
CA ALA A 33 -11.47 10.70 -5.51
C ALA A 33 -10.15 9.95 -5.54
N GLY A 34 -9.64 9.65 -4.35
CA GLY A 34 -8.41 8.90 -4.22
C GLY A 34 -8.69 7.41 -4.14
N THR A 35 -8.38 6.80 -3.00
CA THR A 35 -8.77 5.41 -2.74
C THR A 35 -10.07 5.33 -1.96
N SER A 36 -10.07 5.88 -0.74
CA SER A 36 -11.24 5.84 0.13
C SER A 36 -11.76 7.22 0.46
N GLN A 37 -11.40 8.23 -0.35
CA GLN A 37 -11.81 9.61 -0.11
C GLN A 37 -12.37 10.20 -1.38
N LEU A 38 -13.33 11.11 -1.22
CA LEU A 38 -13.93 11.84 -2.32
C LEU A 38 -13.83 13.33 -2.00
N TYR A 39 -13.25 14.10 -2.93
CA TYR A 39 -13.13 15.53 -2.78
C TYR A 39 -13.89 16.24 -3.90
N VAL A 40 -14.66 17.25 -3.53
CA VAL A 40 -15.40 18.07 -4.48
C VAL A 40 -14.77 19.46 -4.44
N TYR A 41 -14.07 19.81 -5.51
CA TYR A 41 -13.31 21.05 -5.59
C TYR A 41 -14.09 22.12 -6.33
N ARG A 42 -13.63 23.35 -6.21
CA ARG A 42 -14.15 24.48 -6.94
C ARG A 42 -13.04 25.14 -7.74
N LEU A 43 -13.35 26.30 -8.32
CA LEU A 43 -12.34 27.12 -8.98
C LEU A 43 -12.62 28.57 -8.62
N ASN A 44 -11.65 29.22 -7.97
CA ASN A 44 -11.76 30.61 -7.57
C ASN A 44 -10.91 31.47 -8.49
N ARG A 45 -11.52 32.52 -9.05
CA ARG A 45 -10.84 33.38 -9.99
C ARG A 45 -10.51 34.73 -9.35
N ARG A 63 -5.67 35.12 -9.36
CA ARG A 63 -5.05 33.81 -9.56
C ARG A 63 -6.08 32.70 -9.41
N GLU A 64 -5.96 31.68 -10.25
CA GLU A 64 -6.93 30.59 -10.29
C GLU A 64 -6.50 29.49 -9.33
N LYS A 65 -7.22 29.36 -8.22
CA LYS A 65 -6.88 28.42 -7.16
C LYS A 65 -8.09 27.52 -6.88
N LEU A 66 -7.85 26.21 -6.83
CA LEU A 66 -8.90 25.29 -6.45
C LEU A 66 -9.28 25.48 -4.99
N GLU A 67 -10.56 25.31 -4.68
CA GLU A 67 -11.07 25.39 -3.32
C GLU A 67 -11.85 24.13 -3.01
N LEU A 68 -11.55 23.51 -1.86
CA LEU A 68 -12.26 22.30 -1.48
C LEU A 68 -13.66 22.65 -0.98
N ALA A 69 -14.67 21.97 -1.53
CA ALA A 69 -16.05 22.20 -1.16
C ALA A 69 -16.54 21.21 -0.11
N ALA A 70 -16.28 19.93 -0.30
CA ALA A 70 -16.68 18.91 0.66
C ALA A 70 -15.80 17.69 0.47
N SER A 71 -15.53 16.99 1.58
CA SER A 71 -14.76 15.76 1.57
C SER A 71 -15.50 14.70 2.36
N PHE A 72 -15.51 13.47 1.84
CA PHE A 72 -16.20 12.35 2.48
C PHE A 72 -15.29 11.14 2.47
N SER A 73 -15.44 10.30 3.50
CA SER A 73 -14.64 9.10 3.66
C SER A 73 -15.54 7.87 3.56
N PHE A 74 -15.08 6.86 2.83
CA PHE A 74 -15.83 5.64 2.59
C PHE A 74 -15.16 4.46 3.27
N PHE A 75 -15.97 3.46 3.60
CA PHE A 75 -15.46 2.18 4.10
C PHE A 75 -15.24 1.22 2.91
N GLY A 76 -14.45 1.70 1.97
CA GLY A 76 -14.12 0.92 0.79
C GLY A 76 -13.18 1.71 -0.08
N ASN A 77 -12.61 1.02 -1.06
CA ASN A 77 -11.68 1.61 -2.01
C ASN A 77 -12.36 1.75 -3.36
N VAL A 78 -12.58 2.99 -3.79
CA VAL A 78 -13.26 3.24 -5.06
C VAL A 78 -12.47 2.62 -6.19
N MET A 79 -13.19 1.99 -7.13
CA MET A 79 -12.59 1.40 -8.32
C MET A 79 -13.06 2.01 -9.61
N SER A 80 -14.00 2.96 -9.57
CA SER A 80 -14.43 3.70 -10.75
C SER A 80 -15.34 4.82 -10.27
N MET A 81 -15.74 5.67 -11.21
CA MET A 81 -16.60 6.80 -10.91
C MET A 81 -17.28 7.27 -12.18
N ALA A 82 -18.54 7.69 -12.06
CA ALA A 82 -19.29 8.20 -13.19
C ALA A 82 -20.43 9.04 -12.66
N SER A 83 -21.06 9.80 -13.56
CA SER A 83 -22.11 10.73 -13.18
C SER A 83 -23.29 10.56 -14.12
N VAL A 84 -24.48 10.89 -13.62
CA VAL A 84 -25.73 10.81 -14.39
C VAL A 84 -26.64 11.92 -13.92
N GLN A 85 -27.38 12.51 -14.87
CA GLN A 85 -28.43 13.48 -14.57
C GLN A 85 -29.75 12.73 -14.69
N LEU A 86 -30.14 12.05 -13.61
CA LEU A 86 -31.34 11.22 -13.65
C LEU A 86 -32.56 12.06 -14.01
N ALA A 87 -33.63 11.37 -14.40
CA ALA A 87 -34.84 12.05 -14.84
C ALA A 87 -35.43 12.86 -13.70
N GLY A 88 -35.58 14.17 -13.91
CA GLY A 88 -36.19 15.05 -12.93
C GLY A 88 -35.28 15.50 -11.82
N ALA A 89 -34.02 15.07 -11.81
CA ALA A 89 -33.11 15.41 -10.72
C ALA A 89 -32.70 16.88 -10.80
N LYS A 90 -32.29 17.41 -9.65
CA LYS A 90 -31.73 18.75 -9.56
C LYS A 90 -30.22 18.75 -9.38
N ARG A 91 -29.60 17.58 -9.44
CA ARG A 91 -28.18 17.42 -9.17
C ARG A 91 -27.63 16.41 -10.17
N ASP A 92 -26.39 15.98 -9.93
CA ASP A 92 -25.79 14.87 -10.66
C ASP A 92 -25.54 13.74 -9.68
N ALA A 93 -26.09 12.56 -9.98
CA ALA A 93 -25.83 11.39 -9.17
C ALA A 93 -24.45 10.85 -9.46
N LEU A 94 -23.83 10.25 -8.46
CA LEU A 94 -22.48 9.70 -8.57
C LEU A 94 -22.57 8.18 -8.52
N LEU A 95 -22.00 7.52 -9.53
CA LEU A 95 -22.04 6.07 -9.62
C LEU A 95 -20.70 5.51 -9.15
N LEU A 96 -20.50 5.53 -7.84
CA LEU A 96 -19.29 4.94 -7.26
C LEU A 96 -19.30 3.43 -7.44
N SER A 97 -18.11 2.84 -7.48
CA SER A 97 -17.96 1.40 -7.62
C SER A 97 -16.84 0.94 -6.72
N PHE A 98 -17.10 -0.12 -5.95
CA PHE A 98 -16.15 -0.65 -4.98
C PHE A 98 -15.81 -2.10 -5.34
N LYS A 99 -14.89 -2.66 -4.57
CA LYS A 99 -14.25 -3.91 -4.97
C LYS A 99 -15.21 -5.09 -4.89
N ASP A 100 -15.04 -6.03 -5.82
CA ASP A 100 -15.84 -7.23 -5.91
C ASP A 100 -17.31 -6.89 -6.18
N ALA A 101 -17.52 -6.11 -7.24
CA ALA A 101 -18.85 -5.87 -7.81
C ALA A 101 -19.79 -5.24 -6.78
N LYS A 102 -19.48 -3.99 -6.41
CA LYS A 102 -20.38 -3.16 -5.64
C LYS A 102 -20.64 -1.86 -6.39
N LEU A 103 -21.90 -1.52 -6.58
CA LEU A 103 -22.30 -0.30 -7.27
C LEU A 103 -23.15 0.53 -6.32
N SER A 104 -22.73 1.76 -6.06
CA SER A 104 -23.43 2.64 -5.13
C SER A 104 -23.72 3.95 -5.86
N VAL A 105 -24.99 4.33 -5.91
CA VAL A 105 -25.42 5.57 -6.53
C VAL A 105 -25.70 6.56 -5.42
N VAL A 106 -24.77 7.49 -5.21
CA VAL A 106 -24.88 8.46 -4.13
C VAL A 106 -25.26 9.82 -4.70
N GLU A 107 -25.56 10.76 -3.82
CA GLU A 107 -26.02 12.07 -4.24
C GLU A 107 -25.84 13.05 -3.09
N TYR A 108 -25.53 14.29 -3.44
CA TYR A 108 -25.43 15.35 -2.44
C TYR A 108 -26.79 15.58 -1.78
N ASP A 109 -26.76 15.88 -0.49
CA ASP A 109 -27.99 16.02 0.29
C ASP A 109 -28.03 17.40 0.96
N PRO A 110 -28.66 18.39 0.33
CA PRO A 110 -28.84 19.67 1.02
C PRO A 110 -29.67 19.49 2.28
N GLY A 111 -29.34 20.25 3.31
CA GLY A 111 -29.97 20.14 4.60
C GLY A 111 -29.25 19.24 5.57
N THR A 112 -28.39 18.35 5.06
CA THR A 112 -27.45 17.60 5.88
C THR A 112 -26.02 17.74 5.38
N HIS A 113 -25.80 18.37 4.22
CA HIS A 113 -24.45 18.63 3.73
C HIS A 113 -23.62 17.35 3.67
N ASP A 114 -24.27 16.27 3.24
CA ASP A 114 -23.69 14.94 3.29
C ASP A 114 -24.01 14.20 1.98
N LEU A 115 -23.48 12.99 1.86
CA LEU A 115 -23.73 12.13 0.70
C LEU A 115 -24.81 11.12 1.06
N LYS A 116 -26.04 11.37 0.59
CA LYS A 116 -27.08 10.37 0.74
C LYS A 116 -26.94 9.29 -0.32
N THR A 117 -27.56 8.14 -0.06
CA THR A 117 -27.49 6.99 -0.95
C THR A 117 -28.86 6.73 -1.55
N LEU A 118 -28.89 6.45 -2.85
CA LEU A 118 -30.12 6.22 -3.60
C LEU A 118 -30.34 4.75 -3.91
N SER A 119 -29.30 4.02 -4.30
CA SER A 119 -29.45 2.61 -4.63
C SER A 119 -28.07 1.96 -4.61
N LEU A 120 -27.94 0.89 -3.83
CA LEU A 120 -26.69 0.16 -3.70
C LEU A 120 -26.92 -1.27 -4.16
N HIS A 121 -26.08 -1.73 -5.09
CA HIS A 121 -26.26 -3.01 -5.76
C HIS A 121 -25.11 -3.94 -5.43
N TYR A 122 -25.44 -5.09 -4.87
CA TYR A 122 -24.47 -6.16 -4.61
C TYR A 122 -24.59 -7.20 -5.71
N PHE A 123 -23.45 -7.65 -6.22
CA PHE A 123 -23.40 -8.70 -7.24
C PHE A 123 -22.37 -9.76 -6.86
N GLU A 124 -22.26 -10.05 -5.57
CA GLU A 124 -21.29 -11.04 -5.09
C GLU A 124 -21.92 -12.42 -4.95
N GLU A 125 -22.58 -12.87 -6.01
CA GLU A 125 -23.02 -14.27 -5.98
C GLU A 125 -21.86 -15.19 -6.34
N PRO A 126 -21.71 -16.35 -5.71
CA PRO A 126 -20.61 -17.24 -6.09
C PRO A 126 -20.71 -17.76 -7.51
N GLU A 127 -21.89 -17.74 -8.12
CA GLU A 127 -22.05 -18.25 -9.48
C GLU A 127 -21.71 -17.22 -10.54
N LEU A 128 -21.53 -15.95 -10.17
CA LEU A 128 -21.17 -14.93 -11.15
C LEU A 128 -19.68 -14.97 -11.48
N ARG A 129 -18.86 -15.56 -10.62
CA ARG A 129 -17.43 -15.62 -10.83
C ARG A 129 -16.99 -16.82 -11.65
N ASP A 130 -17.88 -17.78 -11.90
CA ASP A 130 -17.57 -18.97 -12.68
C ASP A 130 -16.46 -19.79 -12.03
N GLY A 131 -16.36 -19.72 -10.70
CA GLY A 131 -15.40 -20.53 -9.98
C GLY A 131 -14.01 -19.95 -9.87
N PHE A 132 -13.85 -18.65 -10.09
CA PHE A 132 -12.55 -18.00 -9.95
C PHE A 132 -12.48 -17.34 -8.58
N VAL A 133 -11.55 -17.80 -7.74
CA VAL A 133 -11.45 -17.28 -6.39
C VAL A 133 -10.64 -15.99 -6.36
N GLN A 134 -9.53 -15.96 -7.11
CA GLN A 134 -8.67 -14.79 -7.16
C GLN A 134 -9.19 -13.84 -8.22
N ASN A 135 -9.72 -12.70 -7.81
CA ASN A 135 -10.29 -11.72 -8.72
C ASN A 135 -9.23 -10.71 -9.11
N VAL A 136 -8.95 -10.60 -10.41
CA VAL A 136 -7.95 -9.68 -10.94
C VAL A 136 -8.57 -8.60 -11.81
N HIS A 137 -9.90 -8.52 -11.86
CA HIS A 137 -10.61 -7.52 -12.65
C HIS A 137 -11.25 -6.51 -11.72
N THR A 138 -11.14 -5.23 -12.07
CA THR A 138 -11.81 -4.20 -11.30
C THR A 138 -13.12 -3.80 -11.97
N PRO A 139 -14.15 -3.45 -11.21
CA PRO A 139 -15.38 -2.95 -11.84
C PRO A 139 -15.12 -1.65 -12.58
N ARG A 140 -15.84 -1.47 -13.70
CA ARG A 140 -15.70 -0.28 -14.52
C ARG A 140 -17.09 0.23 -14.89
N VAL A 141 -17.42 1.43 -14.43
CA VAL A 141 -18.75 2.01 -14.56
C VAL A 141 -18.76 2.96 -15.74
N ARG A 142 -19.78 2.85 -16.59
CA ARG A 142 -19.96 3.70 -17.75
C ARG A 142 -21.35 4.30 -17.75
N VAL A 143 -21.54 5.34 -18.57
CA VAL A 143 -22.82 6.04 -18.68
C VAL A 143 -22.98 6.54 -20.10
N ASP A 144 -24.23 6.69 -20.53
CA ASP A 144 -24.52 7.34 -21.81
C ASP A 144 -24.28 8.84 -21.70
N PRO A 145 -23.77 9.48 -22.74
CA PRO A 145 -23.78 10.95 -22.77
C PRO A 145 -25.18 11.51 -22.80
N ASP A 146 -26.17 10.73 -23.25
CA ASP A 146 -27.55 11.15 -23.24
C ASP A 146 -28.21 10.97 -21.89
N GLY A 147 -27.53 10.34 -20.94
CA GLY A 147 -28.10 10.10 -19.62
C GLY A 147 -29.27 9.14 -19.66
N ARG A 148 -29.20 8.10 -20.48
CA ARG A 148 -30.30 7.16 -20.65
C ARG A 148 -30.08 5.82 -19.99
N CYS A 149 -28.84 5.42 -19.74
CA CYS A 149 -28.54 4.08 -19.27
C CYS A 149 -27.28 4.11 -18.41
N ALA A 150 -26.70 2.94 -18.19
CA ALA A 150 -25.42 2.79 -17.49
C ALA A 150 -25.00 1.33 -17.63
N ALA A 151 -23.78 1.05 -17.19
CA ALA A 151 -23.26 -0.31 -17.27
C ALA A 151 -22.17 -0.49 -16.22
N MET A 152 -21.70 -1.73 -16.09
CA MET A 152 -20.67 -2.05 -15.11
C MET A 152 -20.10 -3.41 -15.47
N LEU A 153 -18.80 -3.48 -15.75
CA LEU A 153 -18.17 -4.74 -16.08
C LEU A 153 -17.72 -5.42 -14.80
N VAL A 154 -18.46 -6.43 -14.39
CA VAL A 154 -18.28 -7.11 -13.11
C VAL A 154 -17.58 -8.43 -13.36
N TYR A 155 -16.47 -8.66 -12.65
CA TYR A 155 -15.66 -9.87 -12.76
C TYR A 155 -15.09 -10.07 -14.16
N GLY A 156 -15.20 -9.09 -15.03
CA GLY A 156 -14.65 -9.18 -16.37
C GLY A 156 -15.50 -9.97 -17.35
N THR A 157 -16.64 -10.52 -16.91
CA THR A 157 -17.51 -11.26 -17.80
C THR A 157 -18.99 -10.94 -17.62
N ARG A 158 -19.38 -10.25 -16.55
CA ARG A 158 -20.76 -9.89 -16.31
C ARG A 158 -20.93 -8.39 -16.45
N LEU A 159 -21.99 -7.97 -17.13
CA LEU A 159 -22.23 -6.56 -17.45
C LEU A 159 -23.58 -6.16 -16.88
N VAL A 160 -23.55 -5.45 -15.76
CA VAL A 160 -24.77 -5.02 -15.09
C VAL A 160 -25.31 -3.78 -15.79
N VAL A 161 -26.35 -3.96 -16.60
CA VAL A 161 -27.01 -2.85 -17.26
C VAL A 161 -28.03 -2.25 -16.30
N LEU A 162 -27.88 -0.97 -15.98
CA LEU A 162 -28.76 -0.30 -15.03
C LEU A 162 -29.62 0.71 -15.78
N PRO A 163 -30.81 0.35 -16.22
CA PRO A 163 -31.61 1.28 -17.03
C PRO A 163 -32.05 2.49 -16.23
N PHE A 164 -32.29 3.58 -16.96
CA PHE A 164 -32.79 4.82 -16.38
C PHE A 164 -34.05 5.23 -17.12
N ARG A 165 -35.02 5.75 -16.37
CA ARG A 165 -36.29 6.21 -16.94
C ARG A 165 -36.07 7.10 -18.16
N SER A 184 -36.37 7.06 -10.44
CA SER A 184 -35.22 7.46 -11.22
C SER A 184 -34.50 6.25 -11.79
N PHE A 185 -34.67 5.10 -11.14
CA PHE A 185 -34.03 3.86 -11.54
C PHE A 185 -35.10 2.83 -11.92
N LEU A 186 -34.66 1.80 -12.65
CA LEU A 186 -35.49 0.71 -13.09
C LEU A 186 -34.82 -0.59 -12.71
N PRO A 187 -35.57 -1.69 -12.60
CA PRO A 187 -34.96 -2.98 -12.26
C PRO A 187 -33.83 -3.34 -13.21
N SER A 188 -32.60 -3.38 -12.69
CA SER A 188 -31.45 -3.67 -13.53
C SER A 188 -31.42 -5.15 -13.88
N TYR A 189 -30.57 -5.49 -14.85
CA TYR A 189 -30.35 -6.87 -15.23
C TYR A 189 -28.87 -7.06 -15.53
N ILE A 190 -28.47 -8.32 -15.66
CA ILE A 190 -27.09 -8.70 -15.88
C ILE A 190 -26.98 -9.35 -17.25
N ILE A 191 -26.05 -8.86 -18.06
CA ILE A 191 -25.76 -9.42 -19.38
C ILE A 191 -24.54 -10.31 -19.24
N ASP A 192 -24.69 -11.59 -19.53
CA ASP A 192 -23.56 -12.50 -19.56
C ASP A 192 -22.76 -12.21 -20.81
N VAL A 193 -21.79 -11.30 -20.69
CA VAL A 193 -21.05 -10.83 -21.86
C VAL A 193 -20.49 -12.00 -22.64
N ARG A 194 -20.21 -13.12 -21.96
CA ARG A 194 -19.70 -14.30 -22.66
C ARG A 194 -20.77 -14.96 -23.50
N ALA A 195 -22.04 -14.58 -23.36
CA ALA A 195 -23.14 -15.17 -24.10
C ALA A 195 -23.82 -14.15 -25.01
N LEU A 196 -23.02 -13.20 -25.53
CA LEU A 196 -23.52 -12.26 -26.52
C LEU A 196 -23.54 -12.96 -27.88
N ASP A 197 -23.89 -12.22 -28.94
CA ASP A 197 -23.82 -12.80 -30.27
C ASP A 197 -22.43 -13.35 -30.54
N GLU A 198 -21.41 -12.67 -30.06
CA GLU A 198 -20.05 -13.20 -29.98
C GLU A 198 -19.56 -13.04 -28.54
N LYS A 199 -19.00 -14.11 -27.99
CA LYS A 199 -18.48 -14.04 -26.63
C LYS A 199 -17.28 -13.11 -26.57
N LEU A 200 -17.32 -12.18 -25.63
CA LEU A 200 -16.26 -11.18 -25.46
C LEU A 200 -15.40 -11.60 -24.28
N LEU A 201 -14.11 -11.83 -24.55
CA LEU A 201 -13.16 -12.25 -23.54
C LEU A 201 -12.03 -11.23 -23.43
N ASN A 202 -11.50 -11.10 -22.22
CA ASN A 202 -10.36 -10.23 -21.96
C ASN A 202 -10.66 -8.79 -22.38
N ILE A 203 -11.80 -8.30 -21.92
CA ILE A 203 -12.23 -6.95 -22.26
C ILE A 203 -11.21 -5.94 -21.72
N ILE A 204 -10.74 -5.06 -22.60
CA ILE A 204 -9.76 -4.05 -22.24
C ILE A 204 -10.43 -2.76 -21.79
N ASP A 205 -11.26 -2.18 -22.66
CA ASP A 205 -11.95 -0.94 -22.33
C ASP A 205 -13.30 -0.94 -23.04
N LEU A 206 -14.31 -0.36 -22.39
CA LEU A 206 -15.65 -0.27 -22.93
C LEU A 206 -16.17 1.15 -22.72
N GLN A 207 -16.85 1.69 -23.74
CA GLN A 207 -17.30 3.07 -23.71
C GLN A 207 -18.72 3.15 -24.26
N PHE A 208 -19.44 4.20 -23.83
CA PHE A 208 -20.80 4.48 -24.28
C PHE A 208 -20.73 5.53 -25.38
N LEU A 209 -21.27 5.19 -26.55
CA LEU A 209 -21.02 5.96 -27.76
C LEU A 209 -21.98 7.15 -27.89
N HIS A 210 -21.70 7.98 -28.89
CA HIS A 210 -22.38 9.25 -29.10
C HIS A 210 -23.23 9.20 -30.37
N GLY A 211 -24.35 9.90 -30.34
CA GLY A 211 -25.17 10.06 -31.53
C GLY A 211 -25.82 8.79 -32.03
N TYR A 212 -26.39 7.98 -31.15
CA TYR A 212 -27.05 6.74 -31.52
C TYR A 212 -28.49 6.73 -31.01
N TYR A 213 -29.33 5.95 -31.68
CA TYR A 213 -30.75 5.90 -31.30
C TYR A 213 -30.96 5.12 -30.02
N GLU A 214 -30.20 4.05 -29.79
CA GLU A 214 -30.27 3.26 -28.58
C GLU A 214 -28.91 3.19 -27.94
N PRO A 215 -28.84 3.20 -26.60
CA PRO A 215 -27.53 3.18 -25.93
C PRO A 215 -26.60 2.14 -26.53
N THR A 216 -25.51 2.60 -27.15
CA THR A 216 -24.57 1.74 -27.86
C THR A 216 -23.30 1.63 -27.03
N LEU A 217 -22.81 0.41 -26.87
CA LEU A 217 -21.64 0.12 -26.06
C LEU A 217 -20.53 -0.45 -26.93
N LEU A 218 -19.36 0.20 -26.88
CA LEU A 218 -18.16 -0.33 -27.51
C LEU A 218 -17.44 -1.25 -26.54
N ILE A 219 -16.99 -2.39 -27.03
CA ILE A 219 -16.21 -3.33 -26.24
C ILE A 219 -14.89 -3.58 -26.96
N LEU A 220 -13.80 -3.13 -26.37
CA LEU A 220 -12.45 -3.46 -26.84
C LEU A 220 -11.99 -4.68 -26.07
N PHE A 221 -11.73 -5.78 -26.78
CA PHE A 221 -11.48 -7.05 -26.12
C PHE A 221 -10.52 -7.88 -26.95
N GLU A 222 -9.92 -8.87 -26.28
CA GLU A 222 -8.97 -9.80 -26.90
C GLU A 222 -9.58 -11.19 -26.91
N PRO A 223 -10.20 -11.64 -28.00
CA PRO A 223 -10.69 -13.03 -28.02
C PRO A 223 -9.58 -14.06 -27.85
N ASN A 224 -8.37 -13.77 -28.34
CA ASN A 224 -7.23 -14.68 -28.26
C ASN A 224 -6.05 -13.88 -27.70
N GLN A 225 -5.93 -13.85 -26.37
CA GLN A 225 -4.94 -13.00 -25.73
C GLN A 225 -3.53 -13.37 -26.19
N THR A 226 -2.62 -12.41 -26.01
CA THR A 226 -1.20 -12.59 -26.33
C THR A 226 -0.39 -11.70 -25.38
N TRP A 227 0.93 -11.79 -25.49
CA TRP A 227 1.83 -11.09 -24.60
C TRP A 227 2.88 -10.34 -25.41
N PRO A 228 3.27 -9.12 -25.00
CA PRO A 228 4.33 -8.42 -25.73
C PRO A 228 5.55 -9.29 -26.04
N GLY A 229 5.90 -10.21 -25.15
CA GLY A 229 7.02 -11.07 -25.40
C GLY A 229 6.74 -12.25 -26.30
N ARG A 230 5.47 -12.52 -26.59
CA ARG A 230 5.09 -13.56 -27.54
C ARG A 230 4.27 -12.88 -28.62
N VAL A 231 4.95 -12.22 -29.55
CA VAL A 231 4.31 -11.73 -30.76
C VAL A 231 5.17 -12.11 -31.96
N ALA A 232 5.06 -13.35 -32.38
CA ALA A 232 5.40 -13.79 -33.72
C ALA A 232 4.42 -14.84 -34.21
N VAL A 233 3.64 -15.43 -33.31
CA VAL A 233 2.63 -16.40 -33.66
C VAL A 233 1.21 -15.86 -33.43
N ARG A 234 1.06 -14.79 -32.64
CA ARG A 234 -0.22 -14.12 -32.43
C ARG A 234 0.03 -12.63 -32.67
N GLN A 235 -0.07 -12.21 -33.93
CA GLN A 235 0.34 -10.85 -34.29
C GLN A 235 -0.64 -9.82 -33.75
N ASP A 236 -1.87 -9.84 -34.24
CA ASP A 236 -2.87 -8.83 -33.89
C ASP A 236 -4.10 -9.54 -33.37
N THR A 237 -4.34 -9.42 -32.06
CA THR A 237 -5.46 -10.08 -31.38
C THR A 237 -6.22 -9.00 -30.63
N CYS A 238 -7.14 -8.33 -31.32
CA CYS A 238 -8.02 -7.37 -30.67
C CYS A 238 -9.24 -7.20 -31.56
N SER A 239 -10.29 -6.60 -30.99
CA SER A 239 -11.52 -6.38 -31.73
C SER A 239 -12.31 -5.30 -31.03
N ILE A 240 -13.24 -4.71 -31.79
CA ILE A 240 -14.21 -3.75 -31.24
C ILE A 240 -15.59 -4.13 -31.75
N VAL A 241 -16.57 -4.13 -30.84
CA VAL A 241 -17.94 -4.48 -31.17
C VAL A 241 -18.87 -3.48 -30.50
N ALA A 242 -19.89 -3.05 -31.23
CA ALA A 242 -20.90 -2.13 -30.72
C ALA A 242 -22.22 -2.87 -30.60
N ILE A 243 -22.83 -2.80 -29.41
CA ILE A 243 -24.08 -3.50 -29.12
C ILE A 243 -25.13 -2.48 -28.74
N SER A 244 -26.31 -2.57 -29.35
CA SER A 244 -27.41 -1.66 -29.08
C SER A 244 -28.24 -2.19 -27.92
N LEU A 245 -28.26 -1.47 -26.81
CA LEU A 245 -28.94 -1.92 -25.60
C LEU A 245 -30.41 -1.54 -25.70
N ASN A 246 -31.27 -2.54 -25.88
CA ASN A 246 -32.71 -2.34 -25.85
C ASN A 246 -33.19 -2.56 -24.42
N ILE A 247 -33.54 -1.46 -23.74
CA ILE A 247 -33.86 -1.54 -22.32
C ILE A 247 -35.15 -2.34 -22.10
N THR A 248 -36.20 -2.02 -22.84
CA THR A 248 -37.50 -2.59 -22.54
C THR A 248 -37.58 -4.06 -22.89
N GLN A 249 -37.08 -4.44 -24.06
CA GLN A 249 -37.16 -5.83 -24.50
C GLN A 249 -35.94 -6.66 -24.10
N LYS A 250 -34.97 -6.06 -23.41
CA LYS A 250 -33.80 -6.77 -22.91
C LYS A 250 -33.13 -7.57 -24.02
N VAL A 251 -32.98 -6.96 -25.19
CA VAL A 251 -32.31 -7.56 -26.34
C VAL A 251 -31.17 -6.65 -26.73
N HIS A 252 -30.00 -7.24 -26.98
CA HIS A 252 -28.75 -6.49 -27.20
C HIS A 252 -28.05 -7.03 -28.45
N PRO A 253 -28.52 -6.66 -29.64
CA PRO A 253 -27.87 -7.16 -30.86
C PRO A 253 -26.46 -6.62 -31.03
N VAL A 254 -25.83 -6.94 -32.16
CA VAL A 254 -24.45 -6.55 -32.44
C VAL A 254 -24.41 -5.79 -33.76
N ILE A 255 -23.68 -4.67 -33.78
CA ILE A 255 -23.45 -3.89 -34.98
C ILE A 255 -22.01 -3.38 -34.95
N TRP A 256 -21.44 -3.23 -36.15
CA TRP A 256 -20.14 -2.58 -36.31
C TRP A 256 -19.06 -3.32 -35.53
N SER A 257 -18.76 -4.53 -36.00
CA SER A 257 -17.67 -5.33 -35.45
C SER A 257 -16.44 -5.22 -36.35
N LEU A 258 -15.27 -5.07 -35.74
CA LEU A 258 -13.99 -5.14 -36.44
C LEU A 258 -13.06 -6.08 -35.69
N THR A 259 -12.22 -6.79 -36.44
CA THR A 259 -11.51 -7.94 -35.88
C THR A 259 -10.05 -8.02 -36.32
N SER A 260 -9.36 -6.89 -36.48
CA SER A 260 -7.95 -6.95 -36.87
C SER A 260 -7.12 -5.87 -36.17
N LEU A 261 -7.59 -5.33 -35.06
CA LEU A 261 -6.87 -4.26 -34.41
C LEU A 261 -5.53 -4.75 -33.89
N PRO A 262 -4.54 -3.86 -33.75
CA PRO A 262 -3.23 -4.30 -33.25
C PRO A 262 -3.31 -4.82 -31.83
N PHE A 263 -2.45 -5.78 -31.52
CA PHE A 263 -2.56 -6.49 -30.24
C PHE A 263 -2.42 -5.56 -29.05
N ASP A 264 -1.64 -4.47 -29.19
CA ASP A 264 -1.37 -3.56 -28.08
C ASP A 264 -2.34 -2.40 -28.17
N CYS A 265 -3.56 -2.61 -27.66
CA CYS A 265 -4.60 -1.58 -27.62
C CYS A 265 -4.90 -1.31 -26.16
N THR A 266 -4.45 -0.16 -25.66
CA THR A 266 -4.52 0.11 -24.23
C THR A 266 -5.88 0.66 -23.82
N GLN A 267 -6.48 1.53 -24.61
CA GLN A 267 -7.77 2.11 -24.29
C GLN A 267 -8.44 2.61 -25.55
N ALA A 268 -9.65 3.15 -25.39
CA ALA A 268 -10.43 3.67 -26.49
C ALA A 268 -11.29 4.82 -26.00
N LEU A 269 -11.37 5.89 -26.79
CA LEU A 269 -12.16 7.07 -26.48
C LEU A 269 -13.18 7.31 -27.58
N ALA A 270 -14.38 7.73 -27.18
CA ALA A 270 -15.46 7.99 -28.12
C ALA A 270 -15.43 9.45 -28.55
N VAL A 271 -15.22 9.68 -29.84
CA VAL A 271 -15.17 11.06 -30.33
C VAL A 271 -16.54 11.70 -30.16
N PRO A 272 -16.63 12.99 -29.81
CA PRO A 272 -17.95 13.58 -29.56
C PRO A 272 -18.88 13.60 -30.76
N LYS A 273 -20.08 14.13 -30.55
CA LYS A 273 -21.17 13.96 -31.52
C LYS A 273 -20.86 14.54 -32.89
N PRO A 274 -20.31 15.74 -33.03
CA PRO A 274 -20.20 16.33 -34.38
C PRO A 274 -19.46 15.45 -35.37
N ILE A 275 -18.42 14.74 -34.93
CA ILE A 275 -17.67 13.87 -35.83
C ILE A 275 -18.19 12.44 -35.67
N GLY A 276 -18.09 11.91 -34.46
CA GLY A 276 -18.57 10.57 -34.17
C GLY A 276 -17.53 9.50 -34.45
N GLY A 277 -17.70 8.37 -33.77
CA GLY A 277 -16.79 7.25 -33.92
C GLY A 277 -16.03 6.95 -32.66
N VAL A 278 -14.86 6.33 -32.78
CA VAL A 278 -14.03 6.00 -31.63
C VAL A 278 -12.57 6.02 -32.05
N VAL A 279 -11.71 6.42 -31.12
CA VAL A 279 -10.25 6.39 -31.29
C VAL A 279 -9.68 5.35 -30.34
N VAL A 280 -8.82 4.48 -30.88
CA VAL A 280 -8.19 3.41 -30.10
C VAL A 280 -6.74 3.79 -29.85
N PHE A 281 -6.33 3.75 -28.59
CA PHE A 281 -5.00 4.19 -28.18
C PHE A 281 -4.07 3.00 -28.07
N ALA A 282 -3.60 2.54 -29.22
CA ALA A 282 -2.61 1.47 -29.22
C ALA A 282 -1.31 1.99 -28.60
N VAL A 283 -0.40 1.07 -28.28
CA VAL A 283 0.83 1.46 -27.61
C VAL A 283 1.73 2.24 -28.57
N ASN A 284 1.91 1.75 -29.79
CA ASN A 284 2.70 2.41 -30.82
C ASN A 284 1.84 2.72 -32.03
N SER A 285 0.65 3.25 -31.81
CA SER A 285 -0.26 3.52 -32.92
C SER A 285 -1.46 4.31 -32.39
N LEU A 286 -2.26 4.81 -33.32
CA LEU A 286 -3.49 5.52 -33.00
C LEU A 286 -4.48 5.30 -34.13
N LEU A 287 -5.68 4.83 -33.78
CA LEU A 287 -6.70 4.50 -34.76
C LEU A 287 -7.91 5.41 -34.59
N TYR A 288 -8.64 5.61 -35.69
CA TYR A 288 -9.95 6.21 -35.66
C TYR A 288 -10.90 5.31 -36.43
N LEU A 289 -11.98 4.90 -35.77
CA LEU A 289 -12.89 3.90 -36.33
C LEU A 289 -14.31 4.43 -36.33
N ASN A 290 -14.98 4.30 -37.47
CA ASN A 290 -16.41 4.55 -37.58
C ASN A 290 -17.02 3.43 -38.40
N GLN A 291 -18.33 3.23 -38.22
CA GLN A 291 -18.98 2.09 -38.85
C GLN A 291 -19.21 2.28 -40.34
N SER A 292 -19.37 3.53 -40.80
CA SER A 292 -19.66 3.81 -42.19
C SER A 292 -18.44 4.17 -43.02
N VAL A 293 -17.24 4.19 -42.43
CA VAL A 293 -16.05 4.62 -43.15
C VAL A 293 -14.92 3.64 -42.86
N PRO A 294 -13.92 3.56 -43.75
CA PRO A 294 -12.79 2.68 -43.49
C PRO A 294 -11.97 3.17 -42.30
N PRO A 295 -11.22 2.29 -41.65
CA PRO A 295 -10.36 2.74 -40.55
C PRO A 295 -9.25 3.65 -41.03
N TYR A 296 -8.80 4.54 -40.14
CA TYR A 296 -7.68 5.43 -40.41
C TYR A 296 -6.72 5.35 -39.24
N GLY A 297 -5.58 4.70 -39.44
CA GLY A 297 -4.58 4.52 -38.39
C GLY A 297 -3.24 5.10 -38.80
N VAL A 298 -2.55 5.70 -37.83
CA VAL A 298 -1.22 6.27 -38.03
C VAL A 298 -0.29 5.69 -36.97
N ALA A 299 0.86 5.21 -37.39
CA ALA A 299 1.88 4.77 -36.45
C ALA A 299 2.53 5.97 -35.79
N LEU A 300 3.18 5.73 -34.66
CA LEU A 300 3.89 6.76 -33.92
C LEU A 300 5.40 6.57 -33.93
N ASN A 301 5.87 5.39 -33.51
CA ASN A 301 7.28 5.05 -33.52
C ASN A 301 7.47 3.74 -34.27
N SER A 302 8.63 3.58 -34.89
CA SER A 302 8.84 2.43 -35.77
C SER A 302 9.21 1.18 -34.97
N LEU A 303 8.43 0.88 -33.94
CA LEU A 303 8.47 -0.41 -33.28
C LEU A 303 7.32 -1.31 -33.74
N THR A 304 6.59 -0.89 -34.77
CA THR A 304 5.43 -1.61 -35.28
C THR A 304 5.72 -2.30 -36.61
N THR A 305 7.00 -2.43 -36.98
CA THR A 305 7.33 -2.93 -38.31
C THR A 305 6.83 -4.35 -38.51
N GLY A 306 7.01 -5.21 -37.51
CA GLY A 306 6.63 -6.61 -37.65
C GLY A 306 5.72 -7.09 -36.54
N THR A 307 5.11 -6.16 -35.81
CA THR A 307 4.19 -6.50 -34.73
C THR A 307 2.77 -6.05 -35.02
N THR A 308 2.49 -5.60 -36.23
CA THR A 308 1.15 -5.15 -36.59
C THR A 308 1.02 -5.22 -38.11
N ALA A 309 0.15 -6.09 -38.59
CA ALA A 309 -0.19 -6.15 -40.01
C ALA A 309 -1.38 -5.25 -40.35
N PHE A 310 -1.93 -4.56 -39.37
CA PHE A 310 -2.99 -3.61 -39.64
C PHE A 310 -2.45 -2.51 -40.56
N PRO A 311 -3.23 -2.08 -41.57
CA PRO A 311 -2.72 -1.01 -42.45
C PRO A 311 -2.55 0.30 -41.71
N LEU A 312 -1.31 0.72 -41.51
CA LEU A 312 -0.97 1.92 -40.76
C LEU A 312 -0.11 2.84 -41.60
N ARG A 313 -0.36 4.14 -41.46
CA ARG A 313 0.44 5.16 -42.12
C ARG A 313 1.73 5.34 -41.31
N THR A 314 2.45 6.44 -41.57
CA THR A 314 3.64 6.79 -40.79
C THR A 314 3.52 8.26 -40.42
N GLN A 315 3.21 8.52 -39.15
CA GLN A 315 3.06 9.90 -38.70
C GLN A 315 4.37 10.65 -38.86
N GLU A 316 4.27 11.94 -39.16
CA GLU A 316 5.41 12.78 -39.46
C GLU A 316 5.66 13.74 -38.30
N GLY A 317 6.91 13.80 -37.85
CA GLY A 317 7.30 14.72 -36.81
C GLY A 317 6.86 14.32 -35.42
N VAL A 318 6.46 13.07 -35.21
CA VAL A 318 6.01 12.59 -33.91
C VAL A 318 6.58 11.20 -33.67
N ARG A 319 7.19 11.00 -32.51
CA ARG A 319 7.59 9.67 -32.05
C ARG A 319 7.33 9.60 -30.56
N ILE A 320 6.26 8.89 -30.18
CA ILE A 320 5.88 8.74 -28.79
C ILE A 320 5.27 7.36 -28.59
N THR A 321 4.87 7.07 -27.35
CA THR A 321 4.24 5.79 -27.02
C THR A 321 3.00 6.07 -26.19
N LEU A 322 1.85 5.59 -26.67
CA LEU A 322 0.59 5.75 -25.95
C LEU A 322 0.28 4.47 -25.18
N ASP A 323 1.14 4.17 -24.21
CA ASP A 323 1.01 2.94 -23.43
C ASP A 323 0.29 3.16 -22.11
N CYS A 324 0.68 4.19 -21.35
CA CYS A 324 -0.01 4.57 -20.12
C CYS A 324 -0.22 6.08 -20.18
N ALA A 325 -1.25 6.51 -20.90
CA ALA A 325 -1.45 7.92 -21.22
C ALA A 325 -2.90 8.29 -20.98
N GLN A 326 -3.13 9.27 -20.12
CA GLN A 326 -4.46 9.81 -19.97
C GLN A 326 -4.78 10.70 -21.17
N ALA A 327 -6.07 10.98 -21.36
CA ALA A 327 -6.50 11.77 -22.50
C ALA A 327 -7.88 12.35 -22.23
N THR A 328 -8.23 13.37 -22.99
CA THR A 328 -9.53 14.03 -22.90
C THR A 328 -9.68 14.95 -24.09
N PHE A 329 -10.92 15.35 -24.37
CA PHE A 329 -11.25 16.15 -25.54
C PHE A 329 -11.44 17.61 -25.12
N ILE A 330 -10.62 18.50 -25.71
CA ILE A 330 -10.87 19.93 -25.54
C ILE A 330 -12.20 20.31 -26.18
N SER A 331 -12.40 19.90 -27.43
CA SER A 331 -13.62 20.16 -28.16
C SER A 331 -13.86 18.99 -29.10
N TYR A 332 -14.83 19.15 -30.00
CA TYR A 332 -15.15 18.06 -30.93
C TYR A 332 -13.99 17.67 -31.81
N ASP A 333 -12.93 18.49 -31.88
CA ASP A 333 -11.85 18.30 -32.83
C ASP A 333 -10.52 17.96 -32.18
N LYS A 334 -10.20 18.54 -31.03
CA LYS A 334 -8.89 18.42 -30.42
C LYS A 334 -8.98 17.62 -29.12
N MET A 335 -7.94 16.83 -28.84
CA MET A 335 -7.83 16.12 -27.58
C MET A 335 -6.42 16.30 -27.02
N VAL A 336 -6.32 16.31 -25.69
CA VAL A 336 -5.06 16.50 -24.98
C VAL A 336 -4.62 15.18 -24.39
N ILE A 337 -3.38 14.79 -24.67
CA ILE A 337 -2.82 13.52 -24.22
C ILE A 337 -1.66 13.82 -23.29
N SER A 338 -1.62 13.12 -22.15
CA SER A 338 -0.55 13.25 -21.16
C SER A 338 0.12 11.89 -21.04
N LEU A 339 1.22 11.70 -21.76
CA LEU A 339 1.83 10.40 -21.90
C LEU A 339 2.54 9.99 -20.61
N LYS A 340 3.21 8.84 -20.66
CA LYS A 340 4.10 8.46 -19.56
C LYS A 340 5.35 9.31 -19.62
N GLY A 341 5.67 9.95 -18.50
CA GLY A 341 6.67 10.99 -18.46
C GLY A 341 6.10 12.39 -18.34
N GLY A 342 4.78 12.55 -18.52
CA GLY A 342 4.12 13.80 -18.27
C GLY A 342 3.99 14.73 -19.46
N GLU A 343 4.65 14.46 -20.57
CA GLU A 343 4.56 15.35 -21.71
C GLU A 343 3.11 15.51 -22.16
N ILE A 344 2.73 16.75 -22.46
CA ILE A 344 1.37 17.07 -22.87
C ILE A 344 1.37 17.33 -24.37
N TYR A 345 0.46 16.68 -25.08
CA TYR A 345 0.24 16.88 -26.50
C TYR A 345 -1.17 17.40 -26.72
N VAL A 346 -1.40 17.97 -27.91
CA VAL A 346 -2.72 18.49 -28.29
C VAL A 346 -3.00 17.96 -29.69
N LEU A 347 -3.69 16.83 -29.79
CA LEU A 347 -3.98 16.20 -31.06
C LEU A 347 -5.26 16.78 -31.64
N THR A 348 -5.20 17.14 -32.93
CA THR A 348 -6.34 17.68 -33.67
C THR A 348 -6.79 16.65 -34.71
N LEU A 349 -8.11 16.46 -34.82
CA LEU A 349 -8.68 15.53 -35.78
C LEU A 349 -9.05 16.31 -37.05
N ILE A 350 -8.05 16.46 -37.93
CA ILE A 350 -8.26 17.23 -39.16
C ILE A 350 -9.34 16.55 -39.98
N THR A 351 -10.38 17.30 -40.33
CA THR A 351 -11.51 16.75 -41.04
C THR A 351 -11.94 17.73 -42.14
N ASP A 352 -12.54 17.17 -43.19
CA ASP A 352 -13.07 17.97 -44.28
C ASP A 352 -14.48 18.43 -43.93
N GLY A 353 -15.23 18.91 -44.93
CA GLY A 353 -16.59 19.34 -44.69
C GLY A 353 -17.58 18.21 -44.49
N MET A 354 -17.18 16.97 -44.78
CA MET A 354 -18.04 15.81 -44.58
C MET A 354 -17.94 15.25 -43.16
N ARG A 355 -17.12 15.85 -42.30
CA ARG A 355 -16.90 15.37 -40.95
C ARG A 355 -16.33 13.95 -40.95
N SER A 356 -15.56 13.61 -41.98
CA SER A 356 -14.86 12.34 -42.07
C SER A 356 -13.39 12.58 -41.77
N VAL A 357 -12.94 12.17 -40.58
CA VAL A 357 -11.59 12.48 -40.14
C VAL A 357 -10.61 12.08 -41.23
N ARG A 358 -9.80 13.04 -41.68
CA ARG A 358 -8.89 12.85 -42.79
C ARG A 358 -7.43 12.73 -42.36
N ALA A 359 -7.02 13.43 -41.30
CA ALA A 359 -5.63 13.44 -40.89
C ALA A 359 -5.52 13.72 -39.41
N PHE A 360 -4.35 13.44 -38.86
CA PHE A 360 -4.01 13.70 -37.46
C PHE A 360 -2.91 14.74 -37.39
N HIS A 361 -2.87 15.48 -36.28
CA HIS A 361 -1.87 16.52 -36.09
C HIS A 361 -1.58 16.65 -34.61
N PHE A 362 -0.37 16.25 -34.20
CA PHE A 362 0.09 16.40 -32.83
C PHE A 362 1.01 17.60 -32.71
N ASP A 363 1.25 18.03 -31.48
CA ASP A 363 2.24 19.06 -31.22
C ASP A 363 2.56 19.05 -29.73
N LYS A 364 3.86 19.01 -29.42
CA LYS A 364 4.31 18.88 -28.04
C LYS A 364 4.13 20.21 -27.32
N ALA A 365 3.13 20.29 -26.46
CA ALA A 365 2.90 21.46 -25.63
C ALA A 365 3.69 21.32 -24.33
N ALA A 366 3.46 22.23 -23.38
CA ALA A 366 4.26 22.25 -22.17
C ALA A 366 4.07 20.97 -21.37
N ALA A 367 5.18 20.36 -20.97
CA ALA A 367 5.14 19.15 -20.17
C ALA A 367 4.64 19.44 -18.75
N SER A 368 4.25 18.38 -18.05
CA SER A 368 3.64 18.54 -16.74
C SER A 368 3.78 17.22 -15.97
N VAL A 369 3.00 17.09 -14.89
CA VAL A 369 3.15 15.96 -13.98
C VAL A 369 2.80 14.64 -14.65
N LEU A 370 3.21 13.55 -14.02
CA LEU A 370 2.71 12.22 -14.37
C LEU A 370 1.26 12.11 -13.89
N THR A 371 0.33 11.97 -14.84
CA THR A 371 -1.08 12.04 -14.55
C THR A 371 -1.68 10.64 -14.41
N THR A 372 -2.58 10.50 -13.43
CA THR A 372 -3.41 9.31 -13.31
C THR A 372 -4.81 9.52 -13.84
N SER A 373 -5.24 10.77 -14.01
CA SER A 373 -6.52 11.09 -14.62
C SER A 373 -6.40 12.47 -15.25
N MET A 374 -7.49 12.91 -15.89
CA MET A 374 -7.50 14.21 -16.55
C MET A 374 -8.94 14.54 -16.93
N VAL A 375 -9.27 15.84 -16.90
CA VAL A 375 -10.60 16.30 -17.22
C VAL A 375 -10.54 17.77 -17.59
N THR A 376 -11.28 18.15 -18.63
CA THR A 376 -11.32 19.52 -19.14
C THR A 376 -12.39 20.27 -18.37
N MET A 377 -11.99 20.96 -17.31
CA MET A 377 -12.95 21.62 -16.44
C MET A 377 -13.73 22.71 -17.17
N GLU A 378 -13.06 23.79 -17.52
CA GLU A 378 -13.68 24.97 -18.10
C GLU A 378 -13.46 24.98 -19.60
N PRO A 379 -14.01 25.95 -20.31
CA PRO A 379 -13.63 26.13 -21.72
C PRO A 379 -12.14 26.34 -21.90
N GLY A 380 -11.48 26.94 -20.92
CA GLY A 380 -10.06 27.25 -21.05
C GLY A 380 -9.17 26.64 -19.98
N TYR A 381 -9.64 25.62 -19.27
CA TYR A 381 -8.90 25.03 -18.17
C TYR A 381 -8.86 23.51 -18.27
N LEU A 382 -7.94 22.93 -17.53
CA LEU A 382 -7.73 21.49 -17.50
C LEU A 382 -7.31 21.10 -16.09
N PHE A 383 -7.49 19.84 -15.75
CA PHE A 383 -7.04 19.30 -14.47
C PHE A 383 -6.28 18.01 -14.72
N LEU A 384 -5.08 17.93 -14.15
CA LEU A 384 -4.20 16.76 -14.29
C LEU A 384 -4.05 16.13 -12.91
N GLY A 385 -5.00 15.27 -12.54
CA GLY A 385 -4.87 14.55 -11.29
C GLY A 385 -3.72 13.57 -11.33
N SER A 386 -3.17 13.27 -10.17
CA SER A 386 -2.01 12.40 -10.08
C SER A 386 -1.88 11.85 -8.66
N ARG A 387 -1.46 10.60 -8.55
CA ARG A 387 -1.17 9.97 -7.28
C ARG A 387 0.31 10.00 -6.94
N LEU A 388 1.17 9.71 -7.90
CA LEU A 388 2.62 9.71 -7.72
C LEU A 388 3.22 11.04 -8.17
N GLY A 389 2.74 12.10 -7.54
CA GLY A 389 3.16 13.46 -7.87
C GLY A 389 2.01 14.43 -7.66
N ASN A 390 2.37 15.68 -7.39
CA ASN A 390 1.37 16.70 -7.12
C ASN A 390 0.42 16.84 -8.31
N SER A 391 -0.88 16.89 -8.03
CA SER A 391 -1.89 17.08 -9.06
C SER A 391 -2.10 18.57 -9.25
N LEU A 392 -1.99 19.04 -10.50
CA LEU A 392 -1.94 20.46 -10.79
C LEU A 392 -2.95 20.85 -11.85
N LEU A 393 -3.60 21.99 -11.62
CA LEU A 393 -4.57 22.57 -12.53
C LEU A 393 -3.86 23.46 -13.54
N LEU A 394 -4.25 23.36 -14.80
CA LEU A 394 -3.61 24.06 -15.90
C LEU A 394 -4.53 25.14 -16.44
N LYS A 395 -4.06 25.81 -17.49
CA LYS A 395 -4.84 26.81 -18.20
C LYS A 395 -4.20 27.02 -19.56
N TYR A 396 -5.00 26.98 -20.62
CA TYR A 396 -4.49 27.05 -21.98
C TYR A 396 -5.08 28.23 -22.71
N THR A 397 -4.32 28.76 -23.66
CA THR A 397 -4.76 29.86 -24.52
C THR A 397 -4.22 29.62 -25.92
N GLU A 398 -4.91 30.17 -26.91
CA GLU A 398 -4.50 29.99 -28.29
C GLU A 398 -3.24 30.80 -28.58
N LYS A 399 -2.33 30.20 -29.32
CA LYS A 399 -1.11 30.87 -29.76
C LYS A 399 -1.38 31.67 -31.03
N LEU A 400 -0.70 32.80 -31.16
CA LEU A 400 -0.87 33.66 -32.32
C LEU A 400 0.45 33.83 -33.07
N ALA A 459 -5.34 26.91 -33.03
CA ALA A 459 -4.70 25.78 -33.70
C ALA A 459 -3.56 25.24 -32.84
N THR A 460 -2.90 26.13 -32.10
CA THR A 460 -1.81 25.75 -31.21
C THR A 460 -2.02 26.41 -29.85
N TYR A 461 -1.70 25.67 -28.79
CA TYR A 461 -2.00 26.09 -27.43
C TYR A 461 -0.74 26.08 -26.58
N SER A 462 -0.70 27.00 -25.61
CA SER A 462 0.37 27.08 -24.63
C SER A 462 -0.21 26.84 -23.25
N PHE A 463 0.37 25.90 -22.52
CA PHE A 463 -0.18 25.44 -21.24
C PHE A 463 0.62 26.03 -20.08
N GLU A 464 -0.07 26.78 -19.22
CA GLU A 464 0.50 27.30 -17.98
C GLU A 464 0.03 26.43 -16.83
N VAL A 465 0.39 26.85 -15.61
CA VAL A 465 0.00 26.17 -14.38
C VAL A 465 -0.60 27.19 -13.44
N CYS A 466 -1.75 26.86 -12.84
CA CYS A 466 -2.46 27.77 -11.97
C CYS A 466 -2.51 27.32 -10.51
N ASP A 467 -2.47 26.01 -10.25
CA ASP A 467 -2.51 25.51 -8.89
C ASP A 467 -2.00 24.09 -8.88
N SER A 468 -1.65 23.61 -7.68
CA SER A 468 -1.17 22.25 -7.50
C SER A 468 -1.59 21.75 -6.13
N ILE A 469 -1.80 20.44 -6.02
CA ILE A 469 -2.28 19.79 -4.82
C ILE A 469 -1.12 18.99 -4.22
N LEU A 470 -0.84 19.23 -2.95
CA LEU A 470 0.26 18.54 -2.29
C LEU A 470 -0.03 17.06 -2.20
N ASN A 471 0.98 16.25 -2.50
CA ASN A 471 0.81 14.80 -2.61
C ASN A 471 2.04 14.12 -2.04
N ILE A 472 1.88 13.48 -0.88
CA ILE A 472 2.91 12.59 -0.34
C ILE A 472 2.74 11.26 -1.08
N GLY A 473 3.44 11.13 -2.20
CA GLY A 473 3.22 10.01 -3.10
C GLY A 473 3.57 8.70 -2.44
N PRO A 474 3.77 7.66 -3.23
CA PRO A 474 4.10 6.36 -2.65
C PRO A 474 5.22 6.47 -1.63
N CYS A 475 4.89 6.20 -0.37
CA CYS A 475 5.86 6.27 0.72
C CYS A 475 6.70 4.99 0.69
N ALA A 476 7.73 5.01 -0.15
CA ALA A 476 8.59 3.83 -0.28
C ALA A 476 9.32 3.55 1.03
N ASN A 477 9.79 4.60 1.70
CA ASN A 477 10.61 4.43 2.90
C ASN A 477 10.35 5.59 3.85
N ALA A 478 10.83 5.43 5.07
CA ALA A 478 10.81 6.49 6.07
C ALA A 478 11.98 6.25 7.01
N ALA A 479 12.69 7.32 7.35
CA ALA A 479 13.84 7.25 8.25
C ALA A 479 13.60 8.27 9.36
N VAL A 480 13.05 7.81 10.46
CA VAL A 480 12.77 8.69 11.60
C VAL A 480 14.08 9.31 12.08
N GLY A 481 14.08 10.62 12.27
CA GLY A 481 15.26 11.33 12.73
C GLY A 481 14.86 12.51 13.59
N GLU A 482 15.84 13.08 14.26
CA GLU A 482 15.58 14.23 15.11
C GLU A 482 15.74 15.53 14.32
N PRO A 483 14.86 16.51 14.51
CA PRO A 483 15.02 17.78 13.79
C PRO A 483 16.35 18.44 14.13
N ALA A 484 16.95 19.07 13.12
CA ALA A 484 18.26 19.69 13.32
C ALA A 484 18.20 20.81 14.34
N PHE A 485 17.18 21.65 14.25
CA PHE A 485 17.06 22.83 15.10
C PHE A 485 15.99 22.59 16.15
N LEU A 486 16.38 22.70 17.42
CA LEU A 486 15.44 22.69 18.53
C LEU A 486 15.86 23.76 19.51
N SER A 487 14.89 24.51 20.01
CA SER A 487 15.20 25.62 20.90
C SER A 487 15.85 25.12 22.19
N GLU A 488 16.87 25.84 22.64
CA GLU A 488 17.51 25.50 23.90
C GLU A 488 16.54 25.56 25.06
N GLU A 489 15.44 26.29 24.92
CA GLU A 489 14.42 26.30 25.95
C GLU A 489 13.72 24.95 26.06
N PHE A 490 13.41 24.33 24.93
CA PHE A 490 12.74 23.03 24.89
C PHE A 490 13.72 21.87 24.90
N GLN A 491 15.03 22.13 24.89
CA GLN A 491 16.00 21.05 24.95
C GLN A 491 15.93 20.27 26.27
N ASN A 492 15.28 20.81 27.30
CA ASN A 492 15.23 20.19 28.61
C ASN A 492 13.92 19.44 28.86
N SER A 493 13.34 18.81 27.80
CA SER A 493 12.13 18.01 27.97
C SER A 493 12.47 16.53 27.92
N PRO A 494 11.73 15.70 28.67
CA PRO A 494 12.06 14.26 28.69
C PRO A 494 11.67 13.54 27.41
N GLU A 495 10.49 13.81 26.88
CA GLU A 495 10.03 13.09 25.69
C GLU A 495 10.90 13.45 24.50
N PRO A 496 11.28 12.48 23.66
CA PRO A 496 12.07 12.80 22.48
C PRO A 496 11.28 13.63 21.49
N ASP A 497 11.99 14.47 20.73
CA ASP A 497 11.41 15.23 19.63
C ASP A 497 12.01 14.70 18.34
N LEU A 498 11.15 14.21 17.45
CA LEU A 498 11.57 13.48 16.27
C LEU A 498 10.89 14.03 15.03
N GLU A 499 11.29 13.50 13.88
CA GLU A 499 10.63 13.79 12.61
C GLU A 499 10.89 12.61 11.68
N ILE A 500 10.06 12.49 10.66
CA ILE A 500 10.13 11.41 9.70
C ILE A 500 10.34 12.00 8.31
N VAL A 501 11.25 11.40 7.55
CA VAL A 501 11.55 11.82 6.18
C VAL A 501 11.19 10.66 5.27
N VAL A 502 10.26 10.91 4.34
CA VAL A 502 9.66 9.87 3.52
C VAL A 502 10.20 9.97 2.10
N CYS A 503 10.29 8.82 1.42
CA CYS A 503 10.65 8.78 0.01
C CYS A 503 9.36 8.79 -0.81
N SER A 504 8.84 9.99 -1.04
CA SER A 504 7.57 10.18 -1.72
C SER A 504 7.77 10.49 -3.19
N GLY A 505 6.70 10.35 -3.97
CA GLY A 505 6.71 10.67 -5.37
C GLY A 505 7.36 9.59 -6.21
N HIS A 506 7.57 9.92 -7.49
CA HIS A 506 8.27 9.04 -8.40
C HIS A 506 8.74 9.84 -9.61
N GLY A 507 9.82 9.37 -10.22
CA GLY A 507 10.28 9.97 -11.47
C GLY A 507 10.57 11.44 -11.31
N LYS A 508 10.15 12.22 -12.31
CA LYS A 508 10.40 13.65 -12.28
C LYS A 508 9.80 14.31 -11.05
N ASN A 509 8.77 13.72 -10.46
CA ASN A 509 8.17 14.22 -9.23
C ASN A 509 8.72 13.55 -7.98
N GLY A 510 9.67 12.64 -8.14
CA GLY A 510 10.29 11.99 -6.99
C GLY A 510 10.91 13.03 -6.07
N ALA A 511 10.70 12.87 -4.77
CA ALA A 511 11.16 13.86 -3.80
C ALA A 511 11.31 13.19 -2.45
N LEU A 512 11.58 14.00 -1.43
CA LEU A 512 11.53 13.59 -0.03
C LEU A 512 10.49 14.44 0.68
N SER A 513 9.87 13.87 1.70
CA SER A 513 8.82 14.55 2.45
C SER A 513 9.24 14.60 3.92
N VAL A 514 9.52 15.79 4.42
CA VAL A 514 9.97 15.97 5.80
C VAL A 514 8.71 16.18 6.63
N LEU A 515 8.08 15.08 7.03
CA LEU A 515 6.82 15.13 7.74
C LEU A 515 7.04 15.33 9.23
N GLN A 516 6.25 16.22 9.81
CA GLN A 516 6.16 16.41 11.25
C GLN A 516 4.70 16.51 11.63
N LYS A 517 4.42 16.34 12.92
CA LYS A 517 3.03 16.37 13.39
C LYS A 517 2.67 17.65 14.13
N SER A 518 3.54 18.12 15.02
CA SER A 518 3.21 19.24 15.90
C SER A 518 3.93 20.51 15.44
N ILE A 519 3.57 21.61 16.08
CA ILE A 519 4.17 22.91 15.84
C ILE A 519 5.24 23.13 16.88
N ARG A 520 6.45 23.47 16.43
CA ARG A 520 7.57 23.72 17.33
C ARG A 520 8.00 25.17 17.19
N PRO A 521 7.63 26.05 18.12
CA PRO A 521 8.03 27.46 17.99
C PRO A 521 9.55 27.62 18.07
N GLN A 522 10.04 28.62 17.35
CA GLN A 522 11.46 28.98 17.39
C GLN A 522 11.59 30.15 18.35
N VAL A 523 11.56 29.83 19.66
CA VAL A 523 11.54 30.88 20.67
C VAL A 523 12.71 31.83 20.46
N VAL A 524 12.42 33.13 20.40
CA VAL A 524 13.43 34.15 20.22
C VAL A 524 13.86 34.74 21.56
N THR A 525 12.91 35.00 22.44
CA THR A 525 13.20 35.55 23.76
C THR A 525 12.11 35.12 24.73
N THR A 526 12.51 34.89 25.97
CA THR A 526 11.61 34.41 27.02
C THR A 526 11.68 35.35 28.21
N PHE A 527 10.52 35.74 28.72
CA PHE A 527 10.42 36.62 29.88
C PHE A 527 9.72 35.87 31.01
N GLU A 528 10.37 35.80 32.17
CA GLU A 528 9.81 35.12 33.33
C GLU A 528 8.91 36.11 34.06
N LEU A 529 7.63 36.11 33.71
CA LEU A 529 6.64 36.98 34.33
C LEU A 529 5.74 36.16 35.23
N PRO A 530 5.67 36.42 36.53
CA PRO A 530 4.81 35.61 37.40
C PRO A 530 3.40 36.16 37.52
N GLY A 531 2.46 35.24 37.70
CA GLY A 531 1.07 35.61 37.95
C GLY A 531 0.20 35.84 36.74
N CYS A 532 0.65 36.69 35.82
CA CYS A 532 -0.16 37.02 34.66
C CYS A 532 -0.49 35.77 33.85
N TYR A 533 -1.75 35.66 33.44
CA TYR A 533 -2.26 34.49 32.74
C TYR A 533 -2.86 34.80 31.37
N ASP A 534 -3.54 35.94 31.22
CA ASP A 534 -4.19 36.32 29.97
C ASP A 534 -3.53 37.57 29.42
N MET A 535 -3.53 37.68 28.09
CA MET A 535 -2.87 38.79 27.42
C MET A 535 -3.53 39.04 26.08
N TRP A 536 -3.34 40.25 25.57
CA TRP A 536 -3.84 40.63 24.24
C TRP A 536 -2.81 41.53 23.58
N THR A 537 -2.50 41.22 22.31
CA THR A 537 -1.61 42.05 21.51
C THR A 537 -2.44 42.93 20.59
N VAL A 538 -2.26 44.24 20.72
CA VAL A 538 -2.99 45.21 19.92
C VAL A 538 -2.07 45.75 18.83
N ILE A 539 -2.67 46.45 17.87
CA ILE A 539 -1.95 47.06 16.77
C ILE A 539 -2.07 48.57 16.90
N ALA A 540 -0.96 49.27 16.69
CA ALA A 540 -0.93 50.72 16.78
C ALA A 540 0.14 51.30 15.86
N ARG A 570 1.38 45.41 9.48
CA ARG A 570 0.94 46.08 10.70
C ARG A 570 1.72 45.58 11.90
N ARG A 571 2.28 46.51 12.68
CA ARG A 571 3.08 46.18 13.84
C ARG A 571 2.27 46.36 15.11
N HIS A 572 2.49 45.46 16.08
CA HIS A 572 1.76 45.46 17.34
C HIS A 572 2.43 46.44 18.29
N GLY A 573 1.82 47.62 18.44
CA GLY A 573 2.46 48.67 19.22
C GLY A 573 2.63 48.32 20.68
N PHE A 574 1.59 47.73 21.29
CA PHE A 574 1.56 47.53 22.73
C PHE A 574 1.32 46.05 23.05
N LEU A 575 1.15 45.79 24.34
CA LEU A 575 0.91 44.43 24.84
C LEU A 575 0.36 44.56 26.25
N ILE A 576 -0.88 44.14 26.46
CA ILE A 576 -1.57 44.31 27.74
C ILE A 576 -1.60 42.96 28.44
N LEU A 577 -1.12 42.94 29.69
CA LEU A 577 -1.06 41.74 30.50
C LEU A 577 -1.99 41.89 31.69
N SER A 578 -2.67 40.80 32.05
CA SER A 578 -3.63 40.81 33.15
C SER A 578 -3.07 40.07 34.35
N ARG A 579 -3.15 40.69 35.52
CA ARG A 579 -2.72 40.10 36.78
C ARG A 579 -3.91 39.99 37.72
N GLU A 580 -3.65 39.41 38.90
CA GLU A 580 -4.71 39.22 39.89
C GLU A 580 -5.27 40.55 40.36
N ASP A 581 -4.40 41.57 40.51
CA ASP A 581 -4.82 42.84 41.06
C ASP A 581 -4.46 44.01 40.16
N SER A 582 -3.33 43.92 39.47
CA SER A 582 -2.79 45.03 38.67
C SER A 582 -2.81 44.66 37.19
N THR A 583 -2.28 45.56 36.38
CA THR A 583 -2.20 45.37 34.94
C THR A 583 -1.03 46.18 34.41
N MET A 584 -0.10 45.50 33.73
CA MET A 584 1.08 46.15 33.16
C MET A 584 1.08 45.96 31.65
N ILE A 585 1.52 47.01 30.95
CA ILE A 585 1.50 47.05 29.49
C ILE A 585 2.93 47.14 28.99
N LEU A 586 3.26 46.35 27.98
CA LEU A 586 4.59 46.36 27.36
C LEU A 586 4.51 47.04 26.01
N GLN A 587 5.37 48.03 25.79
CA GLN A 587 5.45 48.72 24.52
C GLN A 587 6.45 47.97 23.66
N THR A 588 5.95 47.25 22.66
CA THR A 588 6.79 46.48 21.76
C THR A 588 7.24 47.35 20.58
N GLY A 589 8.27 46.88 19.90
CA GLY A 589 8.87 47.63 18.81
C GLY A 589 10.38 47.50 18.81
N GLN A 590 11.08 48.63 18.90
CA GLN A 590 12.54 48.58 18.96
C GLN A 590 13.01 47.81 20.18
N GLU A 591 12.39 48.06 21.33
CA GLU A 591 12.71 47.35 22.57
C GLU A 591 11.43 47.20 23.38
N ILE A 592 11.20 45.99 23.87
CA ILE A 592 10.00 45.68 24.63
C ILE A 592 10.25 46.06 26.10
N MET A 593 9.52 47.05 26.59
CA MET A 593 9.76 47.60 27.92
C MET A 593 8.43 47.97 28.57
N GLU A 594 8.28 47.60 29.83
CA GLU A 594 7.07 47.93 30.58
C GLU A 594 6.95 49.44 30.74
N LEU A 595 5.71 49.93 30.69
CA LEU A 595 5.45 51.34 30.90
C LEU A 595 5.16 51.62 32.37
N ASP A 596 5.16 52.92 32.71
CA ASP A 596 4.84 53.36 34.06
C ASP A 596 3.88 54.54 34.12
N THR A 597 3.69 55.27 33.02
CA THR A 597 2.87 56.48 33.03
C THR A 597 1.40 56.11 32.82
N SER A 598 0.57 57.12 32.60
CA SER A 598 -0.86 56.93 32.43
C SER A 598 -1.16 56.44 31.01
N GLY A 599 -2.44 56.47 30.63
CA GLY A 599 -2.88 55.98 29.34
C GLY A 599 -3.56 54.63 29.38
N PHE A 600 -3.47 53.91 30.49
CA PHE A 600 -4.11 52.62 30.65
C PHE A 600 -4.54 52.46 32.10
N ALA A 601 -5.43 51.50 32.33
CA ALA A 601 -5.86 51.16 33.67
C ALA A 601 -4.93 50.10 34.24
N THR A 602 -4.42 50.34 35.45
CA THR A 602 -3.49 49.43 36.09
C THR A 602 -3.93 48.98 37.48
N GLN A 603 -5.02 49.55 38.01
CA GLN A 603 -5.49 49.24 39.35
C GLN A 603 -6.35 47.98 39.41
N GLY A 604 -6.62 47.34 38.27
CA GLY A 604 -7.45 46.16 38.24
C GLY A 604 -7.20 45.31 37.01
N PRO A 605 -7.68 44.06 37.06
CA PRO A 605 -7.47 43.17 35.91
C PRO A 605 -8.25 43.62 34.69
N THR A 606 -7.74 43.26 33.52
CA THR A 606 -8.39 43.57 32.26
C THR A 606 -9.11 42.33 31.73
N VAL A 607 -10.34 42.52 31.27
CA VAL A 607 -11.13 41.43 30.71
C VAL A 607 -11.02 41.36 29.20
N PHE A 608 -10.76 42.47 28.51
CA PHE A 608 -10.56 42.46 27.07
C PHE A 608 -9.87 43.75 26.66
N ALA A 609 -9.04 43.63 25.63
CA ALA A 609 -8.36 44.80 25.07
C ALA A 609 -8.01 44.49 23.62
N GLY A 610 -8.61 45.22 22.69
CA GLY A 610 -8.41 44.97 21.28
C GLY A 610 -8.52 46.21 20.43
N ASN A 611 -8.67 46.03 19.12
CA ASN A 611 -8.67 47.12 18.16
C ASN A 611 -10.11 47.41 17.72
N ILE A 612 -10.59 48.61 18.03
CA ILE A 612 -11.86 49.10 17.54
C ILE A 612 -11.60 50.14 16.47
N GLY A 613 -12.55 50.30 15.56
CA GLY A 613 -12.35 51.11 14.38
C GLY A 613 -11.75 50.26 13.27
N ASP A 614 -10.68 50.75 12.66
CA ASP A 614 -9.88 49.96 11.72
C ASP A 614 -8.42 50.07 12.14
N ASN A 615 -8.00 49.21 13.07
CA ASN A 615 -6.63 49.19 13.57
C ASN A 615 -6.14 50.59 13.90
N ARG A 616 -7.06 51.49 14.24
CA ARG A 616 -6.73 52.89 14.50
C ARG A 616 -7.11 53.37 15.89
N TYR A 617 -7.87 52.60 16.65
CA TYR A 617 -8.28 52.97 17.99
C TYR A 617 -8.05 51.80 18.92
N ILE A 618 -7.94 52.10 20.22
CA ILE A 618 -7.66 51.10 21.24
C ILE A 618 -8.82 51.11 22.24
N VAL A 619 -9.35 49.93 22.52
CA VAL A 619 -10.40 49.76 23.52
C VAL A 619 -9.97 48.69 24.50
N GLN A 620 -10.10 48.97 25.79
CA GLN A 620 -9.85 47.99 26.83
C GLN A 620 -11.06 47.94 27.75
N VAL A 621 -11.42 46.72 28.19
CA VAL A 621 -12.61 46.49 28.99
C VAL A 621 -12.17 46.16 30.41
N SER A 622 -12.75 46.87 31.37
CA SER A 622 -12.50 46.67 32.79
C SER A 622 -13.82 46.44 33.50
N PRO A 623 -13.81 45.75 34.64
CA PRO A 623 -15.08 45.47 35.32
C PRO A 623 -15.89 46.70 35.65
N LEU A 624 -15.22 47.86 35.84
CA LEU A 624 -15.91 49.08 36.20
C LEU A 624 -16.37 49.88 34.99
N GLY A 625 -15.99 49.49 33.78
CA GLY A 625 -16.40 50.22 32.60
C GLY A 625 -15.52 49.88 31.41
N ILE A 626 -15.64 50.71 30.38
CA ILE A 626 -14.91 50.54 29.12
C ILE A 626 -14.25 51.86 28.78
N ARG A 627 -12.97 51.81 28.41
CA ARG A 627 -12.20 52.99 28.04
C ARG A 627 -11.80 52.90 26.57
N LEU A 628 -11.85 54.04 25.88
CA LEU A 628 -11.45 54.15 24.49
C LEU A 628 -10.18 54.98 24.41
N LEU A 629 -9.12 54.39 23.87
CA LEU A 629 -7.82 55.04 23.78
C LEU A 629 -7.43 55.19 22.32
N GLU A 630 -6.90 56.36 21.97
CA GLU A 630 -6.39 56.65 20.63
C GLU A 630 -4.96 56.17 20.44
N GLY A 631 -4.35 55.60 21.46
CA GLY A 631 -2.94 55.28 21.45
C GLY A 631 -2.39 55.29 22.87
N VAL A 632 -1.35 56.07 23.11
CA VAL A 632 -0.88 56.24 24.48
C VAL A 632 -1.92 56.98 25.31
N ASN A 633 -2.58 57.97 24.72
CA ASN A 633 -3.54 58.79 25.46
C ASN A 633 -4.87 58.07 25.63
N GLN A 634 -5.69 58.61 26.53
CA GLN A 634 -7.01 58.08 26.82
C GLN A 634 -8.05 59.18 26.58
N LEU A 635 -9.12 58.84 25.87
CA LEU A 635 -10.12 59.85 25.53
C LEU A 635 -11.10 60.05 26.69
N HIS A 636 -11.85 59.02 27.04
CA HIS A 636 -12.85 59.14 28.10
C HIS A 636 -13.19 57.77 28.63
N PHE A 637 -13.78 57.76 29.83
CA PHE A 637 -14.11 56.53 30.55
C PHE A 637 -15.62 56.42 30.69
N ILE A 638 -16.15 55.28 30.28
CA ILE A 638 -17.60 55.00 30.33
C ILE A 638 -17.84 54.00 31.45
N PRO A 639 -18.41 54.43 32.58
CA PRO A 639 -18.68 53.47 33.67
C PRO A 639 -19.80 52.51 33.30
N VAL A 640 -19.80 51.36 33.96
CA VAL A 640 -20.82 50.35 33.76
C VAL A 640 -21.25 49.77 35.10
N ALA A 644 -22.85 43.51 38.51
CA ALA A 644 -22.40 42.34 37.77
C ALA A 644 -21.14 42.67 36.96
N PRO A 645 -19.97 42.33 37.49
CA PRO A 645 -18.73 42.60 36.75
C PRO A 645 -18.71 41.89 35.41
N ILE A 646 -18.14 42.57 34.41
CA ILE A 646 -18.03 41.99 33.07
C ILE A 646 -17.20 40.72 33.14
N VAL A 647 -17.61 39.70 32.38
CA VAL A 647 -16.94 38.41 32.41
C VAL A 647 -16.42 38.05 31.03
N GLN A 648 -17.05 38.58 29.99
CA GLN A 648 -16.66 38.27 28.62
C GLN A 648 -17.07 39.42 27.71
N CYS A 649 -16.27 39.66 26.68
CA CYS A 649 -16.59 40.65 25.67
C CYS A 649 -16.03 40.19 24.33
N ALA A 650 -16.77 40.49 23.26
CA ALA A 650 -16.33 40.25 21.90
C ALA A 650 -16.63 41.48 21.07
N VAL A 651 -15.74 41.81 20.15
CA VAL A 651 -15.83 43.04 19.36
C VAL A 651 -15.86 42.68 17.88
N ALA A 652 -16.83 43.23 17.16
CA ALA A 652 -16.86 43.19 15.71
C ALA A 652 -17.02 44.63 15.24
N ASP A 653 -15.97 45.18 14.65
CA ASP A 653 -15.95 46.61 14.37
C ASP A 653 -17.10 46.97 13.43
N PRO A 654 -17.83 48.06 13.68
CA PRO A 654 -17.70 49.00 14.80
C PRO A 654 -18.59 48.67 15.99
N TYR A 655 -18.90 47.39 16.23
CA TYR A 655 -19.83 46.98 17.27
C TYR A 655 -19.07 46.30 18.40
N VAL A 656 -19.33 46.74 19.62
CA VAL A 656 -18.72 46.19 20.83
C VAL A 656 -19.85 45.72 21.75
N VAL A 657 -19.78 44.46 22.17
CA VAL A 657 -20.80 43.86 23.02
C VAL A 657 -20.12 43.27 24.25
N ILE A 658 -20.67 43.56 25.43
CA ILE A 658 -20.12 43.12 26.70
C ILE A 658 -21.19 42.35 27.45
N MET A 659 -20.84 41.17 27.96
CA MET A 659 -21.74 40.32 28.71
C MET A 659 -21.35 40.32 30.18
N SER A 660 -22.33 40.57 31.05
CA SER A 660 -22.08 40.66 32.48
C SER A 660 -22.11 39.26 33.10
N ALA A 661 -22.04 39.20 34.44
CA ALA A 661 -22.03 37.92 35.13
C ALA A 661 -23.42 37.30 35.22
N GLU A 662 -24.47 38.11 35.31
CA GLU A 662 -25.83 37.63 35.44
C GLU A 662 -26.48 37.34 34.08
N GLY A 663 -25.75 37.49 32.99
CA GLY A 663 -26.28 37.26 31.66
C GLY A 663 -26.67 38.51 30.90
N HIS A 664 -26.62 39.68 31.54
CA HIS A 664 -26.95 40.91 30.83
C HIS A 664 -26.00 41.12 29.66
N VAL A 665 -26.53 41.68 28.58
CA VAL A 665 -25.77 41.96 27.36
C VAL A 665 -26.00 43.41 26.98
N THR A 666 -24.90 44.12 26.72
CA THR A 666 -24.94 45.51 26.29
C THR A 666 -24.17 45.67 24.99
N MET A 667 -24.62 46.60 24.15
CA MET A 667 -24.03 46.83 22.84
C MET A 667 -23.47 48.24 22.77
N PHE A 668 -22.29 48.36 22.15
CA PHE A 668 -21.61 49.64 21.99
C PHE A 668 -21.22 49.83 20.54
N LEU A 669 -21.44 51.05 20.03
CA LEU A 669 -21.19 51.39 18.65
C LEU A 669 -20.25 52.58 18.56
N LEU A 670 -19.43 52.60 17.51
CA LEU A 670 -18.46 53.68 17.27
C LEU A 670 -19.15 54.76 16.46
N LYS A 671 -19.82 55.68 17.16
CA LYS A 671 -20.51 56.80 16.54
C LYS A 671 -19.64 58.04 16.65
N SER A 672 -19.26 58.60 15.51
CA SER A 672 -18.42 59.79 15.47
C SER A 672 -19.24 61.05 15.74
N HIS A 680 -13.67 60.02 17.23
CA HIS A 680 -14.74 59.05 17.39
C HIS A 680 -15.18 58.97 18.85
N ARG A 681 -16.24 58.20 19.10
CA ARG A 681 -16.78 58.08 20.45
C ARG A 681 -17.68 56.86 20.51
N LEU A 682 -17.37 55.91 21.40
CA LEU A 682 -18.23 54.75 21.58
C LEU A 682 -19.60 55.20 22.09
N ALA A 683 -20.65 54.64 21.51
CA ALA A 683 -22.01 55.00 21.84
C ALA A 683 -22.74 53.83 22.48
N LEU A 684 -23.69 54.15 23.36
CA LEU A 684 -24.43 53.16 24.11
C LEU A 684 -25.76 52.87 23.42
N HIS A 685 -26.08 51.59 23.26
CA HIS A 685 -27.36 51.17 22.69
C HIS A 685 -27.75 49.85 23.33
N LYS A 686 -28.70 49.88 24.27
CA LYS A 686 -29.14 48.67 24.93
C LYS A 686 -29.88 47.78 23.95
N PRO A 687 -29.45 46.55 23.70
CA PRO A 687 -30.13 45.70 22.73
C PRO A 687 -31.44 45.17 23.30
N PRO A 688 -32.54 45.22 22.54
CA PRO A 688 -33.81 44.65 23.02
C PRO A 688 -33.80 43.14 22.92
N LEU A 689 -33.71 42.47 24.07
CA LEU A 689 -33.69 41.02 24.13
C LEU A 689 -34.55 40.56 25.29
N HIS A 690 -35.42 39.58 25.02
CA HIS A 690 -36.25 38.96 26.04
C HIS A 690 -35.48 37.78 26.62
N HIS A 691 -35.11 37.88 27.90
CA HIS A 691 -34.27 36.87 28.54
C HIS A 691 -35.17 35.85 29.23
N GLN A 692 -35.72 34.94 28.42
CA GLN A 692 -36.44 33.81 28.96
C GLN A 692 -35.51 32.92 29.80
N SER A 693 -34.30 32.70 29.31
CA SER A 693 -33.26 32.01 30.06
C SER A 693 -31.98 32.82 29.98
N LYS A 694 -31.17 32.74 31.04
CA LYS A 694 -29.96 33.54 31.12
C LYS A 694 -28.99 33.19 30.01
N VAL A 695 -28.26 34.19 29.53
CA VAL A 695 -27.26 33.99 28.50
C VAL A 695 -25.97 33.51 29.13
N ILE A 696 -25.44 32.40 28.62
CA ILE A 696 -24.22 31.81 29.19
C ILE A 696 -22.98 32.29 28.45
N THR A 697 -23.03 32.33 27.12
CA THR A 697 -21.94 32.86 26.30
C THR A 697 -22.54 33.73 25.21
N LEU A 698 -21.65 34.30 24.38
CA LEU A 698 -22.08 35.07 23.22
C LEU A 698 -20.86 35.41 22.38
N CYS A 699 -21.07 35.47 21.07
CA CYS A 699 -20.00 35.73 20.12
C CYS A 699 -20.47 36.76 19.10
N LEU A 700 -19.52 37.52 18.56
CA LEU A 700 -19.79 38.53 17.55
C LEU A 700 -19.13 38.11 16.24
N TYR A 701 -19.80 38.42 15.13
CA TYR A 701 -19.36 37.99 13.82
C TYR A 701 -19.57 39.12 12.82
N ARG A 702 -18.76 39.12 11.76
CA ARG A 702 -18.83 40.13 10.71
C ARG A 702 -18.50 39.43 9.40
N ASP A 703 -19.53 39.09 8.62
CA ASP A 703 -19.35 38.32 7.40
C ASP A 703 -19.01 39.24 6.24
N LEU A 704 -17.92 38.94 5.54
CA LEU A 704 -17.51 39.68 4.36
C LEU A 704 -17.98 39.02 3.07
N SER A 705 -18.00 37.70 3.02
CA SER A 705 -18.54 36.96 1.89
C SER A 705 -19.98 36.56 2.19
N GLY A 706 -20.88 36.87 1.28
CA GLY A 706 -22.29 36.63 1.55
C GLY A 706 -22.64 35.16 1.66
N MET A 707 -22.78 34.70 2.89
CA MET A 707 -23.38 33.41 3.20
C MET A 707 -24.43 33.48 4.29
N PHE A 708 -24.35 34.44 5.20
CA PHE A 708 -25.37 34.70 6.20
C PHE A 708 -26.34 35.70 5.58
N THR A 709 -27.31 35.19 4.83
CA THR A 709 -28.25 36.02 4.07
C THR A 709 -29.64 35.90 4.69
N THR A 710 -30.26 37.04 4.94
CA THR A 710 -31.61 37.10 5.48
C THR A 710 -31.71 36.32 6.79
N PRO A 781 -21.01 43.96 3.97
CA PRO A 781 -20.86 43.06 5.12
C PRO A 781 -21.93 43.28 6.18
N THR A 782 -22.29 42.21 6.90
CA THR A 782 -23.31 42.26 7.93
C THR A 782 -22.76 41.66 9.22
N HIS A 783 -23.32 42.09 10.35
CA HIS A 783 -22.84 41.72 11.66
C HIS A 783 -23.89 40.88 12.39
N TRP A 784 -23.47 39.73 12.91
CA TRP A 784 -24.34 38.80 13.61
C TRP A 784 -23.76 38.50 14.99
N CYS A 785 -24.63 38.40 15.99
CA CYS A 785 -24.23 38.14 17.36
C CYS A 785 -24.73 36.75 17.76
N LEU A 786 -23.91 35.74 17.53
CA LEU A 786 -24.21 34.40 18.02
C LEU A 786 -24.47 34.46 19.52
N LEU A 787 -25.20 33.48 20.04
CA LEU A 787 -25.63 33.52 21.42
C LEU A 787 -25.99 32.11 21.88
N VAL A 788 -25.66 31.77 23.12
CA VAL A 788 -25.97 30.48 23.71
C VAL A 788 -26.67 30.71 25.03
N ARG A 789 -27.83 30.09 25.20
CA ARG A 789 -28.67 30.31 26.37
C ARG A 789 -28.53 29.18 27.38
N GLU A 790 -29.00 29.45 28.59
CA GLU A 790 -28.87 28.48 29.68
C GLU A 790 -29.65 27.21 29.39
N ASN A 791 -30.86 27.33 28.85
CA ASN A 791 -31.70 26.16 28.61
C ASN A 791 -31.16 25.28 27.48
N GLY A 792 -30.16 25.75 26.74
CA GLY A 792 -29.55 24.96 25.69
C GLY A 792 -29.80 25.45 24.28
N THR A 793 -30.44 26.61 24.11
CA THR A 793 -30.80 27.12 22.79
C THR A 793 -29.76 28.12 22.30
N MET A 794 -29.34 27.96 21.05
CA MET A 794 -28.41 28.86 20.38
C MET A 794 -29.18 29.73 19.42
N GLU A 795 -28.92 31.04 19.43
CA GLU A 795 -29.72 32.01 18.71
C GLU A 795 -28.85 33.05 18.01
N ILE A 796 -28.53 32.81 16.74
CA ILE A 796 -27.87 33.83 15.93
C ILE A 796 -28.82 35.01 15.78
N TYR A 797 -28.30 36.22 15.98
CA TYR A 797 -29.10 37.42 15.96
C TYR A 797 -28.62 38.36 14.84
N GLN A 798 -29.28 39.52 14.75
CA GLN A 798 -28.92 40.57 13.81
C GLN A 798 -28.47 41.79 14.63
N LEU A 799 -27.36 42.40 14.23
CA LEU A 799 -26.78 43.49 15.01
C LEU A 799 -27.45 44.82 14.73
N PRO A 800 -27.58 45.23 13.46
CA PRO A 800 -28.27 46.50 13.18
C PRO A 800 -29.68 46.53 13.77
N ASP A 801 -30.50 45.57 13.36
CA ASP A 801 -31.75 45.27 14.06
C ASP A 801 -31.41 44.33 15.21
N TRP A 802 -32.43 43.71 15.82
CA TRP A 802 -32.18 42.66 16.79
C TRP A 802 -33.19 41.53 16.67
N ARG A 803 -33.79 41.36 15.49
CA ARG A 803 -34.78 40.32 15.28
C ARG A 803 -34.13 38.94 15.33
N LEU A 804 -34.81 38.00 15.98
CA LEU A 804 -34.33 36.62 16.03
C LEU A 804 -34.20 36.06 14.62
N VAL A 805 -33.11 35.35 14.37
CA VAL A 805 -32.79 34.90 13.02
C VAL A 805 -32.43 33.42 13.01
N PHE A 806 -32.24 32.83 14.19
CA PHE A 806 -31.89 31.41 14.28
C PHE A 806 -32.31 30.88 15.64
N LEU A 807 -32.36 29.55 15.73
CA LEU A 807 -32.75 28.89 16.98
C LEU A 807 -32.44 27.40 16.85
N VAL A 808 -31.86 26.83 17.90
CA VAL A 808 -31.60 25.40 17.99
C VAL A 808 -32.05 24.95 19.37
N LYS A 809 -32.79 23.83 19.42
CA LYS A 809 -33.49 23.49 20.65
C LYS A 809 -32.53 22.97 21.72
N ASN A 810 -31.58 22.11 21.33
CA ASN A 810 -30.63 21.52 22.27
C ASN A 810 -29.22 21.64 21.66
N PHE A 811 -28.57 22.76 21.95
CA PHE A 811 -27.27 23.05 21.36
C PHE A 811 -26.15 22.31 22.06
N PRO A 812 -26.10 22.29 23.40
CA PRO A 812 -24.96 21.65 24.07
C PRO A 812 -24.81 20.18 23.76
N VAL A 813 -25.86 19.53 23.26
CA VAL A 813 -25.82 18.10 23.03
C VAL A 813 -24.74 17.74 22.03
N GLY A 814 -24.65 18.49 20.94
CA GLY A 814 -23.63 18.24 19.93
C GLY A 814 -24.16 17.51 18.72
N GLN A 815 -25.31 17.93 18.23
CA GLN A 815 -25.92 17.28 17.07
C GLN A 815 -25.02 17.41 15.85
N ARG A 816 -25.04 16.37 15.01
CA ARG A 816 -24.16 16.34 13.84
C ARG A 816 -24.58 17.33 12.76
N VAL A 817 -25.75 17.94 12.88
CA VAL A 817 -26.19 18.99 11.98
C VAL A 817 -27.14 19.91 12.73
N LEU A 818 -27.00 21.21 12.54
CA LEU A 818 -27.82 22.21 13.20
C LEU A 818 -28.86 22.74 12.22
N VAL A 819 -30.12 22.75 12.64
CA VAL A 819 -31.23 23.21 11.81
C VAL A 819 -32.03 24.23 12.60
N ASP A 820 -32.65 25.15 11.86
CA ASP A 820 -33.37 26.26 12.48
C ASP A 820 -34.64 25.78 13.15
N SER A 821 -35.03 26.50 14.20
CA SER A 821 -36.24 26.20 14.95
C SER A 821 -36.36 24.71 15.28
N PRO A 844 -23.19 19.40 28.44
CA PRO A 844 -23.83 20.67 28.81
C PRO A 844 -22.87 21.69 29.38
N LEU A 845 -23.41 22.82 29.84
CA LEU A 845 -22.62 23.91 30.40
C LEU A 845 -21.57 24.40 29.39
N VAL A 846 -22.09 24.98 28.31
CA VAL A 846 -21.22 25.63 27.33
C VAL A 846 -20.52 26.79 28.00
N LYS A 847 -19.19 26.85 27.86
CA LYS A 847 -18.36 27.83 28.54
C LYS A 847 -17.91 28.96 27.62
N GLU A 848 -17.35 28.62 26.46
CA GLU A 848 -16.88 29.61 25.50
C GLU A 848 -17.33 29.22 24.11
N VAL A 849 -17.72 30.21 23.31
CA VAL A 849 -18.11 30.02 21.93
C VAL A 849 -17.44 31.09 21.07
N LEU A 850 -16.99 30.70 19.88
CA LEU A 850 -16.37 31.64 18.96
C LEU A 850 -16.77 31.28 17.54
N LEU A 851 -17.32 32.24 16.83
CA LEU A 851 -17.69 32.12 15.42
C LEU A 851 -16.82 33.10 14.63
N VAL A 852 -16.03 32.58 13.69
CA VAL A 852 -15.12 33.41 12.91
C VAL A 852 -15.06 32.89 11.49
N ALA A 853 -14.91 33.81 10.54
CA ALA A 853 -14.79 33.46 9.14
C ALA A 853 -13.34 33.12 8.82
N LEU A 854 -13.12 31.94 8.24
CA LEU A 854 -11.81 31.47 7.86
C LEU A 854 -11.80 31.17 6.37
N GLY A 855 -10.65 31.31 5.75
CA GLY A 855 -10.49 31.02 4.34
C GLY A 855 -10.29 32.29 3.53
N SER A 856 -10.19 32.10 2.20
CA SER A 856 -9.96 33.22 1.30
C SER A 856 -11.04 34.27 1.46
N ARG A 857 -10.63 35.53 1.62
CA ARG A 857 -11.53 36.65 1.81
C ARG A 857 -12.52 36.40 2.95
N GLN A 858 -12.20 35.48 3.86
CA GLN A 858 -13.07 35.14 4.97
C GLN A 858 -14.42 34.65 4.46
N SER A 859 -14.39 33.51 3.77
CA SER A 859 -15.54 33.03 3.02
C SER A 859 -16.38 32.01 3.80
N ARG A 860 -15.76 30.94 4.34
CA ARG A 860 -16.52 29.89 4.98
C ARG A 860 -16.39 30.00 6.49
N PRO A 861 -17.44 30.43 7.20
CA PRO A 861 -17.33 30.52 8.66
C PRO A 861 -17.33 29.16 9.35
N TYR A 862 -16.78 29.16 10.56
CA TYR A 862 -16.75 27.99 11.43
C TYR A 862 -17.22 28.39 12.81
N LEU A 863 -17.91 27.48 13.50
CA LEU A 863 -18.39 27.71 14.85
C LEU A 863 -17.63 26.78 15.79
N LEU A 864 -16.96 27.38 16.78
CA LEU A 864 -16.20 26.63 17.78
C LEU A 864 -16.84 26.87 19.14
N VAL A 865 -17.20 25.79 19.83
CA VAL A 865 -17.89 25.86 21.10
C VAL A 865 -17.18 24.95 22.10
N HIS A 866 -16.98 25.44 23.31
CA HIS A 866 -16.32 24.70 24.39
C HIS A 866 -17.37 24.31 25.41
N VAL A 867 -17.77 23.03 25.40
CA VAL A 867 -18.82 22.52 26.27
C VAL A 867 -18.31 21.27 26.97
N ASP A 868 -18.43 21.25 28.30
CA ASP A 868 -18.18 20.07 29.11
C ASP A 868 -16.87 19.38 28.71
N GLN A 869 -15.78 20.12 28.86
CA GLN A 869 -14.43 19.64 28.55
C GLN A 869 -14.44 18.74 27.32
N GLU A 870 -15.00 19.28 26.24
CA GLU A 870 -15.09 18.57 24.96
C GLU A 870 -15.29 19.61 23.88
N LEU A 871 -14.49 19.52 22.82
CA LEU A 871 -14.54 20.49 21.72
C LEU A 871 -15.25 19.85 20.53
N LEU A 872 -16.26 20.55 20.04
CA LEU A 872 -16.96 20.18 18.82
C LEU A 872 -17.11 21.43 17.98
N ILE A 873 -16.72 21.35 16.71
CA ILE A 873 -16.61 22.51 15.83
C ILE A 873 -17.52 22.30 14.64
N TYR A 874 -18.44 23.24 14.42
CA TYR A 874 -19.39 23.18 13.33
C TYR A 874 -18.87 23.93 12.12
N GLU A 875 -19.09 23.37 10.94
CA GLU A 875 -18.85 24.06 9.68
C GLU A 875 -20.01 25.01 9.43
N ALA A 876 -20.13 25.52 8.22
CA ALA A 876 -21.30 26.32 7.83
C ALA A 876 -21.61 26.08 6.37
N PHE A 877 -22.88 25.87 6.06
CA PHE A 877 -23.33 25.74 4.68
C PHE A 877 -24.67 26.42 4.52
N PRO A 878 -25.01 26.86 3.31
CA PRO A 878 -26.29 27.53 3.09
C PRO A 878 -27.43 26.57 2.77
N HIS A 879 -28.62 26.95 3.21
CA HIS A 879 -29.81 26.15 2.94
C HIS A 879 -31.04 27.02 3.17
N ASP A 880 -31.86 27.17 2.13
CA ASP A 880 -33.05 28.00 2.20
C ASP A 880 -34.04 27.44 3.23
N GLY A 886 -38.46 34.98 7.23
CA GLY A 886 -37.18 35.50 6.80
C GLY A 886 -36.05 35.13 7.74
N ASN A 887 -35.84 33.83 7.93
CA ASN A 887 -34.81 33.32 8.81
C ASN A 887 -33.53 33.04 8.03
N LEU A 888 -32.43 32.88 8.76
CA LEU A 888 -31.14 32.70 8.14
C LEU A 888 -31.15 31.53 7.17
N LYS A 889 -30.65 31.75 5.97
CA LYS A 889 -30.52 30.70 4.96
C LYS A 889 -29.18 29.98 5.10
N VAL A 890 -28.88 29.55 6.33
CA VAL A 890 -27.62 28.88 6.64
C VAL A 890 -27.89 27.70 7.55
N ARG A 891 -26.93 26.77 7.56
CA ARG A 891 -26.96 25.62 8.45
C ARG A 891 -25.53 25.22 8.76
N PHE A 892 -25.33 24.59 9.91
CA PHE A 892 -24.01 24.23 10.40
C PHE A 892 -23.89 22.73 10.54
N LYS A 893 -22.78 22.17 10.07
CA LYS A 893 -22.50 20.74 10.17
C LYS A 893 -21.21 20.52 10.95
N LYS A 894 -21.21 19.55 11.85
CA LYS A 894 -20.01 19.23 12.60
C LYS A 894 -18.99 18.52 11.73
N VAL A 895 -17.73 18.58 12.15
CA VAL A 895 -16.63 17.98 11.39
C VAL A 895 -15.87 17.05 12.32
N PRO A 896 -15.32 15.91 11.82
CA PRO A 896 -14.60 14.99 12.71
C PRO A 896 -13.52 15.67 13.52
N HIS A 897 -12.98 14.98 14.52
CA HIS A 897 -12.20 15.65 15.57
C HIS A 897 -11.33 14.64 16.30
N ASN A 898 -10.22 15.13 16.87
CA ASN A 898 -9.39 14.31 17.74
C ASN A 898 -8.79 15.12 18.90
N ILE A 899 -9.49 16.14 19.38
CA ILE A 899 -9.01 17.01 20.44
C ILE A 899 -9.85 16.79 21.69
N ASN A 900 -9.19 16.42 22.79
CA ASN A 900 -9.86 16.19 24.07
C ASN A 900 -9.35 17.20 25.09
N PHE A 901 -10.27 17.95 25.69
CA PHE A 901 -9.93 19.00 26.65
C PHE A 901 -9.98 18.48 28.09
N ARG A 902 -9.25 17.40 28.33
CA ARG A 902 -9.23 16.78 29.65
C ARG A 902 -7.81 16.76 30.22
N ARG A 927 -12.80 35.45 32.84
CA ARG A 927 -12.72 34.16 32.17
C ARG A 927 -11.65 34.18 31.10
N VAL A 928 -10.75 33.20 31.12
CA VAL A 928 -9.69 33.10 30.14
C VAL A 928 -10.24 32.42 28.89
N ALA A 929 -10.05 33.06 27.74
CA ALA A 929 -10.52 32.49 26.49
C ALA A 929 -9.68 31.28 26.11
N ARG A 930 -10.20 30.50 25.18
CA ARG A 930 -9.54 29.30 24.69
C ARG A 930 -9.35 29.27 23.19
N PHE A 931 -10.13 30.04 22.44
CA PHE A 931 -10.00 30.13 20.98
C PHE A 931 -9.43 31.50 20.64
N ARG A 932 -8.23 31.52 20.07
CA ARG A 932 -7.54 32.77 19.74
C ARG A 932 -7.39 32.84 18.24
N TYR A 933 -7.90 33.91 17.65
CA TYR A 933 -7.94 34.09 16.19
C TYR A 933 -6.76 34.95 15.78
N PHE A 934 -5.90 34.42 14.91
CA PHE A 934 -4.77 35.16 14.37
C PHE A 934 -4.97 35.36 12.87
N GLU A 935 -4.84 36.60 12.42
CA GLU A 935 -5.13 36.93 11.03
C GLU A 935 -3.94 36.67 10.12
N ASP A 936 -2.72 36.89 10.61
CA ASP A 936 -1.52 36.70 9.79
C ASP A 936 -0.39 36.27 10.72
N ILE A 937 -0.04 34.99 10.66
CA ILE A 937 1.09 34.43 11.41
C ILE A 937 1.87 33.58 10.42
N TYR A 938 2.95 34.15 9.87
CA TYR A 938 3.70 33.50 8.81
C TYR A 938 2.85 33.31 7.56
N GLY A 939 1.89 34.22 7.38
CA GLY A 939 1.02 34.15 6.21
C GLY A 939 -0.16 33.23 6.35
N TYR A 940 -0.57 32.91 7.56
CA TYR A 940 -1.66 31.98 7.82
C TYR A 940 -2.73 32.65 8.66
N SER A 941 -3.97 32.22 8.46
CA SER A 941 -5.11 32.68 9.24
C SER A 941 -5.81 31.48 9.84
N GLY A 942 -6.37 31.65 11.03
CA GLY A 942 -6.99 30.54 11.72
C GLY A 942 -7.23 30.87 13.18
N VAL A 943 -7.29 29.82 13.98
CA VAL A 943 -7.58 29.93 15.41
C VAL A 943 -6.60 29.04 16.17
N PHE A 944 -6.09 29.55 17.28
CA PHE A 944 -5.27 28.77 18.21
C PHE A 944 -6.11 28.39 19.41
N ILE A 945 -6.17 27.10 19.71
CA ILE A 945 -7.03 26.56 20.76
C ILE A 945 -6.13 26.22 21.95
N CYS A 946 -6.21 27.03 23.01
CA CYS A 946 -5.38 26.84 24.19
C CYS A 946 -5.92 25.68 25.02
N GLY A 947 -5.38 25.51 26.23
CA GLY A 947 -5.87 24.50 27.14
C GLY A 947 -4.92 23.31 27.28
N PRO A 948 -5.41 22.23 27.88
CA PRO A 948 -4.53 21.08 28.15
C PRO A 948 -3.84 20.53 26.91
N SER A 949 -4.51 20.55 25.76
CA SER A 949 -3.93 20.08 24.50
C SER A 949 -4.01 21.22 23.50
N PRO A 950 -2.97 22.06 23.42
CA PRO A 950 -2.99 23.16 22.43
C PRO A 950 -3.07 22.63 21.02
N HIS A 951 -3.84 23.31 20.18
CA HIS A 951 -4.00 22.92 18.79
C HIS A 951 -4.16 24.17 17.94
N TRP A 952 -3.65 24.10 16.71
CA TRP A 952 -3.66 25.22 15.77
C TRP A 952 -4.63 24.90 14.64
N LEU A 953 -5.61 25.77 14.44
CA LEU A 953 -6.63 25.59 13.41
C LEU A 953 -6.27 26.48 12.22
N LEU A 954 -5.78 25.87 11.15
CA LEU A 954 -5.38 26.58 9.95
C LEU A 954 -6.20 26.11 8.75
N VAL A 955 -6.58 27.06 7.91
CA VAL A 955 -7.20 26.76 6.62
C VAL A 955 -6.83 27.85 5.63
N THR A 956 -6.20 27.46 4.53
CA THR A 956 -5.68 28.38 3.53
C THR A 956 -6.74 28.61 2.46
N GLY A 957 -6.34 29.18 1.32
CA GLY A 957 -7.24 29.33 0.19
C GLY A 957 -7.73 28.01 -0.37
N ARG A 958 -7.08 26.90 -0.02
CA ARG A 958 -7.59 25.59 -0.39
C ARG A 958 -8.89 25.25 0.33
N GLY A 959 -9.20 25.96 1.42
CA GLY A 959 -10.45 25.78 2.11
C GLY A 959 -10.53 24.56 3.00
N ALA A 960 -9.50 23.71 3.02
CA ALA A 960 -9.51 22.49 3.81
C ALA A 960 -9.00 22.78 5.22
N LEU A 961 -9.72 22.27 6.22
CA LEU A 961 -9.35 22.53 7.61
C LEU A 961 -8.15 21.67 8.02
N ARG A 962 -7.24 22.28 8.78
CA ARG A 962 -6.04 21.62 9.27
C ARG A 962 -5.91 21.89 10.75
N LEU A 963 -5.65 20.84 11.53
CA LEU A 963 -5.46 20.94 12.98
C LEU A 963 -4.07 20.45 13.33
N HIS A 964 -3.31 21.28 14.05
CA HIS A 964 -1.93 20.96 14.39
C HIS A 964 -1.70 21.19 15.89
N PRO A 965 -1.07 20.24 16.58
CA PRO A 965 -0.85 20.42 18.03
C PRO A 965 0.49 21.04 18.37
N MET A 966 0.51 21.72 19.52
CA MET A 966 1.74 22.17 20.16
C MET A 966 1.86 21.38 21.47
N ALA A 967 2.39 20.16 21.37
CA ALA A 967 2.53 19.33 22.56
C ALA A 967 3.76 19.74 23.37
N ILE A 968 4.87 20.05 22.68
CA ILE A 968 6.06 20.50 23.39
C ILE A 968 5.74 21.75 24.19
N ASP A 969 6.34 21.85 25.38
CA ASP A 969 6.11 22.92 26.34
C ASP A 969 4.83 22.75 27.12
N GLY A 970 4.13 21.62 26.97
CA GLY A 970 2.97 21.32 27.77
C GLY A 970 1.79 22.20 27.46
N PRO A 971 0.87 22.33 28.41
CA PRO A 971 -0.32 23.16 28.19
C PRO A 971 0.04 24.62 28.00
N VAL A 972 -0.89 25.36 27.41
CA VAL A 972 -0.74 26.78 27.13
C VAL A 972 -1.87 27.53 27.80
N ASP A 973 -1.53 28.56 28.57
CA ASP A 973 -2.54 29.35 29.25
C ASP A 973 -3.21 30.35 28.31
N SER A 974 -2.41 31.24 27.71
CA SER A 974 -2.91 32.27 26.81
C SER A 974 -2.08 32.26 25.53
N PHE A 975 -2.33 33.23 24.67
CA PHE A 975 -1.72 33.27 23.35
C PHE A 975 -2.09 34.60 22.70
N ALA A 976 -1.26 35.03 21.75
CA ALA A 976 -1.53 36.28 21.06
C ALA A 976 -0.64 36.39 19.83
N PRO A 977 -1.12 36.93 18.72
CA PRO A 977 -0.24 37.16 17.57
C PRO A 977 0.74 38.28 17.85
N PHE A 978 1.83 38.28 17.08
CA PHE A 978 2.89 39.26 17.28
C PHE A 978 3.52 39.63 15.94
N HIS A 979 3.88 40.91 15.82
CA HIS A 979 4.62 41.40 14.67
C HIS A 979 5.51 42.54 15.16
N ASN A 980 6.81 42.28 15.28
CA ASN A 980 7.77 43.24 15.77
C ASN A 980 8.88 43.42 14.74
N VAL A 981 9.74 44.41 14.98
CA VAL A 981 10.85 44.66 14.07
C VAL A 981 11.84 43.50 14.11
N ASN A 982 12.23 43.09 15.32
CA ASN A 982 13.11 41.93 15.45
C ASN A 982 12.34 40.62 15.27
N CYS A 983 11.07 40.59 15.70
CA CYS A 983 10.25 39.39 15.56
C CYS A 983 9.29 39.57 14.39
N PRO A 984 9.48 38.88 13.27
CA PRO A 984 8.52 39.00 12.16
C PRO A 984 7.21 38.33 12.52
N ARG A 985 6.31 38.18 11.54
CA ARG A 985 4.97 37.67 11.84
C ARG A 985 5.07 36.40 12.68
N GLY A 986 4.65 36.49 13.92
CA GLY A 986 4.82 35.42 14.88
C GLY A 986 3.89 35.62 16.05
N PHE A 987 3.99 34.71 17.01
CA PHE A 987 3.02 34.63 18.10
C PHE A 987 3.70 34.88 19.43
N LEU A 988 2.93 34.74 20.50
CA LEU A 988 3.38 35.05 21.84
C LEU A 988 2.44 34.38 22.82
N TYR A 989 2.94 33.40 23.58
CA TYR A 989 2.08 32.62 24.46
C TYR A 989 2.73 32.47 25.83
N PHE A 990 1.88 32.23 26.83
CA PHE A 990 2.30 32.00 28.19
C PHE A 990 2.41 30.49 28.45
N ASN A 991 3.35 30.12 29.30
CA ASN A 991 3.53 28.73 29.70
C ASN A 991 2.85 28.47 31.04
N ARG A 992 2.64 27.19 31.34
CA ARG A 992 2.08 26.83 32.64
C ARG A 992 2.96 27.32 33.78
N GLN A 993 4.25 27.51 33.52
CA GLN A 993 5.19 28.02 34.51
C GLN A 993 5.39 29.52 34.42
N GLY A 994 4.44 30.24 33.83
CA GLY A 994 4.53 31.69 33.76
C GLY A 994 5.71 32.20 32.96
N GLU A 995 5.98 31.58 31.82
CA GLU A 995 7.13 31.93 30.99
C GLU A 995 6.62 32.46 29.65
N LEU A 996 6.50 33.78 29.54
CA LEU A 996 6.18 34.39 28.26
C LEU A 996 7.25 34.04 27.24
N ARG A 997 6.82 33.68 26.03
CA ARG A 997 7.73 33.17 25.01
C ARG A 997 7.48 33.90 23.69
N ILE A 998 8.40 34.77 23.31
CA ILE A 998 8.39 35.37 21.98
C ILE A 998 8.83 34.31 20.99
N SER A 999 8.03 34.07 19.96
CA SER A 999 8.25 32.95 19.07
C SER A 999 8.02 33.36 17.62
N VAL A 1000 8.44 32.48 16.72
CA VAL A 1000 8.22 32.64 15.29
C VAL A 1000 8.11 31.26 14.68
N LEU A 1001 7.18 31.08 13.76
CA LEU A 1001 6.97 29.77 13.16
C LEU A 1001 8.17 29.40 12.30
N PRO A 1002 8.69 28.18 12.41
CA PRO A 1002 9.78 27.79 11.51
C PRO A 1002 9.36 27.95 10.06
N ALA A 1003 10.27 28.48 9.26
CA ALA A 1003 9.95 28.94 7.92
C ALA A 1003 10.13 27.89 6.84
N TYR A 1004 10.61 26.70 7.18
CA TYR A 1004 10.90 25.68 6.19
C TYR A 1004 9.79 24.64 6.07
N LEU A 1005 8.64 24.87 6.70
CA LEU A 1005 7.53 23.92 6.70
C LEU A 1005 6.28 24.61 6.16
N SER A 1006 5.48 23.85 5.40
CA SER A 1006 4.21 24.31 4.90
C SER A 1006 3.10 23.72 5.78
N TYR A 1007 2.37 24.58 6.47
CA TYR A 1007 1.30 24.16 7.35
C TYR A 1007 -0.06 24.10 6.64
N ASP A 1008 -0.05 23.91 5.32
CA ASP A 1008 -1.27 23.69 4.57
C ASP A 1008 -1.66 22.22 4.51
N ALA A 1009 -0.68 21.32 4.53
CA ALA A 1009 -0.96 19.90 4.53
C ALA A 1009 -1.50 19.46 5.88
N PRO A 1010 -2.13 18.27 5.93
CA PRO A 1010 -2.62 17.78 7.24
C PRO A 1010 -1.53 17.71 8.28
N TRP A 1011 -0.31 17.38 7.88
CA TRP A 1011 0.87 17.34 8.74
C TRP A 1011 1.93 18.28 8.19
N PRO A 1012 2.46 19.20 9.00
CA PRO A 1012 3.49 20.11 8.48
C PRO A 1012 4.55 19.38 7.69
N VAL A 1013 4.67 19.70 6.40
CA VAL A 1013 5.53 18.95 5.49
C VAL A 1013 6.39 19.90 4.69
N ARG A 1014 7.53 19.40 4.24
CA ARG A 1014 8.38 20.09 3.28
C ARG A 1014 8.72 19.10 2.18
N LYS A 1015 8.47 19.47 0.93
CA LYS A 1015 8.77 18.62 -0.20
C LYS A 1015 10.13 19.01 -0.78
N ILE A 1016 11.04 18.05 -0.83
CA ILE A 1016 12.39 18.28 -1.34
C ILE A 1016 12.47 17.66 -2.74
N PRO A 1017 12.08 18.36 -3.79
CA PRO A 1017 12.15 17.76 -5.13
C PRO A 1017 13.58 17.41 -5.52
N LEU A 1018 13.85 16.12 -5.68
CA LEU A 1018 15.14 15.66 -6.17
C LEU A 1018 15.19 15.55 -7.68
N ARG A 1019 14.04 15.54 -8.35
CA ARG A 1019 13.93 15.34 -9.79
C ARG A 1019 14.40 13.95 -10.22
N CYS A 1020 14.57 13.04 -9.26
CA CYS A 1020 14.89 11.65 -9.53
C CYS A 1020 14.03 10.78 -8.63
N THR A 1021 14.13 9.47 -8.81
CA THR A 1021 13.32 8.51 -8.06
C THR A 1021 13.98 8.23 -6.72
N ALA A 1022 13.39 8.71 -5.64
CA ALA A 1022 13.88 8.42 -4.30
C ALA A 1022 13.51 7.00 -3.90
N HIS A 1023 14.50 6.20 -3.57
CA HIS A 1023 14.31 4.78 -3.27
C HIS A 1023 14.38 4.46 -1.79
N TYR A 1024 15.45 4.86 -1.11
CA TYR A 1024 15.62 4.60 0.32
C TYR A 1024 16.07 5.88 1.01
N VAL A 1025 16.10 5.82 2.34
CA VAL A 1025 16.54 6.95 3.16
C VAL A 1025 16.97 6.40 4.51
N ALA A 1026 18.08 6.94 5.03
CA ALA A 1026 18.68 6.47 6.27
C ALA A 1026 19.27 7.64 7.01
N TYR A 1027 19.15 7.62 8.34
CA TYR A 1027 19.62 8.70 9.20
C TYR A 1027 20.83 8.21 9.99
N HIS A 1028 21.96 8.89 9.83
CA HIS A 1028 23.18 8.58 10.56
C HIS A 1028 23.21 9.40 11.85
N VAL A 1029 23.15 8.70 13.00
CA VAL A 1029 22.98 9.40 14.27
C VAL A 1029 24.18 10.29 14.56
N GLU A 1030 25.38 9.82 14.26
CA GLU A 1030 26.57 10.65 14.39
C GLU A 1030 26.69 11.56 13.18
N SER A 1031 26.93 12.85 13.43
CA SER A 1031 26.95 13.88 12.41
C SER A 1031 25.55 14.29 11.97
N LYS A 1032 24.54 13.54 12.38
CA LYS A 1032 23.14 13.92 12.21
C LYS A 1032 22.84 14.39 10.78
N VAL A 1033 23.01 13.46 9.83
CA VAL A 1033 22.69 13.72 8.43
C VAL A 1033 21.95 12.52 7.85
N TYR A 1034 21.18 12.78 6.80
CA TYR A 1034 20.43 11.75 6.09
C TYR A 1034 21.18 11.33 4.84
N ALA A 1035 21.12 10.04 4.54
CA ALA A 1035 21.55 9.51 3.25
C ALA A 1035 20.32 9.15 2.45
N VAL A 1036 20.41 9.27 1.13
CA VAL A 1036 19.29 9.02 0.23
C VAL A 1036 19.81 8.27 -0.98
N ALA A 1037 19.13 7.19 -1.34
CA ALA A 1037 19.42 6.45 -2.56
C ALA A 1037 18.40 6.84 -3.62
N THR A 1038 18.89 7.38 -4.74
CA THR A 1038 18.05 7.90 -5.80
C THR A 1038 18.48 7.30 -7.12
N SER A 1039 17.56 7.28 -8.08
CA SER A 1039 17.82 6.73 -9.40
C SER A 1039 17.31 7.70 -10.46
N THR A 1040 18.07 7.82 -11.54
CA THR A 1040 17.70 8.64 -12.68
C THR A 1040 17.75 7.79 -13.94
N ASN A 1041 16.87 8.11 -14.88
CA ASN A 1041 16.67 7.31 -16.08
C ASN A 1041 17.49 7.85 -17.23
N THR A 1042 18.18 6.96 -17.94
CA THR A 1042 18.93 7.31 -19.13
C THR A 1042 18.63 6.30 -20.23
N PRO A 1043 18.69 6.72 -21.50
CA PRO A 1043 18.48 5.76 -22.59
C PRO A 1043 19.49 4.63 -22.53
N CYS A 1044 19.03 3.44 -22.88
CA CYS A 1044 19.86 2.23 -22.86
C CYS A 1044 20.37 1.97 -24.27
N ALA A 1045 21.70 1.95 -24.42
CA ALA A 1045 22.32 1.74 -25.71
C ALA A 1045 23.16 0.48 -25.79
N ARG A 1046 23.08 -0.40 -24.79
CA ARG A 1046 23.86 -1.64 -24.78
C ARG A 1046 23.03 -2.75 -24.17
N ILE A 1047 23.15 -3.95 -24.73
CA ILE A 1047 22.41 -5.12 -24.28
C ILE A 1047 23.41 -6.10 -23.66
N PRO A 1048 23.47 -6.24 -22.34
CA PRO A 1048 24.39 -7.22 -21.75
C PRO A 1048 24.08 -8.63 -22.22
N ARG A 1049 25.13 -9.38 -22.53
CA ARG A 1049 24.99 -10.77 -22.95
C ARG A 1049 25.96 -11.64 -22.19
N MET A 1050 26.10 -12.90 -22.60
CA MET A 1050 27.03 -13.82 -21.96
C MET A 1050 27.60 -14.76 -23.02
N THR A 1051 28.75 -15.34 -22.69
CA THR A 1051 29.46 -16.21 -23.61
C THR A 1051 29.92 -17.48 -22.93
N LYS A 1055 32.32 -11.71 -20.52
CA LYS A 1055 31.13 -10.98 -20.96
C LYS A 1055 31.35 -10.31 -22.31
N GLU A 1056 30.26 -9.95 -22.96
CA GLU A 1056 30.27 -9.16 -24.18
C GLU A 1056 29.15 -8.14 -24.10
N PHE A 1057 29.02 -7.34 -25.15
CA PHE A 1057 27.95 -6.36 -25.22
C PHE A 1057 27.51 -6.20 -26.67
N GLU A 1058 26.26 -5.81 -26.85
CA GLU A 1058 25.69 -5.52 -28.17
C GLU A 1058 25.10 -4.12 -28.15
N THR A 1059 25.38 -3.34 -29.18
CA THR A 1059 24.91 -1.96 -29.23
C THR A 1059 23.54 -1.90 -29.89
N ILE A 1060 22.64 -1.13 -29.29
CA ILE A 1060 21.28 -0.98 -29.80
C ILE A 1060 21.28 0.07 -30.91
N GLU A 1061 21.21 -0.39 -32.16
CA GLU A 1061 21.20 0.48 -33.32
C GLU A 1061 19.91 0.23 -34.10
N ARG A 1062 19.17 1.29 -34.39
CA ARG A 1062 17.91 1.20 -35.11
C ARG A 1062 17.76 2.46 -35.95
N ASP A 1063 16.53 2.72 -36.41
CA ASP A 1063 16.25 3.89 -37.24
C ASP A 1063 15.93 5.08 -36.33
N GLU A 1064 15.56 6.21 -36.95
CA GLU A 1064 15.31 7.44 -36.20
C GLU A 1064 13.97 7.46 -35.50
N ARG A 1065 13.02 6.61 -35.91
CA ARG A 1065 11.74 6.48 -35.23
C ARG A 1065 11.77 5.28 -34.27
N TYR A 1066 12.65 5.37 -33.29
CA TYR A 1066 12.86 4.29 -32.33
C TYR A 1066 12.79 4.84 -30.92
N ILE A 1067 12.14 4.11 -30.02
CA ILE A 1067 11.99 4.50 -28.63
C ILE A 1067 13.00 3.74 -27.80
N HIS A 1068 13.81 4.48 -27.03
CA HIS A 1068 14.93 3.91 -26.27
C HIS A 1068 14.46 3.51 -24.87
N PRO A 1069 14.73 2.28 -24.43
CA PRO A 1069 14.32 1.89 -23.08
C PRO A 1069 15.07 2.68 -22.01
N GLN A 1070 14.40 2.90 -20.89
CA GLN A 1070 14.91 3.76 -19.82
C GLN A 1070 15.73 2.93 -18.86
N GLN A 1071 17.06 3.04 -18.96
CA GLN A 1071 17.97 2.43 -18.01
C GLN A 1071 18.09 3.31 -16.77
N GLU A 1072 18.33 2.69 -15.62
CA GLU A 1072 18.39 3.40 -14.35
C GLU A 1072 19.83 3.47 -13.87
N ALA A 1073 20.28 4.69 -13.55
CA ALA A 1073 21.59 4.93 -12.97
C ALA A 1073 21.41 5.38 -11.53
N PHE A 1074 22.10 4.72 -10.60
CA PHE A 1074 21.88 4.89 -9.18
C PHE A 1074 23.00 5.71 -8.57
N SER A 1075 22.69 6.34 -7.43
CA SER A 1075 23.66 7.14 -6.69
C SER A 1075 23.10 7.43 -5.32
N ILE A 1076 24.00 7.51 -4.34
CA ILE A 1076 23.64 7.74 -2.95
C ILE A 1076 24.04 9.16 -2.58
N GLN A 1077 23.07 9.97 -2.20
CA GLN A 1077 23.29 11.37 -1.88
C GLN A 1077 23.56 11.51 -0.39
N LEU A 1078 23.56 12.74 0.11
CA LEU A 1078 23.74 13.01 1.53
C LEU A 1078 23.04 14.33 1.83
N ILE A 1079 21.83 14.25 2.39
CA ILE A 1079 20.96 15.41 2.54
C ILE A 1079 21.17 16.00 3.93
N SER A 1080 21.59 17.26 3.97
CA SER A 1080 21.85 17.92 5.24
C SER A 1080 20.53 18.37 5.89
N PRO A 1081 20.25 17.95 7.12
CA PRO A 1081 19.03 18.44 7.78
C PRO A 1081 19.03 19.94 8.04
N VAL A 1082 20.19 20.58 8.03
CA VAL A 1082 20.25 21.99 8.42
C VAL A 1082 19.53 22.86 7.41
N SER A 1083 19.72 22.59 6.12
CA SER A 1083 19.09 23.36 5.06
C SER A 1083 18.31 22.51 4.07
N TRP A 1084 18.35 21.18 4.21
CA TRP A 1084 17.61 20.27 3.33
C TRP A 1084 18.09 20.37 1.89
N GLU A 1085 19.36 20.72 1.70
CA GLU A 1085 19.99 20.72 0.38
C GLU A 1085 21.13 19.71 0.38
N ALA A 1086 21.17 18.88 -0.66
CA ALA A 1086 22.20 17.86 -0.74
C ALA A 1086 23.58 18.47 -0.48
N ILE A 1087 24.47 17.65 0.06
CA ILE A 1087 25.81 18.09 0.41
C ILE A 1087 26.67 18.01 -0.86
N PRO A 1088 27.27 19.10 -1.30
CA PRO A 1088 28.14 19.02 -2.49
C PRO A 1088 29.34 18.12 -2.26
N ASN A 1089 29.71 17.39 -3.30
CA ASN A 1089 30.89 16.54 -3.33
C ASN A 1089 30.81 15.38 -2.36
N ALA A 1090 29.66 15.14 -1.74
CA ALA A 1090 29.42 13.98 -0.90
C ALA A 1090 28.35 13.16 -1.60
N ARG A 1091 28.77 12.35 -2.57
CA ARG A 1091 27.86 11.52 -3.34
C ARG A 1091 28.60 10.27 -3.77
N ILE A 1092 27.91 9.14 -3.74
CA ILE A 1092 28.47 7.86 -4.15
C ILE A 1092 27.80 7.47 -5.46
N GLU A 1093 28.62 7.27 -6.50
CA GLU A 1093 28.13 6.86 -7.81
C GLU A 1093 28.41 5.37 -7.96
N LEU A 1094 27.35 4.57 -7.98
CA LEU A 1094 27.48 3.13 -8.07
C LEU A 1094 27.71 2.72 -9.52
N GLN A 1095 27.91 1.43 -9.74
CA GLN A 1095 28.29 0.93 -11.05
C GLN A 1095 27.15 1.18 -12.05
N GLU A 1096 27.37 0.75 -13.29
CA GLU A 1096 26.48 1.14 -14.37
C GLU A 1096 25.06 0.63 -14.15
N TRP A 1097 24.91 -0.66 -13.89
CA TRP A 1097 23.59 -1.28 -13.73
C TRP A 1097 23.24 -1.55 -12.28
N GLU A 1098 24.12 -1.18 -11.34
CA GLU A 1098 23.91 -1.53 -9.94
C GLU A 1098 22.60 -0.92 -9.44
N HIS A 1099 21.71 -1.78 -8.97
CA HIS A 1099 20.45 -1.35 -8.37
C HIS A 1099 20.54 -1.55 -6.87
N VAL A 1100 20.37 -0.47 -6.11
CA VAL A 1100 20.43 -0.55 -4.65
C VAL A 1100 19.19 -1.28 -4.18
N THR A 1101 19.37 -2.54 -3.76
CA THR A 1101 18.24 -3.33 -3.28
C THR A 1101 17.84 -2.95 -1.86
N CYS A 1102 18.80 -2.55 -1.03
CA CYS A 1102 18.52 -2.19 0.35
C CYS A 1102 19.52 -1.14 0.79
N MET A 1103 19.14 -0.40 1.84
CA MET A 1103 20.06 0.55 2.46
C MET A 1103 19.49 0.93 3.81
N LYS A 1104 20.26 0.70 4.87
CA LYS A 1104 19.85 1.01 6.22
C LYS A 1104 21.07 1.51 7.01
N THR A 1105 20.80 2.23 8.08
CA THR A 1105 21.84 2.56 9.05
C THR A 1105 21.99 1.39 10.00
N VAL A 1106 23.21 0.89 10.15
CA VAL A 1106 23.48 -0.35 10.87
C VAL A 1106 24.44 -0.04 12.00
N SER A 1107 24.16 -0.58 13.19
CA SER A 1107 25.00 -0.37 14.37
C SER A 1107 25.92 -1.58 14.57
N LEU A 1108 26.95 -1.65 13.73
CA LEU A 1108 27.98 -2.66 13.91
C LEU A 1108 28.81 -2.33 15.15
N ARG A 1109 29.34 -3.37 15.79
CA ARG A 1109 30.09 -3.18 17.01
C ARG A 1109 31.43 -2.50 16.72
N SER A 1110 31.94 -1.78 17.72
CA SER A 1110 33.27 -1.20 17.64
C SER A 1110 33.78 -0.97 19.06
N GLU A 1111 35.10 -0.85 19.17
CA GLU A 1111 35.75 -0.63 20.46
C GLU A 1111 36.18 0.80 20.68
N GLU A 1112 36.31 1.59 19.62
CA GLU A 1112 36.74 2.98 19.79
C GLU A 1112 35.73 3.78 20.60
N THR A 1113 34.44 3.59 20.33
CA THR A 1113 33.42 4.31 21.08
C THR A 1113 33.27 3.71 22.48
N VAL A 1114 32.78 4.55 23.40
CA VAL A 1114 32.57 4.08 24.76
C VAL A 1114 31.55 2.94 24.77
N SER A 1115 30.46 3.10 24.04
CA SER A 1115 29.49 2.02 23.90
C SER A 1115 30.09 0.91 23.04
N GLY A 1116 29.38 -0.20 22.95
CA GLY A 1116 29.85 -1.33 22.17
C GLY A 1116 29.53 -1.25 20.69
N LEU A 1117 28.84 -0.20 20.25
CA LEU A 1117 28.38 -0.08 18.88
C LEU A 1117 28.82 1.26 18.29
N LYS A 1118 28.90 1.30 16.95
CA LYS A 1118 29.38 2.47 16.23
C LYS A 1118 28.29 3.15 15.42
N GLY A 1119 27.65 2.44 14.50
CA GLY A 1119 26.56 3.03 13.73
C GLY A 1119 26.92 3.48 12.33
N TYR A 1120 27.55 2.61 11.55
CA TYR A 1120 27.83 2.93 10.15
C TYR A 1120 26.53 2.93 9.34
N VAL A 1121 26.66 3.20 8.05
CA VAL A 1121 25.55 3.13 7.10
C VAL A 1121 25.86 2.01 6.12
N ALA A 1122 24.94 1.05 6.00
CA ALA A 1122 25.16 -0.16 5.22
C ALA A 1122 24.18 -0.21 4.07
N ALA A 1123 24.67 -0.63 2.90
CA ALA A 1123 23.86 -0.72 1.69
C ALA A 1123 24.17 -2.02 0.97
N GLY A 1124 23.25 -2.43 0.11
CA GLY A 1124 23.43 -3.62 -0.69
C GLY A 1124 22.94 -3.42 -2.11
N THR A 1125 23.81 -3.61 -3.09
CA THR A 1125 23.49 -3.34 -4.47
C THR A 1125 23.44 -4.65 -5.25
N CYS A 1126 23.17 -4.53 -6.55
CA CYS A 1126 22.92 -5.71 -7.38
C CYS A 1126 22.91 -5.33 -8.86
N LEU A 1127 23.65 -6.08 -9.68
CA LEU A 1127 23.74 -5.81 -11.12
C LEU A 1127 22.57 -6.48 -11.83
N MET A 1128 21.57 -5.69 -12.21
CA MET A 1128 20.45 -6.18 -12.99
C MET A 1128 20.80 -6.03 -14.46
N GLN A 1129 20.97 -7.15 -15.15
CA GLN A 1129 21.30 -7.15 -16.57
C GLN A 1129 20.52 -8.24 -17.29
N GLY A 1130 19.24 -8.38 -16.98
CA GLY A 1130 18.39 -9.36 -17.59
C GLY A 1130 18.46 -10.71 -16.89
N GLU A 1131 17.47 -11.54 -17.19
CA GLU A 1131 17.37 -12.85 -16.55
C GLU A 1131 18.44 -13.82 -17.02
N GLU A 1132 19.18 -13.49 -18.08
CA GLU A 1132 20.17 -14.42 -18.62
C GLU A 1132 21.57 -14.16 -18.07
N VAL A 1133 21.82 -13.01 -17.47
CA VAL A 1133 23.14 -12.71 -16.90
C VAL A 1133 23.09 -12.94 -15.40
N THR A 1134 24.07 -13.68 -14.89
CA THR A 1134 24.09 -14.01 -13.47
C THR A 1134 24.07 -12.75 -12.62
N CYS A 1135 23.31 -12.81 -11.54
CA CYS A 1135 23.04 -11.64 -10.70
C CYS A 1135 23.98 -11.67 -9.50
N ARG A 1136 24.74 -10.58 -9.31
CA ARG A 1136 25.67 -10.49 -8.19
C ARG A 1136 25.59 -9.08 -7.60
N GLY A 1137 25.95 -8.97 -6.33
CA GLY A 1137 25.75 -7.75 -5.57
C GLY A 1137 26.99 -7.33 -4.80
N ARG A 1138 26.86 -6.20 -4.13
CA ARG A 1138 27.95 -5.60 -3.35
C ARG A 1138 27.38 -5.02 -2.07
N ILE A 1139 28.06 -5.28 -0.95
CA ILE A 1139 27.75 -4.64 0.33
C ILE A 1139 28.65 -3.41 0.42
N LEU A 1140 28.04 -2.25 0.62
CA LEU A 1140 28.75 -0.98 0.69
C LEU A 1140 28.50 -0.40 2.08
N ILE A 1141 29.53 -0.38 2.92
CA ILE A 1141 29.44 0.13 4.28
C ILE A 1141 30.13 1.49 4.31
N MET A 1142 29.33 2.54 4.46
CA MET A 1142 29.84 3.90 4.44
C MET A 1142 29.69 4.53 5.81
N ASP A 1143 30.72 5.23 6.25
CA ASP A 1143 30.71 6.00 7.49
C ASP A 1143 30.80 7.48 7.15
N VAL A 1144 29.95 8.28 7.79
CA VAL A 1144 29.97 9.72 7.59
C VAL A 1144 30.94 10.32 8.59
N ILE A 1145 31.90 11.10 8.09
CA ILE A 1145 32.95 11.66 8.91
C ILE A 1145 32.80 13.19 8.92
N GLU A 1146 33.67 13.83 9.69
CA GLU A 1146 33.74 15.28 9.77
C GLU A 1146 35.08 15.74 9.23
N VAL A 1147 35.06 16.83 8.46
CA VAL A 1147 36.27 17.48 7.99
C VAL A 1147 36.09 18.98 8.19
N VAL A 1148 37.21 19.70 8.16
CA VAL A 1148 37.17 21.15 8.31
C VAL A 1148 36.35 21.71 7.15
N PRO A 1149 35.26 22.44 7.40
CA PRO A 1149 34.42 22.90 6.30
C PRO A 1149 35.20 23.81 5.35
N GLU A 1150 34.91 23.68 4.06
CA GLU A 1150 35.47 24.60 3.09
C GLU A 1150 34.87 25.98 3.30
N PRO A 1151 35.69 27.04 3.31
CA PRO A 1151 35.13 28.38 3.54
C PRO A 1151 34.05 28.73 2.54
N GLY A 1152 32.98 29.34 3.03
CA GLY A 1152 31.86 29.75 2.22
C GLY A 1152 30.76 28.71 2.10
N GLN A 1153 31.05 27.44 2.39
CA GLN A 1153 30.07 26.36 2.33
C GLN A 1153 30.14 25.57 3.63
N PRO A 1154 29.45 26.02 4.68
CA PRO A 1154 29.50 25.29 5.96
C PRO A 1154 28.92 23.89 5.88
N LEU A 1155 28.15 23.56 4.84
CA LEU A 1155 27.50 22.27 4.74
C LEU A 1155 28.40 21.18 4.17
N THR A 1156 29.61 21.51 3.73
CA THR A 1156 30.53 20.53 3.18
C THR A 1156 31.49 19.98 4.23
N LYS A 1157 31.13 20.06 5.51
CA LYS A 1157 31.95 19.47 6.56
C LYS A 1157 31.77 17.95 6.65
N ASN A 1158 30.74 17.40 6.03
CA ASN A 1158 30.49 15.97 6.03
C ASN A 1158 30.91 15.36 4.70
N LYS A 1159 31.24 14.08 4.71
CA LYS A 1159 31.69 13.38 3.51
C LYS A 1159 31.70 11.89 3.77
N PHE A 1160 31.08 11.13 2.87
CA PHE A 1160 31.01 9.68 3.04
C PHE A 1160 32.40 9.07 3.07
N LYS A 1161 32.61 8.09 3.94
CA LYS A 1161 33.84 7.31 4.00
C LYS A 1161 33.49 5.85 3.70
N VAL A 1162 34.01 5.34 2.60
CA VAL A 1162 33.72 3.97 2.17
C VAL A 1162 34.70 3.04 2.87
N LEU A 1163 34.30 2.52 4.03
CA LEU A 1163 35.11 1.53 4.72
C LEU A 1163 35.21 0.24 3.90
N TYR A 1164 34.09 -0.25 3.41
CA TYR A 1164 34.03 -1.57 2.80
C TYR A 1164 33.18 -1.52 1.53
N GLU A 1165 33.65 -2.25 0.51
CA GLU A 1165 32.86 -2.48 -0.70
C GLU A 1165 33.48 -3.67 -1.42
N LYS A 1166 32.72 -4.75 -1.57
CA LYS A 1166 33.25 -5.95 -2.21
C LYS A 1166 32.12 -6.65 -2.95
N GLU A 1167 32.51 -7.42 -3.97
CA GLU A 1167 31.55 -8.17 -4.77
C GLU A 1167 31.21 -9.47 -4.07
N GLN A 1168 29.99 -9.55 -3.53
CA GLN A 1168 29.56 -10.74 -2.81
C GLN A 1168 29.34 -11.89 -3.77
N LYS A 1169 28.89 -13.01 -3.23
CA LYS A 1169 28.65 -14.22 -4.01
C LYS A 1169 27.18 -14.37 -4.38
N GLY A 1170 26.47 -13.25 -4.43
CA GLY A 1170 25.08 -13.25 -4.79
C GLY A 1170 24.43 -11.91 -4.47
N PRO A 1171 23.23 -11.69 -4.98
CA PRO A 1171 22.55 -10.42 -4.74
C PRO A 1171 22.32 -10.18 -3.25
N VAL A 1172 22.63 -8.97 -2.79
CA VAL A 1172 22.38 -8.60 -1.39
C VAL A 1172 20.96 -8.04 -1.36
N THR A 1173 20.00 -8.94 -1.23
CA THR A 1173 18.60 -8.58 -1.32
C THR A 1173 18.03 -8.02 -0.02
N ALA A 1174 18.72 -8.20 1.11
CA ALA A 1174 18.26 -7.65 2.37
C ALA A 1174 19.44 -7.53 3.32
N LEU A 1175 19.29 -6.66 4.33
CA LEU A 1175 20.36 -6.34 5.25
C LEU A 1175 19.77 -6.02 6.61
N CYS A 1176 20.56 -6.26 7.65
CA CYS A 1176 20.18 -5.90 9.03
C CYS A 1176 21.37 -6.21 9.93
N HIS A 1177 21.23 -5.90 11.21
CA HIS A 1177 22.23 -6.18 12.23
C HIS A 1177 21.59 -6.98 13.37
N CYS A 1178 22.42 -7.69 14.10
CA CYS A 1178 21.96 -8.45 15.27
C CYS A 1178 23.01 -8.35 16.37
N ASN A 1179 22.73 -7.51 17.37
CA ASN A 1179 23.59 -7.36 18.55
C ASN A 1179 25.02 -7.03 18.15
N GLY A 1180 25.18 -6.16 17.16
CA GLY A 1180 26.49 -5.71 16.72
C GLY A 1180 27.10 -6.48 15.58
N HIS A 1181 26.36 -7.38 14.96
CA HIS A 1181 26.81 -8.09 13.77
C HIS A 1181 26.10 -7.51 12.55
N LEU A 1182 26.42 -8.05 11.38
CA LEU A 1182 25.74 -7.69 10.14
C LEU A 1182 25.16 -8.95 9.52
N VAL A 1183 23.85 -8.99 9.37
CA VAL A 1183 23.16 -10.10 8.73
C VAL A 1183 22.73 -9.66 7.33
N SER A 1184 23.01 -10.48 6.33
CA SER A 1184 22.71 -10.14 4.95
C SER A 1184 22.24 -11.37 4.21
N ALA A 1185 21.17 -11.22 3.43
CA ALA A 1185 20.66 -12.30 2.60
C ALA A 1185 21.33 -12.24 1.24
N ILE A 1186 22.17 -13.23 0.94
CA ILE A 1186 22.91 -13.26 -0.32
C ILE A 1186 22.43 -14.47 -1.12
N GLY A 1187 21.39 -14.27 -1.92
CA GLY A 1187 20.81 -15.35 -2.69
C GLY A 1187 19.86 -16.20 -1.88
N GLN A 1188 20.17 -17.49 -1.77
CA GLN A 1188 19.35 -18.45 -1.04
C GLN A 1188 19.85 -18.65 0.40
N LYS A 1189 20.44 -17.64 1.01
CA LYS A 1189 21.06 -17.80 2.31
C LYS A 1189 21.01 -16.48 3.08
N ILE A 1190 21.23 -16.58 4.38
CA ILE A 1190 21.41 -15.43 5.25
C ILE A 1190 22.74 -15.63 5.98
N PHE A 1191 23.66 -14.68 5.77
CA PHE A 1191 24.96 -14.72 6.42
C PHE A 1191 24.97 -13.78 7.63
N LEU A 1192 26.02 -13.90 8.43
CA LEU A 1192 26.18 -13.10 9.64
C LEU A 1192 27.65 -12.76 9.78
N TRP A 1193 28.01 -11.50 9.51
CA TRP A 1193 29.39 -11.07 9.42
C TRP A 1193 29.80 -10.30 10.68
N SER A 1194 31.10 -10.29 10.94
CA SER A 1194 31.69 -9.55 12.05
C SER A 1194 32.55 -8.43 11.52
N LEU A 1195 32.41 -7.24 12.11
CA LEU A 1195 33.09 -6.05 11.61
C LEU A 1195 34.53 -6.03 12.13
N ARG A 1196 35.47 -6.34 11.25
CA ARG A 1196 36.88 -6.16 11.55
C ARG A 1196 37.25 -4.69 11.32
N ALA A 1197 38.54 -4.38 11.29
CA ALA A 1197 38.95 -3.00 11.07
C ALA A 1197 38.40 -2.46 9.76
N SER A 1198 38.63 -3.18 8.66
CA SER A 1198 38.12 -2.78 7.35
C SER A 1198 37.61 -3.96 6.54
N GLU A 1199 37.23 -5.06 7.21
CA GLU A 1199 36.79 -6.26 6.52
C GLU A 1199 35.60 -6.85 7.27
N LEU A 1200 34.96 -7.83 6.64
CA LEU A 1200 33.85 -8.56 7.23
C LEU A 1200 34.16 -10.04 7.18
N THR A 1201 34.11 -10.71 8.33
CA THR A 1201 34.35 -12.14 8.44
C THR A 1201 33.03 -12.84 8.71
N GLY A 1202 32.80 -13.96 8.03
CA GLY A 1202 31.56 -14.69 8.20
C GLY A 1202 31.53 -15.51 9.48
N MET A 1203 30.34 -15.58 10.08
CA MET A 1203 30.13 -16.31 11.32
C MET A 1203 29.20 -17.51 11.16
N ALA A 1204 27.99 -17.31 10.64
CA ALA A 1204 27.02 -18.39 10.55
C ALA A 1204 26.05 -18.12 9.40
N PHE A 1205 25.88 -19.11 8.54
CA PHE A 1205 24.98 -19.00 7.39
C PHE A 1205 23.97 -20.14 7.41
N ILE A 1206 22.75 -19.85 6.96
CA ILE A 1206 21.70 -20.84 6.81
C ILE A 1206 20.89 -20.52 5.57
N ASP A 1207 20.21 -21.52 5.04
CA ASP A 1207 19.43 -21.41 3.82
C ASP A 1207 17.98 -21.12 4.16
N THR A 1208 17.36 -20.16 3.46
CA THR A 1208 16.02 -19.73 3.82
C THR A 1208 14.96 -20.01 2.76
N GLN A 1209 15.07 -19.43 1.56
CA GLN A 1209 13.91 -19.35 0.67
C GLN A 1209 14.35 -18.83 -0.69
N LEU A 1210 13.37 -18.50 -1.53
CA LEU A 1210 13.65 -17.96 -2.87
C LEU A 1210 14.33 -16.59 -2.79
N TYR A 1211 13.64 -15.61 -2.20
CA TYR A 1211 14.10 -14.22 -2.25
C TYR A 1211 13.66 -13.52 -0.96
N ILE A 1212 14.58 -13.43 -0.01
CA ILE A 1212 14.34 -12.66 1.21
C ILE A 1212 14.55 -11.19 0.90
N HIS A 1213 13.58 -10.35 1.25
CA HIS A 1213 13.63 -8.94 0.91
C HIS A 1213 13.38 -8.01 2.09
N GLN A 1214 13.29 -8.51 3.31
CA GLN A 1214 13.07 -7.66 4.47
C GLN A 1214 13.49 -8.44 5.71
N MET A 1215 14.51 -7.96 6.41
CA MET A 1215 14.96 -8.56 7.65
C MET A 1215 14.96 -7.52 8.75
N ILE A 1216 14.83 -7.99 9.99
CA ILE A 1216 14.79 -7.12 11.16
C ILE A 1216 15.07 -7.97 12.38
N SER A 1217 15.73 -7.36 13.37
CA SER A 1217 16.18 -8.08 14.56
C SER A 1217 15.69 -7.37 15.82
N VAL A 1218 15.60 -8.13 16.91
CA VAL A 1218 15.19 -7.56 18.20
C VAL A 1218 16.37 -7.58 19.17
N LYS A 1219 16.78 -8.76 19.61
CA LYS A 1219 18.03 -8.92 20.33
C LYS A 1219 18.89 -9.98 19.66
N ASN A 1220 18.34 -11.18 19.47
CA ASN A 1220 19.03 -12.26 18.79
C ASN A 1220 18.18 -12.90 17.71
N PHE A 1221 16.95 -12.46 17.52
CA PHE A 1221 16.01 -13.09 16.62
C PHE A 1221 15.90 -12.26 15.35
N ILE A 1222 15.97 -12.93 14.21
CA ILE A 1222 15.91 -12.29 12.90
C ILE A 1222 14.59 -12.69 12.24
N LEU A 1223 13.83 -11.70 11.79
CA LEU A 1223 12.53 -11.92 11.17
C LEU A 1223 12.67 -11.69 9.67
N ALA A 1224 12.97 -12.74 8.93
CA ALA A 1224 13.07 -12.65 7.48
C ALA A 1224 11.68 -12.56 6.87
N ALA A 1225 11.64 -12.19 5.59
CA ALA A 1225 10.39 -12.08 4.85
C ALA A 1225 10.66 -12.42 3.39
N ASP A 1226 9.82 -13.27 2.82
CA ASP A 1226 9.96 -13.70 1.45
C ASP A 1226 8.91 -13.05 0.56
N VAL A 1227 9.26 -12.88 -0.72
CA VAL A 1227 8.34 -12.26 -1.66
C VAL A 1227 7.11 -13.11 -1.87
N MET A 1228 7.26 -14.43 -1.83
CA MET A 1228 6.18 -15.36 -2.11
C MET A 1228 5.84 -16.26 -0.94
N LYS A 1229 6.84 -16.77 -0.21
CA LYS A 1229 6.58 -17.87 0.71
C LYS A 1229 5.98 -17.39 2.04
N SER A 1230 6.77 -16.69 2.84
CA SER A 1230 6.32 -16.32 4.17
C SER A 1230 7.38 -15.57 4.96
N ILE A 1231 7.06 -15.19 6.19
CA ILE A 1231 8.06 -14.76 7.16
C ILE A 1231 8.70 -15.99 7.80
N SER A 1232 9.86 -15.78 8.41
CA SER A 1232 10.56 -16.82 9.16
C SER A 1232 10.91 -16.28 10.53
N LEU A 1233 11.69 -17.07 11.27
CA LEU A 1233 12.25 -16.63 12.54
C LEU A 1233 13.54 -17.39 12.77
N LEU A 1234 14.65 -16.65 12.87
CA LEU A 1234 15.97 -17.23 13.09
C LEU A 1234 16.56 -16.64 14.35
N ARG A 1235 17.35 -17.45 15.05
CA ARG A 1235 17.91 -17.07 16.35
C ARG A 1235 19.42 -17.26 16.32
N TYR A 1236 20.15 -16.23 16.77
CA TYR A 1236 21.60 -16.29 16.85
C TYR A 1236 22.02 -16.54 18.29
N GLN A 1237 22.65 -17.68 18.54
CA GLN A 1237 23.25 -17.96 19.83
C GLN A 1237 24.68 -17.43 19.82
N GLU A 1238 24.93 -16.41 20.64
CA GLU A 1238 26.22 -15.74 20.57
C GLU A 1238 27.37 -16.63 21.05
N GLU A 1239 27.13 -17.51 22.02
CA GLU A 1239 28.20 -18.32 22.57
C GLU A 1239 28.81 -19.23 21.49
N SER A 1240 27.98 -19.82 20.65
CA SER A 1240 28.43 -20.65 19.54
C SER A 1240 27.89 -20.07 18.25
N LYS A 1241 28.75 -19.94 17.24
CA LYS A 1241 28.39 -19.25 16.01
C LYS A 1241 27.45 -20.15 15.21
N THR A 1242 26.20 -20.19 15.65
CA THR A 1242 25.15 -20.96 14.99
C THR A 1242 23.92 -20.09 14.80
N LEU A 1243 23.32 -20.15 13.62
CA LEU A 1243 22.06 -19.49 13.31
C LEU A 1243 21.01 -20.57 13.12
N SER A 1244 19.93 -20.49 13.88
CA SER A 1244 18.93 -21.54 13.96
C SER A 1244 17.55 -20.99 13.63
N LEU A 1245 16.75 -21.79 12.92
CA LEU A 1245 15.39 -21.41 12.55
C LEU A 1245 14.46 -21.78 13.70
N VAL A 1246 13.97 -20.77 14.42
CA VAL A 1246 13.06 -21.03 15.54
C VAL A 1246 11.73 -21.58 15.03
N SER A 1247 11.16 -20.93 14.02
CA SER A 1247 9.84 -21.29 13.52
C SER A 1247 9.72 -20.75 12.10
N ARG A 1248 8.57 -21.01 11.48
CA ARG A 1248 8.33 -20.56 10.12
C ARG A 1248 6.86 -20.71 9.79
N ASP A 1249 6.25 -19.64 9.27
CA ASP A 1249 4.89 -19.72 8.77
C ASP A 1249 4.82 -20.75 7.64
N ALA A 1250 3.83 -21.63 7.70
CA ALA A 1250 3.76 -22.77 6.81
C ALA A 1250 2.92 -22.50 5.55
N LYS A 1251 2.29 -21.34 5.44
CA LYS A 1251 1.39 -21.09 4.31
C LYS A 1251 2.01 -20.08 3.34
N PRO A 1252 1.76 -20.21 2.04
CA PRO A 1252 2.25 -19.19 1.10
C PRO A 1252 1.62 -17.84 1.36
N LEU A 1253 2.40 -16.78 1.12
CA LEU A 1253 1.91 -15.43 1.31
C LEU A 1253 2.85 -14.42 0.67
N GLU A 1254 2.31 -13.50 -0.12
CA GLU A 1254 3.11 -12.45 -0.74
C GLU A 1254 3.27 -11.32 0.27
N VAL A 1255 4.42 -11.26 0.91
CA VAL A 1255 4.69 -10.29 1.96
C VAL A 1255 5.19 -8.99 1.32
N TYR A 1256 4.91 -7.88 2.00
CA TYR A 1256 5.44 -6.59 1.62
C TYR A 1256 6.52 -6.11 2.58
N SER A 1257 6.23 -6.10 3.87
CA SER A 1257 7.22 -5.72 4.88
C SER A 1257 6.90 -6.47 6.17
N VAL A 1258 7.83 -6.40 7.11
CA VAL A 1258 7.70 -7.05 8.41
C VAL A 1258 8.16 -6.09 9.49
N ASP A 1259 7.68 -6.32 10.70
CA ASP A 1259 8.11 -5.57 11.87
C ASP A 1259 7.78 -6.39 13.11
N PHE A 1260 7.84 -5.75 14.27
CA PHE A 1260 7.59 -6.41 15.54
C PHE A 1260 6.53 -5.65 16.32
N MET A 1261 5.54 -6.38 16.83
CA MET A 1261 4.58 -5.85 17.78
C MET A 1261 5.06 -6.23 19.17
N VAL A 1262 5.50 -5.25 19.94
CA VAL A 1262 6.15 -5.49 21.21
C VAL A 1262 5.16 -5.22 22.34
N ASP A 1263 4.90 -6.25 23.14
CA ASP A 1263 4.15 -6.15 24.37
C ASP A 1263 5.10 -6.40 25.54
N ASN A 1264 4.55 -6.42 26.76
CA ASN A 1264 5.39 -6.51 27.94
C ASN A 1264 6.32 -7.73 27.87
N ALA A 1265 5.75 -8.89 27.60
CA ALA A 1265 6.54 -10.12 27.54
C ALA A 1265 6.39 -10.86 26.23
N GLN A 1266 5.18 -10.91 25.66
CA GLN A 1266 4.98 -11.56 24.38
C GLN A 1266 5.42 -10.66 23.25
N LEU A 1267 5.82 -11.27 22.14
CA LEU A 1267 6.35 -10.56 20.99
C LEU A 1267 5.63 -11.05 19.75
N GLY A 1268 4.87 -10.16 19.10
CA GLY A 1268 4.18 -10.48 17.87
C GLY A 1268 4.93 -9.94 16.67
N PHE A 1269 4.77 -10.63 15.55
CA PHE A 1269 5.47 -10.29 14.30
C PHE A 1269 4.45 -9.72 13.31
N LEU A 1270 4.36 -8.40 13.28
CA LEU A 1270 3.42 -7.73 12.39
C LEU A 1270 3.87 -7.88 10.93
N VAL A 1271 2.95 -8.33 10.08
CA VAL A 1271 3.27 -8.65 8.69
C VAL A 1271 2.25 -7.95 7.80
N SER A 1272 2.73 -7.41 6.68
CA SER A 1272 1.87 -6.74 5.70
C SER A 1272 1.76 -7.60 4.44
N ASP A 1273 0.57 -7.59 3.86
CA ASP A 1273 0.23 -8.51 2.77
C ASP A 1273 0.00 -7.73 1.47
N ARG A 1274 0.06 -8.46 0.36
CA ARG A 1274 -0.25 -7.86 -0.93
C ARG A 1274 -1.68 -7.38 -0.99
N ASP A 1275 -2.60 -8.12 -0.39
CA ASP A 1275 -4.02 -7.78 -0.40
C ASP A 1275 -4.38 -6.73 0.62
N ARG A 1276 -3.40 -6.00 1.16
CA ARG A 1276 -3.64 -4.88 2.08
C ARG A 1276 -4.16 -5.36 3.43
N ASN A 1277 -3.54 -6.43 3.94
CA ASN A 1277 -3.92 -7.03 5.21
C ASN A 1277 -2.78 -6.88 6.22
N LEU A 1278 -3.14 -6.53 7.45
CA LEU A 1278 -2.20 -6.45 8.56
C LEU A 1278 -2.52 -7.56 9.56
N MET A 1279 -1.53 -8.39 9.87
CA MET A 1279 -1.72 -9.51 10.78
C MET A 1279 -0.52 -9.62 11.71
N VAL A 1280 -0.76 -10.20 12.88
CA VAL A 1280 0.26 -10.36 13.92
C VAL A 1280 0.42 -11.84 14.19
N TYR A 1281 1.63 -12.34 14.04
CA TYR A 1281 1.95 -13.74 14.34
C TYR A 1281 2.53 -13.87 15.74
N MET A 1282 2.79 -15.11 16.14
CA MET A 1282 3.34 -15.39 17.46
C MET A 1282 4.06 -16.73 17.41
N TYR A 1283 4.99 -16.91 18.34
CA TYR A 1283 5.72 -18.17 18.51
C TYR A 1283 5.30 -18.75 19.86
N LEU A 1284 4.33 -19.66 19.83
CA LEU A 1284 3.76 -20.25 21.04
C LEU A 1284 4.04 -21.75 21.03
N PRO A 1285 5.07 -22.23 21.73
CA PRO A 1285 5.42 -23.65 21.63
C PRO A 1285 4.48 -24.59 22.36
N GLU A 1286 3.63 -24.08 23.26
CA GLU A 1286 2.75 -24.91 24.06
C GLU A 1286 1.33 -24.95 23.53
N ALA A 1287 1.12 -24.65 22.25
CA ALA A 1287 -0.17 -24.80 21.60
C ALA A 1287 -0.17 -26.09 20.79
N LYS A 1288 -1.35 -26.49 20.31
CA LYS A 1288 -1.50 -27.71 19.55
C LYS A 1288 -1.24 -27.54 18.06
N GLU A 1289 -1.76 -26.47 17.47
CA GLU A 1289 -1.56 -26.25 16.03
C GLU A 1289 -0.08 -26.13 15.71
N SER A 1290 0.67 -25.40 16.52
CA SER A 1290 2.12 -25.36 16.44
C SER A 1290 2.67 -26.49 17.30
N PHE A 1291 3.31 -27.47 16.64
CA PHE A 1291 3.72 -28.68 17.35
C PHE A 1291 4.57 -28.33 18.57
N GLY A 1292 5.76 -27.78 18.34
CA GLY A 1292 6.62 -27.35 19.41
C GLY A 1292 7.10 -25.94 19.16
N GLY A 1293 6.20 -25.09 18.68
CA GLY A 1293 6.58 -23.80 18.15
C GLY A 1293 7.01 -23.84 16.70
N MET A 1294 6.88 -25.00 16.05
CA MET A 1294 7.31 -25.14 14.66
C MET A 1294 6.54 -24.19 13.76
N ARG A 1295 5.23 -24.03 13.99
CA ARG A 1295 4.43 -23.10 13.22
C ARG A 1295 4.30 -21.77 13.95
N LEU A 1296 4.10 -20.71 13.18
CA LEU A 1296 3.73 -19.41 13.71
C LEU A 1296 2.22 -19.25 13.57
N LEU A 1297 1.57 -18.82 14.63
CA LEU A 1297 0.12 -18.78 14.70
C LEU A 1297 -0.35 -17.33 14.69
N ARG A 1298 -1.23 -17.00 13.75
CA ARG A 1298 -1.77 -15.65 13.67
C ARG A 1298 -2.70 -15.40 14.86
N ARG A 1299 -2.51 -14.27 15.54
CA ARG A 1299 -3.35 -13.89 16.66
C ARG A 1299 -4.15 -12.62 16.40
N ALA A 1300 -3.86 -11.89 15.34
CA ALA A 1300 -4.59 -10.68 15.00
C ALA A 1300 -4.74 -10.61 13.49
N ASP A 1301 -5.76 -9.87 13.05
CA ASP A 1301 -6.08 -9.76 11.64
C ASP A 1301 -6.72 -8.40 11.38
N PHE A 1302 -6.44 -7.85 10.20
CA PHE A 1302 -6.97 -6.53 9.84
C PHE A 1302 -6.71 -6.31 8.37
N HIS A 1303 -7.70 -5.75 7.68
CA HIS A 1303 -7.57 -5.38 6.27
C HIS A 1303 -7.48 -3.87 6.19
N VAL A 1304 -6.25 -3.36 6.08
CA VAL A 1304 -6.06 -1.93 5.86
C VAL A 1304 -6.46 -1.58 4.43
N GLY A 1305 -6.87 -0.34 4.24
CA GLY A 1305 -7.30 0.11 2.94
C GLY A 1305 -6.19 0.51 2.00
N ALA A 1306 -4.94 0.26 2.35
CA ALA A 1306 -3.82 0.67 1.51
C ALA A 1306 -2.63 -0.26 1.75
N HIS A 1307 -1.76 -0.31 0.75
CA HIS A 1307 -0.53 -1.08 0.88
C HIS A 1307 0.42 -0.40 1.85
N VAL A 1308 1.09 -1.19 2.69
CA VAL A 1308 2.05 -0.70 3.67
C VAL A 1308 3.39 -1.35 3.36
N ASN A 1309 4.45 -0.54 3.36
CA ASN A 1309 5.78 -1.03 3.02
C ASN A 1309 6.84 -0.78 4.09
N THR A 1310 6.59 0.12 5.04
CA THR A 1310 7.59 0.45 6.05
C THR A 1310 6.94 0.61 7.41
N PHE A 1311 7.65 0.15 8.44
CA PHE A 1311 7.20 0.25 9.82
C PHE A 1311 8.27 0.95 10.64
N TRP A 1312 7.88 1.42 11.83
CA TRP A 1312 8.82 1.91 12.82
C TRP A 1312 8.08 2.05 14.14
N ARG A 1313 8.82 1.87 15.24
CA ARG A 1313 8.25 1.81 16.58
C ARG A 1313 8.64 3.05 17.38
N THR A 1314 7.73 3.51 18.23
CA THR A 1314 8.01 4.57 19.19
C THR A 1314 7.28 4.23 20.49
N PRO A 1315 7.95 4.32 21.64
CA PRO A 1315 7.28 3.95 22.89
C PRO A 1315 6.09 4.85 23.19
N CYS A 1316 5.09 4.28 23.84
CA CYS A 1316 3.94 5.06 24.25
C CYS A 1316 4.38 6.19 25.18
N ARG A 1317 3.78 7.36 24.98
CA ARG A 1317 4.09 8.52 25.81
C ARG A 1317 4.04 8.18 27.29
N TRP A 1330 0.67 0.35 29.39
CA TRP A 1330 1.65 1.04 28.56
C TRP A 1330 3.05 0.90 29.15
N GLU A 1331 3.21 -0.08 30.04
CA GLU A 1331 4.48 -0.20 30.77
C GLU A 1331 5.64 -0.45 29.82
N ASN A 1332 5.50 -1.43 28.92
CA ASN A 1332 6.58 -1.79 28.02
C ASN A 1332 6.06 -2.10 26.62
N LYS A 1333 4.98 -1.43 26.20
CA LYS A 1333 4.41 -1.62 24.88
C LYS A 1333 4.85 -0.50 23.94
N HIS A 1334 5.09 -0.86 22.69
CA HIS A 1334 5.55 0.07 21.67
C HIS A 1334 4.51 0.16 20.56
N ILE A 1335 4.30 1.38 20.06
CA ILE A 1335 3.48 1.56 18.87
C ILE A 1335 4.28 1.12 17.65
N THR A 1336 3.58 0.72 16.60
CA THR A 1336 4.19 0.27 15.35
C THR A 1336 3.59 1.08 14.21
N TRP A 1337 4.18 2.25 13.95
CA TRP A 1337 3.71 3.13 12.90
C TRP A 1337 4.02 2.54 11.53
N PHE A 1338 3.19 2.88 10.54
CA PHE A 1338 3.47 2.52 9.16
C PHE A 1338 3.00 3.66 8.26
N ALA A 1339 3.59 3.71 7.06
CA ALA A 1339 3.22 4.67 6.03
C ALA A 1339 2.77 3.89 4.80
N THR A 1340 1.53 4.09 4.40
CA THR A 1340 0.96 3.33 3.30
C THR A 1340 1.45 3.87 1.97
N LEU A 1341 1.35 3.03 0.94
CA LEU A 1341 1.88 3.36 -0.39
C LEU A 1341 1.02 4.37 -1.13
N ASP A 1342 0.06 5.00 -0.47
CA ASP A 1342 -0.76 6.05 -1.08
C ASP A 1342 -0.81 7.27 -0.17
N GLY A 1343 0.28 7.52 0.56
CA GLY A 1343 0.41 8.76 1.30
C GLY A 1343 -0.25 8.79 2.65
N GLY A 1344 -0.60 7.65 3.22
CA GLY A 1344 -1.23 7.59 4.52
C GLY A 1344 -0.26 7.10 5.59
N ILE A 1345 -0.56 7.45 6.84
CA ILE A 1345 0.22 7.02 7.99
C ILE A 1345 -0.74 6.54 9.07
N GLY A 1346 -0.51 5.34 9.59
CA GLY A 1346 -1.36 4.76 10.60
C GLY A 1346 -0.54 4.20 11.76
N LEU A 1347 -1.28 3.73 12.77
CA LEU A 1347 -0.70 3.17 13.98
C LEU A 1347 -1.19 1.76 14.18
N LEU A 1348 -0.59 1.07 15.14
CA LEU A 1348 -1.09 -0.22 15.63
C LEU A 1348 -0.69 -0.31 17.11
N LEU A 1349 -1.60 0.11 17.99
CA LEU A 1349 -1.30 0.24 19.41
C LEU A 1349 -1.80 -0.97 20.18
N PRO A 1350 -0.93 -1.73 20.84
CA PRO A 1350 -1.43 -2.86 21.64
C PRO A 1350 -2.41 -2.41 22.71
N MET A 1351 -3.18 -3.36 23.23
CA MET A 1351 -4.20 -3.08 24.23
C MET A 1351 -4.44 -4.30 25.10
N GLN A 1352 -5.06 -4.06 26.25
CA GLN A 1352 -5.36 -5.11 27.20
C GLN A 1352 -6.60 -5.91 26.78
N GLU A 1353 -6.73 -7.10 27.37
CA GLU A 1353 -7.86 -7.97 27.04
C GLU A 1353 -9.19 -7.30 27.39
N LYS A 1354 -9.28 -6.75 28.61
CA LYS A 1354 -10.52 -6.13 29.04
C LYS A 1354 -10.88 -4.95 28.13
N THR A 1355 -9.90 -4.10 27.82
CA THR A 1355 -10.17 -2.95 26.96
C THR A 1355 -10.61 -3.39 25.57
N TYR A 1356 -9.90 -4.33 24.97
CA TYR A 1356 -10.29 -4.80 23.65
C TYR A 1356 -11.69 -5.39 23.67
N ARG A 1357 -12.01 -6.21 24.67
CA ARG A 1357 -13.29 -6.88 24.68
C ARG A 1357 -14.44 -5.93 24.95
N ARG A 1358 -14.21 -4.91 25.78
CA ARG A 1358 -15.26 -3.93 26.06
C ARG A 1358 -15.38 -2.87 24.98
N LEU A 1359 -14.39 -2.75 24.09
CA LEU A 1359 -14.53 -1.90 22.93
C LEU A 1359 -15.02 -2.64 21.69
N LEU A 1360 -14.89 -3.97 21.66
CA LEU A 1360 -15.49 -4.72 20.55
C LEU A 1360 -17.00 -4.62 20.57
N MET A 1361 -17.61 -4.57 21.76
CA MET A 1361 -19.06 -4.39 21.83
C MET A 1361 -19.48 -3.05 21.24
N LEU A 1362 -18.75 -1.99 21.58
CA LEU A 1362 -19.04 -0.68 21.00
C LEU A 1362 -18.80 -0.68 19.51
N GLN A 1363 -17.77 -1.39 19.05
CA GLN A 1363 -17.51 -1.48 17.62
C GLN A 1363 -18.65 -2.17 16.89
N ASN A 1364 -19.16 -3.26 17.45
CA ASN A 1364 -20.29 -3.95 16.84
C ASN A 1364 -21.53 -3.07 16.81
N ALA A 1365 -21.78 -2.34 17.90
CA ALA A 1365 -22.92 -1.42 17.91
C ALA A 1365 -22.76 -0.34 16.84
N LEU A 1366 -21.55 0.20 16.69
CA LEU A 1366 -21.33 1.22 15.67
C LEU A 1366 -21.54 0.66 14.27
N THR A 1367 -21.04 -0.55 14.03
CA THR A 1367 -21.22 -1.17 12.71
C THR A 1367 -22.70 -1.38 12.42
N THR A 1368 -23.47 -1.82 13.42
CA THR A 1368 -24.85 -2.23 13.16
C THR A 1368 -25.80 -1.03 13.10
N MET A 1369 -25.77 -0.17 14.12
CA MET A 1369 -26.81 0.85 14.31
C MET A 1369 -26.38 2.23 13.84
N LEU A 1370 -25.58 2.31 12.77
CA LEU A 1370 -25.20 3.60 12.21
C LEU A 1370 -25.29 3.55 10.69
N PRO A 1371 -25.71 4.63 10.04
CA PRO A 1371 -25.70 4.67 8.57
C PRO A 1371 -24.35 5.13 8.05
N HIS A 1372 -23.81 4.41 7.08
CA HIS A 1372 -22.48 4.65 6.55
C HIS A 1372 -22.58 5.21 5.13
N HIS A 1373 -21.53 5.93 4.74
CA HIS A 1373 -21.51 6.58 3.44
C HIS A 1373 -21.59 5.54 2.32
N ALA A 1374 -22.46 5.80 1.35
CA ALA A 1374 -22.69 4.91 0.22
C ALA A 1374 -23.30 3.58 0.65
N GLY A 1375 -23.75 3.48 1.89
CA GLY A 1375 -24.36 2.25 2.36
C GLY A 1375 -23.41 1.09 2.53
N LEU A 1376 -22.13 1.35 2.76
CA LEU A 1376 -21.15 0.30 2.89
C LEU A 1376 -21.14 -0.27 4.31
N ASN A 1377 -20.40 -1.36 4.49
CA ASN A 1377 -20.31 -2.06 5.77
C ASN A 1377 -18.91 -1.93 6.33
N PRO A 1378 -18.74 -1.45 7.57
CA PRO A 1378 -17.38 -1.41 8.14
C PRO A 1378 -16.83 -2.79 8.43
N ARG A 1379 -17.63 -3.66 9.06
CA ARG A 1379 -17.12 -4.97 9.44
C ARG A 1379 -16.66 -5.76 8.23
N ALA A 1380 -17.45 -5.77 7.16
CA ALA A 1380 -17.08 -6.53 5.97
C ALA A 1380 -15.81 -5.96 5.33
N PHE A 1381 -15.58 -4.66 5.46
CA PHE A 1381 -14.39 -4.05 4.87
C PHE A 1381 -13.12 -4.60 5.51
N ARG A 1382 -13.13 -4.77 6.84
CA ARG A 1382 -11.92 -5.10 7.58
C ARG A 1382 -11.65 -6.60 7.66
N MET A 1383 -12.57 -7.45 7.23
CA MET A 1383 -12.31 -8.89 7.22
C MET A 1383 -11.15 -9.19 6.29
N LEU A 1384 -10.20 -9.99 6.76
CA LEU A 1384 -8.98 -10.25 6.01
C LEU A 1384 -9.33 -10.92 4.68
N HIS A 1385 -8.55 -10.58 3.65
CA HIS A 1385 -8.73 -11.09 2.28
C HIS A 1385 -10.20 -11.10 1.88
N ASN A 1393 -11.24 -18.45 9.64
CA ASN A 1393 -10.02 -17.98 9.00
C ASN A 1393 -9.63 -16.60 9.53
N ALA A 1394 -10.63 -15.75 9.74
CA ALA A 1394 -10.41 -14.40 10.22
C ALA A 1394 -10.49 -14.40 11.75
N VAL A 1395 -9.44 -13.89 12.37
CA VAL A 1395 -9.39 -13.71 13.83
C VAL A 1395 -9.26 -12.21 14.07
N ARG A 1396 -10.41 -11.54 14.21
CA ARG A 1396 -10.45 -10.08 14.29
C ARG A 1396 -10.12 -9.66 15.71
N ASN A 1397 -8.83 -9.53 15.98
CA ASN A 1397 -8.35 -9.05 17.28
C ASN A 1397 -7.85 -7.62 17.23
N VAL A 1398 -7.96 -6.96 16.09
CA VAL A 1398 -7.54 -5.57 15.92
C VAL A 1398 -8.80 -4.72 15.83
N LEU A 1399 -8.97 -3.80 16.76
CA LEU A 1399 -10.08 -2.87 16.68
C LEU A 1399 -9.86 -1.92 15.50
N ASP A 1400 -10.90 -1.14 15.19
CA ASP A 1400 -10.88 -0.19 14.09
C ASP A 1400 -11.01 1.21 14.68
N GLY A 1401 -9.89 1.90 14.83
CA GLY A 1401 -9.92 3.24 15.39
C GLY A 1401 -10.58 4.25 14.49
N GLU A 1402 -10.65 3.97 13.18
CA GLU A 1402 -11.36 4.87 12.27
C GLU A 1402 -12.86 4.75 12.45
N LEU A 1403 -13.37 3.52 12.62
CA LEU A 1403 -14.78 3.33 12.88
C LEU A 1403 -15.14 3.68 14.32
N LEU A 1404 -14.24 3.36 15.26
CA LEU A 1404 -14.47 3.72 16.66
C LEU A 1404 -14.53 5.23 16.87
N ASN A 1405 -13.85 6.01 16.02
CA ASN A 1405 -13.88 7.46 16.14
C ASN A 1405 -15.28 8.02 16.00
N ARG A 1406 -16.16 7.34 15.27
CA ARG A 1406 -17.52 7.84 15.07
C ARG A 1406 -18.31 7.87 16.36
N TYR A 1407 -17.84 7.20 17.41
CA TYR A 1407 -18.51 7.29 18.70
C TYR A 1407 -18.33 8.67 19.32
N LEU A 1408 -17.17 9.28 19.11
CA LEU A 1408 -16.95 10.64 19.58
C LEU A 1408 -17.78 11.64 18.78
N TYR A 1409 -18.00 11.34 17.50
CA TYR A 1409 -18.80 12.22 16.65
C TYR A 1409 -20.25 12.29 17.12
N LEU A 1410 -20.77 11.21 17.69
CA LEU A 1410 -22.17 11.16 18.07
C LEU A 1410 -22.48 12.17 19.17
N SER A 1411 -23.73 12.64 19.17
CA SER A 1411 -24.20 13.50 20.24
C SER A 1411 -24.09 12.79 21.59
N THR A 1412 -24.26 13.55 22.66
CA THR A 1412 -24.26 12.94 23.99
C THR A 1412 -25.44 12.00 24.16
N MET A 1413 -26.61 12.37 23.62
CA MET A 1413 -27.77 11.50 23.72
C MET A 1413 -27.54 10.17 22.99
N GLU A 1414 -27.01 10.23 21.78
CA GLU A 1414 -26.75 8.99 21.04
C GLU A 1414 -25.65 8.17 21.71
N ARG A 1415 -24.64 8.85 22.27
CA ARG A 1415 -23.61 8.14 23.01
C ARG A 1415 -24.20 7.39 24.19
N SER A 1416 -25.06 8.05 24.96
CA SER A 1416 -25.69 7.41 26.10
C SER A 1416 -26.56 6.24 25.66
N GLU A 1417 -27.33 6.41 24.58
CA GLU A 1417 -28.20 5.34 24.10
C GLU A 1417 -27.38 4.13 23.69
N LEU A 1418 -26.33 4.33 22.89
CA LEU A 1418 -25.52 3.21 22.44
C LEU A 1418 -24.78 2.55 23.61
N ALA A 1419 -24.29 3.35 24.56
CA ALA A 1419 -23.59 2.78 25.70
C ALA A 1419 -24.52 1.94 26.56
N LYS A 1420 -25.70 2.46 26.88
CA LYS A 1420 -26.67 1.66 27.62
C LYS A 1420 -27.08 0.42 26.84
N LYS A 1421 -27.11 0.52 25.51
CA LYS A 1421 -27.46 -0.64 24.70
C LYS A 1421 -26.40 -1.74 24.84
N ILE A 1422 -25.12 -1.38 24.73
CA ILE A 1422 -24.08 -2.40 24.75
C ILE A 1422 -23.74 -2.86 26.17
N GLY A 1423 -24.07 -2.09 27.19
CA GLY A 1423 -23.86 -2.52 28.56
C GLY A 1423 -22.60 -1.97 29.19
N THR A 1424 -22.22 -0.74 28.83
CA THR A 1424 -21.08 -0.06 29.42
C THR A 1424 -21.45 1.41 29.59
N THR A 1425 -20.63 2.14 30.38
CA THR A 1425 -21.01 3.53 30.60
C THR A 1425 -20.23 4.46 29.67
N PRO A 1426 -20.89 5.54 29.21
CA PRO A 1426 -20.22 6.43 28.24
C PRO A 1426 -18.91 7.00 28.74
N ASP A 1427 -18.81 7.33 30.03
CA ASP A 1427 -17.57 7.88 30.55
C ASP A 1427 -16.44 6.89 30.44
N ILE A 1428 -16.69 5.62 30.76
CA ILE A 1428 -15.65 4.60 30.66
C ILE A 1428 -15.25 4.40 29.21
N ILE A 1429 -16.24 4.38 28.31
CA ILE A 1429 -15.91 4.20 26.90
C ILE A 1429 -15.05 5.36 26.41
N LEU A 1430 -15.41 6.59 26.80
CA LEU A 1430 -14.59 7.75 26.43
C LEU A 1430 -13.18 7.63 26.99
N ASP A 1431 -13.06 7.26 28.26
CA ASP A 1431 -11.74 7.10 28.86
C ASP A 1431 -10.89 6.12 28.06
N ASP A 1432 -11.50 5.01 27.65
CA ASP A 1432 -10.76 4.04 26.84
C ASP A 1432 -10.40 4.62 25.48
N LEU A 1433 -11.29 5.44 24.92
CA LEU A 1433 -11.05 5.99 23.58
C LEU A 1433 -10.01 7.10 23.62
N LEU A 1434 -10.07 7.96 24.63
CA LEU A 1434 -9.19 9.13 24.67
C LEU A 1434 -7.76 8.78 25.05
N GLU A 1435 -7.55 7.71 25.82
CA GLU A 1435 -6.19 7.30 26.15
C GLU A 1435 -5.44 6.82 24.92
N THR A 1436 -6.14 6.17 23.99
CA THR A 1436 -5.51 5.74 22.74
C THR A 1436 -5.06 6.92 21.91
N ASP A 1437 -5.61 8.11 22.16
CA ASP A 1437 -5.11 9.34 21.53
C ASP A 1437 -4.03 10.01 22.37
N ARG A 1438 -4.15 9.94 23.70
CA ARG A 1438 -3.15 10.55 24.56
C ARG A 1438 -1.79 9.88 24.39
N VAL A 1439 -1.77 8.55 24.33
CA VAL A 1439 -0.50 7.83 24.18
C VAL A 1439 -0.06 7.71 22.73
N THR A 1440 -0.74 8.36 21.81
CA THR A 1440 -0.44 8.30 20.38
C THR A 1440 -0.29 9.72 19.82
N ALA A 1441 0.47 10.54 20.52
CA ALA A 1441 0.69 11.94 20.15
C ALA A 1441 2.16 12.22 19.92
N HIS A 1442 2.84 11.31 19.22
CA HIS A 1442 4.26 11.46 18.97
C HIS A 1442 4.50 12.40 17.78
N PHE A 1443 5.77 12.66 17.51
CA PHE A 1443 6.16 13.53 16.39
C PHE A 1443 5.57 14.93 16.55
N ARG B 56 27.39 -20.27 -20.03
CA ARG B 56 26.27 -21.17 -20.30
C ARG B 56 24.96 -20.53 -19.89
N LYS B 57 23.85 -21.17 -20.27
CA LYS B 57 22.52 -20.63 -19.98
C LYS B 57 22.32 -20.51 -18.47
N THR B 58 21.68 -19.42 -18.05
CA THR B 58 21.45 -19.15 -16.64
C THR B 58 20.25 -18.23 -16.53
N ILE B 59 19.08 -18.80 -16.22
CA ILE B 59 17.86 -18.03 -16.06
C ILE B 59 17.78 -17.60 -14.61
N ASP B 60 18.06 -16.33 -14.36
CA ASP B 60 18.03 -15.76 -13.01
C ASP B 60 16.74 -14.95 -12.85
N TYR B 61 16.01 -15.24 -11.79
CA TYR B 61 14.78 -14.51 -11.48
C TYR B 61 15.03 -13.31 -10.58
N ASN B 62 16.26 -13.11 -10.12
CA ASN B 62 16.53 -11.97 -9.25
C ASN B 62 16.32 -10.64 -9.95
N PRO B 63 16.79 -10.42 -11.19
CA PRO B 63 16.50 -9.14 -11.84
C PRO B 63 15.02 -8.86 -11.98
N SER B 64 14.23 -9.90 -12.32
CA SER B 64 12.80 -9.69 -12.49
C SER B 64 12.10 -9.45 -11.16
N VAL B 65 12.54 -10.15 -10.11
CA VAL B 65 11.94 -9.93 -8.80
C VAL B 65 12.29 -8.55 -8.27
N ILE B 66 13.51 -8.07 -8.54
CA ILE B 66 13.89 -6.73 -8.11
C ILE B 66 13.11 -5.68 -8.89
N LYS B 67 12.93 -5.90 -10.20
CA LYS B 67 12.15 -4.95 -10.99
C LYS B 67 10.70 -4.91 -10.51
N TYR B 68 10.12 -6.07 -10.19
CA TYR B 68 8.77 -6.10 -9.66
C TYR B 68 8.69 -5.42 -8.30
N LEU B 69 9.70 -5.63 -7.45
CA LEU B 69 9.71 -4.97 -6.15
C LEU B 69 9.81 -3.46 -6.31
N GLU B 70 10.51 -3.01 -7.35
CA GLU B 70 10.58 -1.58 -7.65
C GLU B 70 9.23 -1.06 -8.12
N ASN B 71 8.57 -1.79 -9.02
CA ASN B 71 7.29 -1.34 -9.56
C ASN B 71 6.21 -1.33 -8.49
N ARG B 72 6.18 -2.33 -7.62
CA ARG B 72 5.14 -2.43 -6.59
C ARG B 72 4.89 -1.09 -5.89
N ILE B 73 5.91 -0.24 -5.81
CA ILE B 73 5.79 0.96 -4.97
C ILE B 73 4.83 1.96 -5.61
N TRP B 74 4.88 2.11 -6.93
CA TRP B 74 4.11 3.15 -7.61
C TRP B 74 3.08 2.60 -8.59
N GLN B 75 3.06 1.30 -8.86
CA GLN B 75 2.05 0.68 -9.70
C GLN B 75 1.08 -0.10 -8.83
N ARG B 76 -0.20 0.29 -8.86
CA ARG B 76 -1.20 -0.32 -8.01
C ARG B 76 -1.84 -1.55 -8.63
N ASP B 77 -1.83 -1.66 -9.95
CA ASP B 77 -2.35 -2.84 -10.65
C ASP B 77 -1.58 -2.97 -11.96
N GLN B 78 -2.14 -3.76 -12.88
CA GLN B 78 -1.63 -3.80 -14.25
C GLN B 78 -1.93 -2.52 -15.01
N ARG B 79 -2.95 -1.77 -14.59
CA ARG B 79 -3.34 -0.55 -15.31
C ARG B 79 -2.25 0.52 -15.26
N ASP B 80 -1.33 0.45 -14.30
CA ASP B 80 -0.19 1.35 -14.26
C ASP B 80 1.08 0.76 -14.84
N MET B 81 1.05 -0.50 -15.27
CA MET B 81 2.27 -1.12 -15.77
C MET B 81 2.60 -0.58 -17.15
N ARG B 82 3.77 0.04 -17.28
CA ARG B 82 4.22 0.52 -18.57
C ARG B 82 4.41 -0.65 -19.51
N ALA B 83 4.03 -0.45 -20.77
CA ALA B 83 3.96 -1.56 -21.72
C ALA B 83 5.35 -2.04 -22.09
N ILE B 84 5.62 -3.32 -21.81
CA ILE B 84 6.83 -3.94 -22.32
C ILE B 84 6.72 -4.03 -23.83
N GLN B 85 7.78 -3.61 -24.52
CA GLN B 85 7.66 -3.55 -25.97
C GLN B 85 8.34 -4.75 -26.62
N PRO B 86 7.86 -5.18 -27.78
CA PRO B 86 8.49 -6.31 -28.46
C PRO B 86 9.80 -5.91 -29.15
N ASP B 87 10.76 -5.42 -28.37
CA ASP B 87 12.05 -5.02 -28.88
C ASP B 87 13.15 -5.72 -28.07
N ALA B 88 14.25 -6.05 -28.75
CA ALA B 88 15.31 -6.82 -28.12
C ALA B 88 16.02 -6.07 -27.00
N GLY B 89 15.85 -4.76 -26.91
CA GLY B 89 16.55 -3.97 -25.92
C GLY B 89 15.75 -3.77 -24.64
N TYR B 90 14.75 -4.61 -24.43
CA TYR B 90 13.86 -4.52 -23.28
C TYR B 90 14.04 -5.73 -22.37
N TYR B 91 15.30 -6.06 -22.08
CA TYR B 91 15.61 -7.23 -21.26
C TYR B 91 15.28 -7.02 -19.79
N ASN B 92 15.37 -5.78 -19.30
CA ASN B 92 15.22 -5.49 -17.89
C ASN B 92 13.79 -5.09 -17.50
N ASP B 93 12.86 -5.10 -18.45
CA ASP B 93 11.49 -4.68 -18.17
C ASP B 93 10.60 -5.83 -17.69
N LEU B 94 11.12 -7.04 -17.63
CA LEU B 94 10.32 -8.19 -17.22
C LEU B 94 10.01 -8.14 -15.73
N VAL B 95 8.92 -8.80 -15.36
CA VAL B 95 8.61 -9.07 -13.96
C VAL B 95 8.11 -10.51 -13.87
N PRO B 96 8.17 -11.11 -12.68
CA PRO B 96 7.68 -12.48 -12.55
C PRO B 96 6.18 -12.53 -12.69
N PRO B 97 5.60 -13.71 -12.96
CA PRO B 97 4.15 -13.80 -13.13
C PRO B 97 3.35 -13.15 -12.01
N ILE B 98 3.99 -12.92 -10.86
CA ILE B 98 3.32 -12.23 -9.77
C ILE B 98 3.01 -10.78 -10.15
N GLY B 99 3.88 -10.15 -10.93
CA GLY B 99 3.67 -8.78 -11.36
C GLY B 99 2.57 -8.66 -12.39
N MET B 100 2.72 -9.35 -13.52
CA MET B 100 1.71 -9.39 -14.56
C MET B 100 0.72 -10.51 -14.24
N LEU B 101 -0.36 -10.17 -13.54
CA LEU B 101 -1.31 -11.13 -13.01
C LEU B 101 -2.55 -11.30 -13.89
N ASN B 102 -3.06 -10.22 -14.46
CA ASN B 102 -4.25 -10.29 -15.32
C ASN B 102 -3.90 -10.54 -16.77
N ASN B 103 -2.64 -10.86 -17.07
CA ASN B 103 -2.23 -11.33 -18.39
C ASN B 103 -1.50 -12.64 -18.17
N PRO B 104 -2.23 -13.73 -17.93
CA PRO B 104 -1.59 -15.05 -17.80
C PRO B 104 -0.86 -15.48 -19.04
N MET B 105 -0.93 -14.71 -20.12
CA MET B 105 -0.31 -15.12 -21.37
C MET B 105 1.19 -15.23 -21.21
N ASN B 106 1.76 -14.43 -20.30
CA ASN B 106 3.19 -14.33 -20.15
C ASN B 106 3.81 -15.66 -19.73
N ALA B 107 3.18 -16.36 -18.80
CA ALA B 107 3.72 -17.63 -18.32
C ALA B 107 3.23 -18.78 -19.19
N VAL B 108 3.33 -18.59 -20.50
CA VAL B 108 3.21 -19.68 -21.47
C VAL B 108 4.65 -19.98 -21.85
N THR B 109 5.30 -20.80 -21.05
CA THR B 109 6.75 -20.99 -21.12
C THR B 109 7.05 -21.84 -22.34
N THR B 110 7.29 -21.16 -23.46
CA THR B 110 7.63 -21.83 -24.71
C THR B 110 9.08 -21.63 -25.12
N LYS B 111 9.85 -20.84 -24.37
CA LYS B 111 11.28 -20.73 -24.64
C LYS B 111 12.01 -21.91 -24.03
N PHE B 112 13.00 -22.42 -24.76
CA PHE B 112 13.76 -23.60 -24.35
C PHE B 112 15.09 -23.15 -23.77
N VAL B 113 15.40 -23.64 -22.57
CA VAL B 113 16.59 -23.21 -21.85
C VAL B 113 17.69 -24.27 -21.96
N ARG B 114 17.45 -25.47 -21.44
CA ARG B 114 18.39 -26.56 -21.66
C ARG B 114 17.74 -27.90 -21.32
N THR B 115 18.29 -28.94 -21.94
CA THR B 115 17.84 -30.31 -21.73
C THR B 115 18.75 -30.99 -20.72
N SER B 116 18.17 -31.44 -19.61
CA SER B 116 18.94 -32.03 -18.52
C SER B 116 18.84 -33.55 -18.60
N THR B 117 19.97 -34.19 -18.85
CA THR B 117 20.03 -35.64 -18.98
C THR B 117 21.06 -36.19 -18.00
N ASN B 118 20.85 -37.43 -17.58
CA ASN B 118 21.76 -38.12 -16.69
C ASN B 118 22.76 -38.94 -17.50
N LYS B 119 23.73 -39.53 -16.82
CA LYS B 119 24.60 -40.51 -17.42
C LYS B 119 24.05 -41.94 -17.29
N VAL B 120 22.99 -42.12 -16.51
CA VAL B 120 22.37 -43.44 -16.40
C VAL B 120 21.40 -43.67 -17.55
N LYS B 121 20.75 -42.61 -18.06
CA LYS B 121 19.84 -42.71 -19.19
C LYS B 121 18.67 -43.65 -18.90
N CYS B 122 17.86 -43.26 -17.93
CA CYS B 122 16.64 -43.98 -17.60
C CYS B 122 15.44 -43.03 -17.66
N PRO B 123 14.28 -43.51 -18.10
CA PRO B 123 13.13 -42.61 -18.27
C PRO B 123 12.74 -41.94 -16.97
N VAL B 124 12.30 -40.69 -17.06
CA VAL B 124 11.96 -39.89 -15.90
C VAL B 124 10.46 -40.00 -15.65
N PHE B 125 10.09 -40.54 -14.49
CA PHE B 125 8.69 -40.77 -14.15
C PHE B 125 8.11 -39.67 -13.27
N VAL B 126 8.93 -38.86 -12.62
CA VAL B 126 8.44 -37.79 -11.76
C VAL B 126 9.53 -36.76 -11.59
N VAL B 127 9.17 -35.48 -11.74
CA VAL B 127 10.05 -34.35 -11.51
C VAL B 127 9.35 -33.41 -10.54
N ARG B 128 10.09 -32.94 -9.54
CA ARG B 128 9.49 -32.09 -8.53
C ARG B 128 10.53 -31.06 -8.07
N TRP B 129 10.07 -29.84 -7.84
CA TRP B 129 10.93 -28.75 -7.42
C TRP B 129 10.97 -28.67 -5.90
N THR B 130 12.16 -28.45 -5.36
CA THR B 130 12.29 -28.23 -3.93
C THR B 130 11.42 -27.05 -3.53
N PRO B 131 10.79 -27.07 -2.35
CA PRO B 131 9.81 -26.02 -2.01
C PRO B 131 10.35 -24.61 -2.18
N GLU B 132 11.63 -24.38 -1.90
CA GLU B 132 12.24 -23.07 -2.15
C GLU B 132 12.68 -22.90 -3.60
N GLY B 133 12.60 -23.94 -4.41
CA GLY B 133 13.05 -23.86 -5.79
C GLY B 133 14.55 -23.97 -5.95
N ARG B 134 15.29 -24.19 -4.87
CA ARG B 134 16.75 -24.22 -4.95
C ARG B 134 17.25 -25.25 -5.94
N ARG B 135 16.52 -26.35 -6.11
CA ARG B 135 16.94 -27.38 -7.05
C ARG B 135 15.72 -28.20 -7.45
N LEU B 136 15.86 -28.90 -8.58
CA LEU B 136 14.82 -29.78 -9.08
C LEU B 136 15.27 -31.22 -8.89
N VAL B 137 14.43 -32.02 -8.23
CA VAL B 137 14.69 -33.44 -8.01
C VAL B 137 13.99 -34.22 -9.11
N THR B 138 14.61 -35.30 -9.56
CA THR B 138 14.13 -36.08 -10.69
C THR B 138 14.12 -37.55 -10.34
N GLY B 139 12.92 -38.11 -10.21
CA GLY B 139 12.78 -39.54 -9.94
C GLY B 139 12.78 -40.37 -11.20
N ALA B 140 13.90 -41.04 -11.47
CA ALA B 140 14.04 -41.81 -12.69
C ALA B 140 13.40 -43.18 -12.52
N SER B 141 13.64 -44.08 -13.48
CA SER B 141 13.11 -45.44 -13.43
C SER B 141 14.07 -46.41 -12.74
N SER B 142 15.23 -45.95 -12.30
CA SER B 142 16.19 -46.78 -11.60
C SER B 142 16.25 -46.48 -10.11
N GLY B 143 15.35 -45.64 -9.61
CA GLY B 143 15.39 -45.21 -8.23
C GLY B 143 16.26 -44.00 -7.99
N GLU B 144 16.98 -43.52 -9.00
CA GLU B 144 17.91 -42.41 -8.80
C GLU B 144 17.16 -41.13 -8.47
N PHE B 145 17.76 -40.32 -7.62
CA PHE B 145 17.26 -38.99 -7.29
C PHE B 145 18.31 -37.99 -7.77
N THR B 146 18.26 -37.64 -9.05
CA THR B 146 19.15 -36.62 -9.57
C THR B 146 18.65 -35.24 -9.15
N LEU B 147 19.57 -34.40 -8.71
CA LEU B 147 19.26 -33.05 -8.27
C LEU B 147 19.94 -32.06 -9.20
N TRP B 148 19.18 -31.09 -9.71
CA TRP B 148 19.68 -30.08 -10.62
C TRP B 148 19.55 -28.71 -9.99
N ASN B 149 20.48 -27.83 -10.33
CA ASN B 149 20.45 -26.48 -9.78
C ASN B 149 19.14 -25.79 -10.14
N GLY B 150 18.76 -24.81 -9.34
CA GLY B 150 17.54 -24.05 -9.57
C GLY B 150 17.74 -22.73 -10.27
N LEU B 151 18.97 -22.37 -10.58
CA LEU B 151 19.30 -21.12 -11.27
C LEU B 151 20.10 -21.34 -12.53
N THR B 152 20.97 -22.34 -12.56
CA THR B 152 21.72 -22.70 -13.75
C THR B 152 21.39 -24.12 -14.23
N PHE B 153 20.47 -24.81 -13.57
CA PHE B 153 20.03 -26.15 -13.98
C PHE B 153 21.20 -27.05 -14.35
N ASN B 154 22.12 -27.20 -13.41
CA ASN B 154 23.31 -28.02 -13.58
C ASN B 154 23.34 -29.15 -12.56
N PHE B 155 23.94 -30.26 -12.97
CA PHE B 155 24.01 -31.46 -12.14
C PHE B 155 24.63 -31.15 -10.79
N GLU B 156 24.01 -31.65 -9.72
CA GLU B 156 24.52 -31.49 -8.37
C GLU B 156 24.91 -32.82 -7.73
N THR B 157 23.99 -33.79 -7.67
CA THR B 157 24.27 -35.05 -7.00
C THR B 157 23.21 -36.08 -7.40
N ILE B 158 23.65 -37.33 -7.52
CA ILE B 158 22.79 -38.44 -7.93
C ILE B 158 22.80 -39.48 -6.82
N LEU B 159 21.63 -39.83 -6.33
CA LEU B 159 21.46 -40.75 -5.21
C LEU B 159 20.90 -42.07 -5.71
N GLN B 160 20.67 -42.99 -4.77
CA GLN B 160 20.00 -44.25 -5.01
C GLN B 160 18.96 -44.40 -3.91
N ALA B 161 17.77 -43.85 -4.15
CA ALA B 161 16.72 -43.81 -3.14
C ALA B 161 15.98 -45.15 -3.05
N HIS B 162 15.41 -45.58 -4.17
CA HIS B 162 14.57 -46.78 -4.20
C HIS B 162 15.23 -47.86 -5.06
N ASP B 163 14.94 -49.11 -4.72
CA ASP B 163 15.37 -50.24 -5.54
C ASP B 163 14.51 -50.38 -6.78
N SER B 164 13.25 -49.96 -6.73
CA SER B 164 12.31 -50.04 -7.84
C SER B 164 12.00 -48.66 -8.39
N PRO B 165 11.49 -48.57 -9.61
CA PRO B 165 11.26 -47.26 -10.24
C PRO B 165 10.41 -46.36 -9.36
N VAL B 166 10.80 -45.08 -9.32
CA VAL B 166 10.05 -44.10 -8.55
C VAL B 166 8.83 -43.68 -9.35
N ARG B 167 7.67 -43.59 -8.68
CA ARG B 167 6.43 -43.21 -9.32
C ARG B 167 5.71 -42.05 -8.65
N ALA B 168 5.96 -41.80 -7.38
CA ALA B 168 5.34 -40.68 -6.67
C ALA B 168 6.42 -39.90 -5.93
N MET B 169 6.23 -38.59 -5.85
CA MET B 169 7.16 -37.74 -5.11
C MET B 169 6.40 -36.46 -4.76
N THR B 170 6.04 -36.32 -3.49
CA THR B 170 5.25 -35.18 -3.03
C THR B 170 5.99 -34.54 -1.86
N TRP B 171 6.31 -33.26 -2.00
CA TRP B 171 6.87 -32.50 -0.90
C TRP B 171 5.75 -32.05 0.02
N SER B 172 5.93 -32.27 1.31
CA SER B 172 4.89 -31.93 2.27
C SER B 172 4.46 -30.48 2.13
N HIS B 173 3.28 -30.16 2.65
CA HIS B 173 2.76 -28.80 2.55
C HIS B 173 3.65 -27.81 3.27
N ASN B 174 4.50 -28.29 4.17
CA ASN B 174 5.64 -27.56 4.69
C ASN B 174 6.90 -28.15 4.09
N ASP B 175 7.97 -27.36 4.09
CA ASP B 175 9.20 -27.77 3.42
C ASP B 175 9.79 -29.06 3.98
N MET B 176 9.42 -29.44 5.21
CA MET B 176 10.23 -30.40 5.96
C MET B 176 10.37 -31.74 5.23
N TRP B 177 9.26 -32.34 4.82
CA TRP B 177 9.25 -33.75 4.44
C TRP B 177 8.98 -33.91 2.95
N MET B 178 9.41 -35.05 2.40
CA MET B 178 9.24 -35.34 0.99
C MET B 178 9.00 -36.83 0.83
N LEU B 179 7.72 -37.22 0.76
CA LEU B 179 7.33 -38.59 0.52
C LEU B 179 7.65 -39.00 -0.91
N THR B 180 7.86 -40.30 -1.10
CA THR B 180 8.04 -40.90 -2.41
C THR B 180 7.34 -42.26 -2.42
N ALA B 181 7.54 -43.01 -3.49
CA ALA B 181 6.96 -44.34 -3.62
C ALA B 181 7.50 -44.97 -4.89
N ASP B 182 7.62 -46.30 -4.88
CA ASP B 182 8.23 -46.99 -6.00
C ASP B 182 7.37 -48.13 -6.51
N HIS B 183 7.84 -48.79 -7.57
CA HIS B 183 7.07 -49.87 -8.19
C HIS B 183 6.83 -51.02 -7.22
N GLY B 184 7.68 -51.19 -6.22
CA GLY B 184 7.51 -52.25 -5.24
C GLY B 184 6.54 -51.94 -4.13
N GLY B 185 6.00 -50.73 -4.09
CA GLY B 185 5.05 -50.36 -3.07
C GLY B 185 5.64 -49.70 -1.85
N TYR B 186 6.97 -49.67 -1.72
CA TYR B 186 7.61 -49.08 -0.56
C TYR B 186 7.43 -47.57 -0.55
N VAL B 187 7.28 -47.01 0.63
CA VAL B 187 7.17 -45.58 0.83
C VAL B 187 8.31 -45.14 1.74
N LYS B 188 8.90 -43.99 1.45
CA LYS B 188 10.06 -43.51 2.18
C LYS B 188 9.86 -42.05 2.56
N TYR B 189 10.50 -41.65 3.65
CA TYR B 189 10.48 -40.28 4.13
C TYR B 189 11.87 -39.67 3.99
N TRP B 190 11.91 -38.41 3.56
CA TRP B 190 13.16 -37.72 3.30
C TRP B 190 13.15 -36.36 3.98
N GLN B 191 14.34 -35.92 4.36
CA GLN B 191 14.56 -34.58 4.90
C GLN B 191 15.03 -33.66 3.78
N SER B 192 15.04 -32.37 4.07
CA SER B 192 15.46 -31.39 3.06
C SER B 192 16.92 -31.56 2.66
N ASN B 193 17.72 -32.30 3.43
CA ASN B 193 19.09 -32.63 3.08
C ASN B 193 19.20 -33.99 2.42
N MET B 194 18.09 -34.51 1.89
CA MET B 194 18.08 -35.74 1.10
C MET B 194 18.53 -36.94 1.91
N ASN B 195 18.33 -36.90 3.23
CA ASN B 195 18.64 -38.02 4.12
C ASN B 195 17.36 -38.80 4.39
N ASN B 196 17.36 -40.08 4.06
CA ASN B 196 16.20 -40.92 4.32
C ASN B 196 16.02 -41.12 5.81
N VAL B 197 14.77 -41.05 6.27
CA VAL B 197 14.43 -41.04 7.68
C VAL B 197 13.69 -42.29 8.10
N LYS B 198 12.82 -42.82 7.23
CA LYS B 198 12.04 -44.02 7.54
C LYS B 198 11.56 -44.63 6.23
N MET B 199 11.37 -45.95 6.24
CA MET B 199 10.89 -46.67 5.07
C MET B 199 9.99 -47.81 5.51
N PHE B 200 8.93 -48.06 4.73
CA PHE B 200 8.05 -49.19 4.97
C PHE B 200 7.30 -49.51 3.69
N GLN B 201 6.68 -50.69 3.67
CA GLN B 201 5.87 -51.12 2.54
C GLN B 201 4.42 -50.71 2.81
N ALA B 202 3.92 -49.77 2.01
CA ALA B 202 2.55 -49.30 2.17
C ALA B 202 1.56 -50.22 1.46
N HIS B 203 1.78 -50.45 0.17
CA HIS B 203 0.98 -51.37 -0.63
C HIS B 203 1.84 -52.53 -1.09
N LYS B 204 1.17 -53.59 -1.54
CA LYS B 204 1.85 -54.74 -2.12
C LYS B 204 2.02 -54.63 -3.62
N GLU B 205 1.54 -53.55 -4.23
CA GLU B 205 1.67 -53.31 -5.66
C GLU B 205 2.06 -51.86 -5.89
N ALA B 206 2.64 -51.61 -7.07
CA ALA B 206 3.22 -50.31 -7.37
C ALA B 206 2.28 -49.18 -7.00
N ILE B 207 2.80 -48.22 -6.24
CA ILE B 207 2.04 -47.01 -5.89
C ILE B 207 2.21 -46.02 -7.03
N ARG B 208 1.08 -45.50 -7.52
CA ARG B 208 1.10 -44.59 -8.66
C ARG B 208 1.06 -43.12 -8.25
N GLU B 209 0.77 -42.82 -6.99
CA GLU B 209 0.73 -41.45 -6.53
C GLU B 209 0.55 -41.43 -5.02
N ALA B 210 0.94 -40.31 -4.40
CA ALA B 210 0.77 -40.11 -2.98
C ALA B 210 0.55 -38.63 -2.73
N SER B 211 -0.49 -38.30 -1.97
CA SER B 211 -0.89 -36.92 -1.77
C SER B 211 -1.11 -36.65 -0.28
N PHE B 212 -0.56 -35.54 0.19
CA PHE B 212 -0.67 -35.13 1.58
C PHE B 212 -1.98 -34.43 1.85
N SER B 213 -2.38 -34.40 3.12
CA SER B 213 -3.56 -33.69 3.55
C SER B 213 -3.26 -32.22 3.77
N PRO B 214 -4.28 -31.37 3.90
CA PRO B 214 -4.01 -29.96 4.24
C PRO B 214 -3.05 -29.80 5.40
N THR B 215 -3.22 -30.59 6.45
CA THR B 215 -2.24 -30.73 7.51
C THR B 215 -1.60 -32.10 7.36
N ASP B 216 -0.28 -32.13 7.26
CA ASP B 216 0.45 -33.26 6.70
C ASP B 216 0.42 -34.52 7.56
N ASN B 217 -0.37 -34.58 8.63
CA ASN B 217 -0.40 -35.77 9.46
C ASN B 217 -0.86 -37.02 8.72
N LYS B 218 -1.53 -36.88 7.57
CA LYS B 218 -2.04 -38.02 6.83
C LYS B 218 -1.79 -37.83 5.34
N PHE B 219 -1.52 -38.93 4.65
CA PHE B 219 -1.38 -38.93 3.21
C PHE B 219 -2.10 -40.14 2.65
N ALA B 220 -2.54 -40.04 1.39
CA ALA B 220 -3.25 -41.10 0.71
C ALA B 220 -2.44 -41.59 -0.47
N THR B 221 -2.48 -42.91 -0.70
CA THR B 221 -1.74 -43.51 -1.80
C THR B 221 -2.67 -44.41 -2.61
N CYS B 222 -2.30 -44.63 -3.86
CA CYS B 222 -3.06 -45.47 -4.77
C CYS B 222 -2.12 -46.47 -5.43
N SER B 223 -2.63 -47.69 -5.64
CA SER B 223 -1.79 -48.78 -6.14
C SER B 223 -2.49 -49.49 -7.29
N ASP B 224 -1.69 -50.26 -8.03
CA ASP B 224 -2.23 -51.15 -9.06
C ASP B 224 -3.08 -52.27 -8.46
N ASP B 225 -3.03 -52.48 -7.14
CA ASP B 225 -3.88 -53.46 -6.49
C ASP B 225 -5.35 -53.11 -6.56
N GLY B 226 -5.69 -51.88 -6.94
CA GLY B 226 -7.08 -51.48 -7.08
C GLY B 226 -7.68 -50.83 -5.87
N THR B 227 -6.87 -50.39 -4.91
CA THR B 227 -7.37 -49.80 -3.68
C THR B 227 -6.62 -48.51 -3.38
N VAL B 228 -7.26 -47.64 -2.61
CA VAL B 228 -6.66 -46.41 -2.12
C VAL B 228 -6.60 -46.50 -0.61
N ARG B 229 -5.41 -46.34 -0.04
CA ARG B 229 -5.21 -46.43 1.39
C ARG B 229 -4.83 -45.08 1.95
N ILE B 230 -5.14 -44.87 3.22
CA ILE B 230 -4.88 -43.61 3.90
C ILE B 230 -4.10 -43.91 5.17
N TRP B 231 -2.92 -43.30 5.29
CA TRP B 231 -1.96 -43.61 6.33
C TRP B 231 -1.82 -42.46 7.32
N ASP B 232 -1.31 -42.79 8.50
CA ASP B 232 -0.93 -41.80 9.49
C ASP B 232 0.55 -41.49 9.35
N PHE B 233 0.86 -40.20 9.29
CA PHE B 233 2.22 -39.77 8.97
C PHE B 233 3.23 -40.33 9.96
N LEU B 234 3.12 -39.93 11.23
CA LEU B 234 4.15 -40.27 12.21
C LEU B 234 4.13 -41.75 12.55
N ARG B 235 2.94 -42.30 12.84
CA ARG B 235 2.86 -43.71 13.21
C ARG B 235 3.11 -44.65 12.04
N CYS B 236 2.94 -44.19 10.80
CA CYS B 236 3.18 -45.01 9.62
C CYS B 236 2.34 -46.27 9.64
N HIS B 237 1.09 -46.14 10.08
CA HIS B 237 0.16 -47.25 10.20
C HIS B 237 -1.07 -46.96 9.35
N GLU B 238 -1.46 -47.92 8.53
CA GLU B 238 -2.63 -47.74 7.67
C GLU B 238 -3.87 -47.53 8.54
N GLU B 239 -4.76 -46.65 8.06
CA GLU B 239 -6.01 -46.41 8.76
C GLU B 239 -7.18 -47.16 8.13
N ARG B 240 -7.41 -46.97 6.83
CA ARG B 240 -8.53 -47.60 6.15
C ARG B 240 -8.18 -47.79 4.69
N ILE B 241 -8.74 -48.85 4.11
CA ILE B 241 -8.58 -49.17 2.69
C ILE B 241 -9.85 -48.72 1.98
N LEU B 242 -9.70 -47.80 1.03
CA LEU B 242 -10.84 -47.25 0.29
C LEU B 242 -11.07 -48.09 -0.97
N ARG B 243 -11.67 -49.25 -0.76
CA ARG B 243 -11.94 -50.18 -1.84
C ARG B 243 -13.22 -49.81 -2.58
N GLY B 244 -13.31 -50.20 -3.84
CA GLY B 244 -14.52 -49.99 -4.62
C GLY B 244 -14.28 -49.66 -6.08
N HIS B 245 -13.03 -49.36 -6.46
CA HIS B 245 -12.77 -48.99 -7.85
C HIS B 245 -12.78 -50.22 -8.76
N GLY B 246 -12.19 -51.33 -8.31
CA GLY B 246 -12.22 -52.56 -9.06
C GLY B 246 -11.13 -52.75 -10.08
N ALA B 247 -10.28 -51.75 -10.29
CA ALA B 247 -9.16 -51.88 -11.22
C ALA B 247 -8.08 -50.88 -10.82
N ASP B 248 -6.99 -50.87 -11.58
CA ASP B 248 -5.82 -50.08 -11.23
C ASP B 248 -6.20 -48.62 -11.05
N VAL B 249 -5.73 -48.03 -9.95
CA VAL B 249 -5.89 -46.60 -9.68
C VAL B 249 -4.62 -45.89 -10.11
N LYS B 250 -4.76 -44.88 -10.96
CA LYS B 250 -3.61 -44.20 -11.53
C LYS B 250 -3.39 -42.79 -10.99
N CYS B 251 -4.25 -42.30 -10.10
CA CYS B 251 -4.02 -41.01 -9.49
C CYS B 251 -4.88 -40.85 -8.26
N VAL B 252 -4.41 -40.01 -7.34
CA VAL B 252 -5.14 -39.63 -6.14
C VAL B 252 -4.69 -38.23 -5.75
N ASP B 253 -5.65 -37.39 -5.38
CA ASP B 253 -5.34 -36.02 -5.00
C ASP B 253 -6.19 -35.64 -3.81
N TRP B 254 -5.54 -35.32 -2.69
CA TRP B 254 -6.24 -34.86 -1.51
C TRP B 254 -6.68 -33.42 -1.69
N HIS B 255 -7.95 -33.15 -1.46
CA HIS B 255 -8.47 -31.81 -1.68
C HIS B 255 -7.69 -30.81 -0.83
N PRO B 256 -7.46 -29.59 -1.33
CA PRO B 256 -6.67 -28.62 -0.54
C PRO B 256 -7.16 -28.45 0.88
N THR B 257 -8.45 -28.21 1.10
CA THR B 257 -8.96 -27.89 2.43
C THR B 257 -10.04 -28.86 2.92
N LYS B 258 -11.07 -29.11 2.11
CA LYS B 258 -12.26 -29.81 2.61
C LYS B 258 -11.95 -31.22 3.11
N GLY B 259 -10.92 -31.87 2.58
CA GLY B 259 -10.61 -33.21 3.01
C GLY B 259 -11.30 -34.26 2.18
N LEU B 260 -11.19 -34.15 0.86
CA LEU B 260 -11.65 -35.15 -0.09
C LEU B 260 -10.46 -35.98 -0.56
N VAL B 261 -10.76 -37.10 -1.20
CA VAL B 261 -9.76 -37.93 -1.86
C VAL B 261 -10.39 -38.40 -3.15
N VAL B 262 -10.04 -37.75 -4.25
CA VAL B 262 -10.50 -38.14 -5.58
C VAL B 262 -9.49 -39.14 -6.14
N SER B 263 -9.94 -39.96 -7.08
CA SER B 263 -9.10 -41.02 -7.64
C SER B 263 -9.53 -41.32 -9.06
N GLY B 264 -8.56 -41.49 -9.95
CA GLY B 264 -8.81 -41.87 -11.32
C GLY B 264 -8.38 -43.31 -11.54
N SER B 265 -9.27 -44.09 -12.14
CA SER B 265 -9.10 -45.52 -12.25
C SER B 265 -9.16 -45.97 -13.71
N LYS B 266 -8.61 -47.16 -13.94
CA LYS B 266 -8.56 -47.75 -15.27
C LYS B 266 -9.86 -48.46 -15.66
N ASP B 267 -10.83 -48.54 -14.76
CA ASP B 267 -12.07 -49.24 -15.06
C ASP B 267 -13.11 -48.26 -15.62
N SER B 268 -13.73 -48.66 -16.73
CA SER B 268 -14.69 -47.80 -17.41
C SER B 268 -15.98 -47.62 -16.63
N GLN B 269 -16.31 -48.52 -15.70
CA GLN B 269 -17.57 -48.44 -14.99
C GLN B 269 -17.59 -47.22 -14.06
N GLN B 270 -16.54 -47.04 -13.26
CA GLN B 270 -16.43 -45.93 -12.32
C GLN B 270 -15.08 -45.28 -12.50
N PRO B 271 -14.88 -44.52 -13.59
CA PRO B 271 -13.55 -43.98 -13.86
C PRO B 271 -13.03 -43.05 -12.78
N ILE B 272 -13.90 -42.30 -12.12
CA ILE B 272 -13.49 -41.38 -11.06
C ILE B 272 -14.46 -41.53 -9.90
N LYS B 273 -13.91 -41.63 -8.69
CA LYS B 273 -14.70 -41.77 -7.48
C LYS B 273 -14.28 -40.72 -6.47
N PHE B 274 -15.22 -40.33 -5.61
CA PHE B 274 -14.95 -39.41 -4.51
C PHE B 274 -15.03 -40.20 -3.21
N TRP B 275 -13.99 -40.09 -2.39
CA TRP B 275 -13.87 -40.85 -1.17
C TRP B 275 -14.04 -39.94 0.04
N ASP B 276 -14.02 -40.56 1.22
CA ASP B 276 -14.05 -39.84 2.49
C ASP B 276 -12.86 -40.27 3.32
N PRO B 277 -11.91 -39.38 3.63
CA PRO B 277 -10.72 -39.84 4.36
C PRO B 277 -11.03 -40.43 5.72
N LYS B 278 -12.03 -39.89 6.42
CA LYS B 278 -12.30 -40.31 7.80
C LYS B 278 -13.12 -41.58 7.83
N THR B 279 -14.34 -41.53 7.30
CA THR B 279 -15.24 -42.67 7.40
C THR B 279 -14.96 -43.74 6.36
N GLY B 280 -14.16 -43.43 5.34
CA GLY B 280 -13.85 -44.41 4.32
C GLY B 280 -14.97 -44.72 3.36
N GLN B 281 -15.98 -43.86 3.28
CA GLN B 281 -17.15 -44.09 2.43
C GLN B 281 -16.77 -43.82 0.97
N SER B 282 -17.77 -43.79 0.10
CA SER B 282 -17.62 -43.38 -1.29
C SER B 282 -18.64 -42.28 -1.53
N LEU B 283 -18.20 -41.02 -1.43
CA LEU B 283 -19.14 -39.90 -1.47
C LEU B 283 -19.86 -39.81 -2.80
N ALA B 284 -19.19 -40.15 -3.90
CA ALA B 284 -19.79 -40.02 -5.21
C ALA B 284 -19.00 -40.84 -6.21
N THR B 285 -19.55 -40.94 -7.42
CA THR B 285 -18.88 -41.54 -8.57
C THR B 285 -19.11 -40.64 -9.77
N LEU B 286 -18.19 -40.69 -10.73
CA LEU B 286 -18.25 -39.81 -11.90
C LEU B 286 -17.85 -40.60 -13.14
N HIS B 287 -18.72 -40.61 -14.14
CA HIS B 287 -18.43 -41.27 -15.42
C HIS B 287 -17.99 -40.19 -16.40
N ALA B 288 -16.76 -39.73 -16.22
CA ALA B 288 -16.26 -38.59 -17.00
C ALA B 288 -15.71 -39.03 -18.34
N HIS B 289 -14.71 -39.92 -18.34
CA HIS B 289 -13.96 -40.27 -19.53
C HIS B 289 -14.31 -41.67 -19.99
N LYS B 290 -13.89 -41.98 -21.22
CA LYS B 290 -14.16 -43.31 -21.77
C LYS B 290 -13.25 -44.37 -21.15
N ASN B 291 -11.98 -44.05 -20.95
CA ASN B 291 -11.04 -45.07 -20.50
C ASN B 291 -9.82 -44.44 -19.85
N THR B 292 -9.37 -45.06 -18.75
CA THR B 292 -8.03 -44.90 -18.20
C THR B 292 -7.69 -43.44 -17.95
N VAL B 293 -8.39 -42.84 -16.98
CA VAL B 293 -8.05 -41.52 -16.50
C VAL B 293 -6.60 -41.55 -16.00
N MET B 294 -5.72 -40.78 -16.65
CA MET B 294 -4.30 -40.85 -16.34
C MET B 294 -3.93 -39.96 -15.16
N GLU B 295 -4.41 -38.72 -15.14
CA GLU B 295 -4.06 -37.77 -14.10
C GLU B 295 -5.32 -37.13 -13.55
N VAL B 296 -5.43 -37.11 -12.22
CA VAL B 296 -6.50 -36.41 -11.52
C VAL B 296 -5.87 -35.34 -10.65
N LYS B 297 -6.10 -34.08 -11.00
CA LYS B 297 -5.53 -32.95 -10.28
C LYS B 297 -6.65 -32.04 -9.83
N LEU B 298 -6.48 -31.44 -8.65
CA LEU B 298 -7.44 -30.49 -8.11
C LEU B 298 -6.81 -29.11 -8.09
N ASN B 299 -7.62 -28.11 -8.43
CA ASN B 299 -7.18 -26.72 -8.33
C ASN B 299 -7.01 -26.32 -6.88
N LEU B 300 -6.01 -25.47 -6.63
CA LEU B 300 -5.75 -25.00 -5.27
C LEU B 300 -6.84 -24.07 -4.76
N ASN B 301 -7.74 -23.60 -5.63
CA ASN B 301 -8.86 -22.79 -5.17
C ASN B 301 -10.00 -23.63 -4.62
N GLY B 302 -9.95 -24.95 -4.78
CA GLY B 302 -10.94 -25.82 -4.20
C GLY B 302 -12.25 -25.91 -4.93
N ASN B 303 -12.29 -25.53 -6.21
CA ASN B 303 -13.51 -25.54 -6.98
C ASN B 303 -13.49 -26.53 -8.14
N TRP B 304 -12.42 -26.55 -8.93
CA TRP B 304 -12.37 -27.38 -10.13
C TRP B 304 -11.55 -28.64 -9.89
N LEU B 305 -11.89 -29.68 -10.65
CA LEU B 305 -11.12 -30.91 -10.72
C LEU B 305 -10.82 -31.17 -12.19
N LEU B 306 -9.57 -31.05 -12.59
CA LEU B 306 -9.18 -31.27 -13.97
C LEU B 306 -8.61 -32.67 -14.12
N THR B 307 -9.24 -33.46 -14.98
CA THR B 307 -8.80 -34.81 -15.29
C THR B 307 -7.99 -34.79 -16.58
N ALA B 308 -7.40 -35.93 -16.91
CA ALA B 308 -6.66 -36.08 -18.15
C ALA B 308 -6.63 -37.57 -18.47
N SER B 309 -7.37 -37.98 -19.49
CA SER B 309 -7.58 -39.39 -19.77
C SER B 309 -6.82 -39.79 -21.03
N ARG B 310 -6.80 -41.10 -21.28
CA ARG B 310 -6.15 -41.67 -22.44
C ARG B 310 -7.00 -41.55 -23.69
N ASP B 311 -8.14 -40.85 -23.62
CA ASP B 311 -8.97 -40.58 -24.79
C ASP B 311 -8.69 -39.22 -25.40
N HIS B 312 -7.45 -38.75 -25.32
CA HIS B 312 -7.01 -37.51 -25.97
C HIS B 312 -7.78 -36.29 -25.45
N LEU B 313 -8.24 -36.34 -24.21
CA LEU B 313 -9.09 -35.27 -23.68
C LEU B 313 -8.72 -34.94 -22.25
N CYS B 314 -8.95 -33.68 -21.89
CA CYS B 314 -8.84 -33.21 -20.52
C CYS B 314 -10.13 -32.47 -20.20
N LYS B 315 -10.77 -32.82 -19.08
CA LYS B 315 -12.07 -32.28 -18.73
C LYS B 315 -11.99 -31.57 -17.38
N LEU B 316 -12.45 -30.33 -17.35
CA LEU B 316 -12.57 -29.56 -16.13
C LEU B 316 -13.94 -29.80 -15.53
N PHE B 317 -13.96 -30.23 -14.27
CA PHE B 317 -15.20 -30.52 -13.56
C PHE B 317 -15.30 -29.62 -12.34
N ASP B 318 -16.53 -29.32 -11.95
CA ASP B 318 -16.80 -28.59 -10.72
C ASP B 318 -17.20 -29.59 -9.64
N ILE B 319 -16.40 -29.68 -8.59
CA ILE B 319 -16.67 -30.65 -7.53
C ILE B 319 -18.03 -30.38 -6.89
N ARG B 320 -18.44 -29.11 -6.82
CA ARG B 320 -19.75 -28.79 -6.26
C ARG B 320 -20.89 -29.31 -7.11
N ASN B 321 -20.68 -29.47 -8.42
CA ASN B 321 -21.73 -29.86 -9.36
C ASN B 321 -21.14 -30.92 -10.29
N LEU B 322 -21.27 -32.19 -9.90
CA LEU B 322 -20.73 -33.29 -10.69
C LEU B 322 -21.66 -33.70 -11.83
N LYS B 323 -22.91 -33.26 -11.82
CA LYS B 323 -23.83 -33.62 -12.88
C LYS B 323 -23.58 -32.84 -14.16
N GLU B 324 -23.13 -31.59 -14.04
CA GLU B 324 -22.91 -30.72 -15.18
C GLU B 324 -21.42 -30.66 -15.51
N GLU B 325 -21.06 -31.09 -16.71
CA GLU B 325 -19.69 -30.96 -17.16
C GLU B 325 -19.38 -29.50 -17.44
N LEU B 326 -18.28 -29.01 -16.86
CA LEU B 326 -17.99 -27.58 -16.88
C LEU B 326 -17.22 -27.16 -18.13
N GLN B 327 -16.24 -27.93 -18.54
CA GLN B 327 -15.42 -27.58 -19.69
C GLN B 327 -14.61 -28.77 -20.14
N VAL B 328 -14.40 -28.88 -21.45
CA VAL B 328 -13.61 -29.95 -22.04
C VAL B 328 -12.56 -29.31 -22.94
N PHE B 329 -11.35 -29.84 -22.90
CA PHE B 329 -10.19 -29.22 -23.55
C PHE B 329 -9.74 -30.13 -24.70
N ARG B 330 -10.25 -29.87 -25.89
CA ARG B 330 -9.86 -30.59 -27.08
C ARG B 330 -8.64 -29.92 -27.72
N GLY B 331 -7.76 -30.73 -28.27
CA GLY B 331 -6.55 -30.21 -28.89
C GLY B 331 -5.34 -31.09 -28.73
N HIS B 332 -5.44 -32.14 -27.91
CA HIS B 332 -4.36 -33.11 -27.76
C HIS B 332 -4.53 -34.20 -28.82
N LYS B 333 -3.56 -34.30 -29.73
CA LYS B 333 -3.67 -35.29 -30.79
C LYS B 333 -3.53 -36.72 -30.28
N LYS B 334 -3.01 -36.90 -29.07
CA LYS B 334 -2.87 -38.23 -28.47
C LYS B 334 -3.19 -38.11 -26.99
N GLU B 335 -3.03 -39.22 -26.26
CA GLU B 335 -3.43 -39.26 -24.86
C GLU B 335 -2.79 -38.13 -24.08
N ALA B 336 -3.56 -37.54 -23.17
CA ALA B 336 -3.06 -36.53 -22.24
C ALA B 336 -2.63 -37.24 -20.98
N THR B 337 -1.32 -37.30 -20.74
CA THR B 337 -0.76 -38.10 -19.65
C THR B 337 -0.11 -37.27 -18.56
N ALA B 338 -0.30 -35.95 -18.57
CA ALA B 338 0.29 -35.11 -17.53
C ALA B 338 -0.49 -33.81 -17.45
N VAL B 339 -0.46 -33.19 -16.28
CA VAL B 339 -1.14 -31.92 -16.03
C VAL B 339 -0.39 -31.20 -14.92
N ALA B 340 -0.39 -29.88 -14.99
CA ALA B 340 0.25 -29.07 -13.95
C ALA B 340 -0.46 -27.72 -13.90
N TRP B 341 -1.18 -27.47 -12.83
CA TRP B 341 -1.79 -26.16 -12.64
C TRP B 341 -0.72 -25.12 -12.37
N HIS B 342 -1.03 -23.86 -12.67
CA HIS B 342 0.02 -22.88 -12.45
C HIS B 342 0.10 -22.51 -10.97
N PRO B 343 1.31 -22.34 -10.43
CA PRO B 343 1.40 -21.95 -9.01
C PRO B 343 0.72 -20.63 -8.69
N VAL B 344 0.65 -19.70 -9.64
CA VAL B 344 0.16 -18.36 -9.37
C VAL B 344 -1.09 -18.03 -10.19
N HIS B 345 -1.13 -18.44 -11.45
CA HIS B 345 -2.27 -18.17 -12.31
C HIS B 345 -3.28 -19.30 -12.17
N GLU B 346 -4.43 -19.00 -11.55
CA GLU B 346 -5.49 -20.00 -11.43
C GLU B 346 -6.32 -19.98 -12.71
N GLY B 347 -6.25 -21.08 -13.46
CA GLY B 347 -6.90 -21.15 -14.75
C GLY B 347 -5.94 -21.63 -15.82
N LEU B 348 -4.68 -21.21 -15.73
CA LEU B 348 -3.66 -21.65 -16.65
C LEU B 348 -3.05 -22.95 -16.17
N PHE B 349 -2.84 -23.88 -17.09
CA PHE B 349 -2.14 -25.11 -16.78
C PHE B 349 -1.48 -25.63 -18.05
N ALA B 350 -0.47 -26.47 -17.86
CA ALA B 350 0.18 -27.14 -18.97
C ALA B 350 -0.50 -28.50 -19.20
N SER B 351 0.06 -29.27 -20.13
CA SER B 351 -0.48 -30.59 -20.42
C SER B 351 0.53 -31.33 -21.27
N GLY B 352 0.82 -32.58 -20.89
CA GLY B 352 1.79 -33.37 -21.62
C GLY B 352 1.16 -34.57 -22.27
N GLY B 353 1.10 -34.57 -23.59
CA GLY B 353 0.48 -35.66 -24.30
C GLY B 353 1.36 -36.87 -24.38
N SER B 354 0.75 -37.99 -24.79
CA SER B 354 1.50 -39.22 -24.99
C SER B 354 2.33 -39.20 -26.27
N ASP B 355 2.11 -38.22 -27.14
CA ASP B 355 2.93 -38.03 -28.32
C ASP B 355 4.11 -37.10 -28.06
N GLY B 356 4.26 -36.62 -26.83
CA GLY B 356 5.28 -35.65 -26.50
C GLY B 356 4.83 -34.21 -26.57
N SER B 357 3.64 -33.95 -27.10
CA SER B 357 3.16 -32.58 -27.23
C SER B 357 3.00 -31.94 -25.86
N LEU B 358 3.24 -30.64 -25.80
CA LEU B 358 3.09 -29.86 -24.58
C LEU B 358 2.21 -28.66 -24.88
N LEU B 359 1.04 -28.59 -24.24
CA LEU B 359 0.04 -27.58 -24.54
C LEU B 359 -0.24 -26.77 -23.29
N PHE B 360 -0.55 -25.49 -23.48
CA PHE B 360 -0.91 -24.59 -22.40
C PHE B 360 -2.36 -24.17 -22.60
N TRP B 361 -3.17 -24.39 -21.57
CA TRP B 361 -4.59 -24.14 -21.63
C TRP B 361 -4.99 -23.04 -20.67
N HIS B 362 -6.25 -22.63 -20.77
CA HIS B 362 -6.82 -21.68 -19.84
C HIS B 362 -8.28 -22.02 -19.66
N VAL B 363 -8.81 -21.74 -18.48
CA VAL B 363 -10.22 -21.96 -18.19
C VAL B 363 -10.99 -20.75 -18.70
N GLY B 364 -11.95 -20.98 -19.59
CA GLY B 364 -12.74 -19.93 -20.20
C GLY B 364 -12.48 -19.73 -21.67
N VAL B 365 -11.35 -20.23 -22.19
CA VAL B 365 -10.99 -20.09 -23.60
C VAL B 365 -11.22 -21.42 -24.29
N GLU B 366 -11.96 -21.38 -25.41
CA GLU B 366 -12.33 -22.61 -26.10
C GLU B 366 -11.09 -23.34 -26.63
N LYS B 367 -10.16 -22.60 -27.22
CA LYS B 367 -8.99 -23.19 -27.86
C LYS B 367 -7.76 -23.06 -26.96
N GLU B 368 -6.74 -23.84 -27.28
CA GLU B 368 -5.53 -23.83 -26.49
C GLU B 368 -4.85 -22.48 -26.53
N VAL B 369 -4.26 -22.09 -25.39
CA VAL B 369 -3.57 -20.81 -25.31
C VAL B 369 -2.36 -20.81 -26.23
N GLY B 370 -1.76 -21.97 -26.44
CA GLY B 370 -0.63 -22.10 -27.33
C GLY B 370 0.42 -22.98 -26.69
N GLY B 371 0.86 -24.00 -27.41
CA GLY B 371 1.85 -24.91 -26.88
C GLY B 371 2.90 -25.27 -27.92
N MET B 372 3.66 -26.31 -27.64
CA MET B 372 4.66 -26.83 -28.56
C MET B 372 4.30 -28.28 -28.84
N GLU B 373 3.62 -28.53 -29.95
CA GLU B 373 3.51 -29.89 -30.42
C GLU B 373 4.91 -30.42 -30.69
N MET B 374 5.16 -31.68 -30.31
CA MET B 374 6.50 -32.26 -30.41
C MET B 374 7.50 -31.49 -29.53
N ALA B 375 7.03 -30.94 -28.40
CA ALA B 375 7.91 -30.27 -27.47
C ALA B 375 8.96 -31.20 -26.90
N HIS B 376 8.72 -32.50 -26.98
CA HIS B 376 9.49 -33.46 -26.22
C HIS B 376 9.32 -34.83 -26.84
N GLU B 377 10.43 -35.52 -27.10
CA GLU B 377 10.32 -36.85 -27.66
C GLU B 377 9.68 -37.79 -26.64
N GLY B 378 9.27 -38.96 -27.12
CA GLY B 378 8.60 -39.90 -26.23
C GLY B 378 7.30 -39.30 -25.70
N MET B 379 6.91 -39.74 -24.50
CA MET B 379 5.70 -39.30 -23.85
C MET B 379 6.02 -38.63 -22.53
N ILE B 380 5.41 -37.49 -22.28
CA ILE B 380 5.63 -36.74 -21.06
C ILE B 380 4.96 -37.47 -19.91
N TRP B 381 5.62 -37.48 -18.75
CA TRP B 381 5.12 -38.16 -17.56
C TRP B 381 4.66 -37.20 -16.48
N SER B 382 5.39 -36.11 -16.23
CA SER B 382 5.00 -35.15 -15.22
C SER B 382 5.53 -33.78 -15.61
N LEU B 383 4.88 -32.75 -15.08
CA LEU B 383 5.27 -31.36 -15.30
C LEU B 383 5.24 -30.64 -13.97
N ALA B 384 6.26 -29.82 -13.70
CA ALA B 384 6.40 -29.13 -12.42
C ALA B 384 6.80 -27.68 -12.67
N TRP B 385 5.92 -26.75 -12.32
CA TRP B 385 6.25 -25.34 -12.40
C TRP B 385 7.22 -24.95 -11.30
N HIS B 386 8.13 -24.04 -11.61
CA HIS B 386 8.97 -23.45 -10.59
C HIS B 386 8.09 -22.70 -9.59
N PRO B 387 8.44 -22.70 -8.31
CA PRO B 387 7.57 -22.02 -7.33
C PRO B 387 7.22 -20.60 -7.71
N LEU B 388 8.15 -19.86 -8.33
CA LEU B 388 7.81 -18.57 -8.92
C LEU B 388 6.85 -18.73 -10.07
N GLY B 389 7.00 -19.79 -10.86
CA GLY B 389 6.17 -20.03 -12.02
C GLY B 389 6.78 -19.66 -13.34
N HIS B 390 8.00 -19.13 -13.34
CA HIS B 390 8.65 -18.65 -14.56
C HIS B 390 9.43 -19.74 -15.29
N ILE B 391 9.51 -20.95 -14.73
CA ILE B 391 10.16 -22.08 -15.38
C ILE B 391 9.25 -23.29 -15.24
N LEU B 392 9.36 -24.23 -16.17
CA LEU B 392 8.60 -25.47 -16.14
C LEU B 392 9.49 -26.60 -16.62
N CYS B 393 9.61 -27.64 -15.79
CA CYS B 393 10.36 -28.83 -16.16
C CYS B 393 9.39 -29.94 -16.56
N SER B 394 9.72 -30.63 -17.64
CA SER B 394 8.87 -31.68 -18.19
C SER B 394 9.63 -32.99 -18.16
N GLY B 395 9.14 -33.96 -17.40
CA GLY B 395 9.67 -35.29 -17.47
C GLY B 395 9.21 -36.01 -18.71
N SER B 396 10.02 -36.94 -19.20
CA SER B 396 9.72 -37.64 -20.43
C SER B 396 10.09 -39.11 -20.31
N ASN B 397 9.40 -39.94 -21.09
CA ASN B 397 9.79 -41.32 -21.25
C ASN B 397 11.07 -41.47 -22.06
N ASP B 398 11.55 -40.40 -22.68
CA ASP B 398 12.76 -40.45 -23.49
C ASP B 398 13.99 -40.07 -22.68
N HIS B 399 14.12 -40.67 -21.50
CA HIS B 399 15.34 -40.59 -20.70
C HIS B 399 15.84 -39.17 -20.54
N THR B 400 14.93 -38.18 -20.52
CA THR B 400 15.37 -36.80 -20.51
C THR B 400 14.31 -35.92 -19.87
N SER B 401 14.72 -34.72 -19.50
CA SER B 401 13.82 -33.67 -19.03
C SER B 401 14.32 -32.34 -19.54
N LYS B 402 13.41 -31.39 -19.72
CA LYS B 402 13.72 -30.12 -20.35
C LYS B 402 13.15 -28.97 -19.53
N PHE B 403 13.85 -27.85 -19.55
CA PHE B 403 13.46 -26.64 -18.84
C PHE B 403 12.95 -25.62 -19.85
N TRP B 404 11.78 -25.06 -19.57
CA TRP B 404 11.15 -24.06 -20.42
C TRP B 404 10.90 -22.79 -19.62
N THR B 405 11.14 -21.65 -20.25
CA THR B 405 10.94 -20.35 -19.61
C THR B 405 10.16 -19.44 -20.54
N ARG B 406 9.66 -18.34 -19.99
CA ARG B 406 8.87 -17.40 -20.77
C ARG B 406 9.70 -16.82 -21.91
N ASN B 407 9.02 -16.48 -22.99
CA ASN B 407 9.70 -15.84 -24.12
C ASN B 407 10.21 -14.47 -23.72
N ARG B 408 11.26 -14.03 -24.41
CA ARG B 408 11.77 -12.69 -24.15
C ARG B 408 11.22 -11.72 -25.18
N PRO B 409 10.79 -10.52 -24.79
CA PRO B 409 10.32 -9.55 -25.79
C PRO B 409 11.36 -9.28 -26.85
N GLY B 410 10.93 -9.31 -28.10
CA GLY B 410 11.81 -9.04 -29.21
C GLY B 410 12.60 -10.24 -29.68
N ASP B 411 11.90 -11.32 -30.03
CA ASP B 411 12.55 -12.49 -30.61
C ASP B 411 11.66 -13.06 -31.70
N LYS B 412 12.23 -13.20 -32.89
CA LYS B 412 11.56 -13.92 -33.97
C LYS B 412 11.47 -15.39 -33.58
N MET B 413 10.26 -15.83 -33.23
CA MET B 413 10.06 -17.12 -32.57
C MET B 413 10.22 -18.24 -33.60
N ARG B 414 11.46 -18.37 -34.10
CA ARG B 414 11.80 -19.32 -35.15
C ARG B 414 12.42 -20.59 -34.60
N ASP B 415 12.38 -20.78 -33.28
CA ASP B 415 12.93 -21.99 -32.68
C ASP B 415 12.25 -23.23 -33.26
N ARG B 416 12.91 -24.38 -33.11
CA ARG B 416 12.34 -25.62 -33.62
C ARG B 416 11.10 -26.03 -32.84
N TYR B 417 10.97 -25.60 -31.59
CA TYR B 417 9.78 -25.87 -30.80
C TYR B 417 8.70 -24.82 -30.99
N ASN B 418 8.95 -23.80 -31.81
CA ASN B 418 7.99 -22.74 -32.06
C ASN B 418 7.56 -22.66 -33.52
N LEU B 419 8.51 -22.58 -34.44
CA LEU B 419 8.20 -22.51 -35.87
C LEU B 419 9.23 -23.28 -36.68
N MET C 1 19.38 4.11 14.97
CA MET C 1 18.40 5.16 15.40
C MET C 1 17.13 4.50 15.92
N GLN C 2 16.83 3.30 15.44
CA GLN C 2 15.67 2.57 15.92
C GLN C 2 15.88 2.08 17.35
N GLU C 3 17.13 1.76 17.71
CA GLU C 3 17.43 1.26 19.04
C GLU C 3 17.57 2.36 20.08
N ILE C 4 17.51 3.63 19.67
CA ILE C 4 17.64 4.73 20.62
C ILE C 4 16.29 5.14 21.18
N ILE C 5 15.30 5.35 20.30
CA ILE C 5 13.97 5.75 20.78
C ILE C 5 13.30 4.60 21.51
N ALA C 6 13.35 3.40 20.94
CA ALA C 6 12.65 2.24 21.48
C ALA C 6 13.65 1.10 21.61
N SER C 7 14.05 0.79 22.84
CA SER C 7 15.05 -0.23 23.11
C SER C 7 14.38 -1.47 23.70
N VAL C 8 14.92 -2.63 23.35
CA VAL C 8 14.32 -3.91 23.72
C VAL C 8 15.34 -4.72 24.52
N ASP C 9 16.20 -4.04 25.27
CA ASP C 9 17.22 -4.72 26.04
C ASP C 9 16.83 -4.91 27.50
N HIS C 10 15.90 -4.10 28.02
CA HIS C 10 15.44 -4.23 29.39
C HIS C 10 14.12 -5.00 29.49
N ILE C 11 13.67 -5.61 28.40
CA ILE C 11 12.44 -6.38 28.36
C ILE C 11 12.80 -7.85 28.24
N LYS C 12 12.31 -8.66 29.17
CA LYS C 12 12.53 -10.11 29.11
C LYS C 12 11.33 -10.73 28.40
N PHE C 13 11.57 -11.24 27.19
CA PHE C 13 10.47 -11.67 26.33
C PHE C 13 10.06 -13.11 26.60
N ASP C 14 8.78 -13.37 26.39
CA ASP C 14 8.28 -14.74 26.46
C ASP C 14 8.97 -15.62 25.42
N LEU C 15 9.32 -15.06 24.27
CA LEU C 15 10.06 -15.83 23.27
C LEU C 15 11.45 -16.21 23.78
N GLU C 16 12.16 -15.26 24.39
CA GLU C 16 13.45 -15.57 24.99
C GLU C 16 13.31 -16.67 26.04
N ILE C 17 12.33 -16.53 26.93
CA ILE C 17 12.14 -17.53 27.98
C ILE C 17 11.84 -18.89 27.35
N ALA C 18 10.97 -18.92 26.34
CA ALA C 18 10.58 -20.18 25.73
C ALA C 18 11.78 -20.89 25.11
N VAL C 19 12.53 -20.19 24.25
CA VAL C 19 13.66 -20.84 23.61
C VAL C 19 14.77 -21.16 24.61
N GLU C 20 14.85 -20.43 25.72
CA GLU C 20 15.87 -20.72 26.73
C GLU C 20 15.69 -22.10 27.33
N GLN C 21 14.45 -22.46 27.65
CA GLN C 21 14.15 -23.71 28.34
C GLN C 21 13.73 -24.82 27.40
N GLN C 22 13.87 -24.62 26.09
CA GLN C 22 13.40 -25.61 25.12
C GLN C 22 11.94 -25.95 25.37
N LEU C 23 11.15 -24.91 25.64
CA LEU C 23 9.76 -25.09 26.03
C LEU C 23 8.96 -25.75 24.91
N GLY C 24 8.16 -26.76 25.28
CA GLY C 24 7.28 -27.40 24.33
C GLY C 24 7.98 -28.13 23.20
N ALA C 25 9.26 -28.46 23.36
CA ALA C 25 10.03 -29.14 22.31
C ALA C 25 9.84 -30.64 22.47
N GLN C 26 8.99 -31.21 21.63
CA GLN C 26 8.73 -32.64 21.70
C GLN C 26 9.88 -33.40 21.03
N PRO C 27 10.28 -34.55 21.58
CA PRO C 27 11.38 -35.31 20.97
C PRO C 27 11.07 -35.68 19.53
N LEU C 28 12.06 -35.55 18.66
CA LEU C 28 11.85 -35.82 17.26
C LEU C 28 11.68 -37.33 17.04
N PRO C 29 10.95 -37.73 15.99
CA PRO C 29 10.78 -39.17 15.72
C PRO C 29 11.87 -39.73 14.82
N PHE C 30 11.78 -41.02 14.51
CA PHE C 30 12.67 -41.64 13.54
C PHE C 30 14.13 -41.39 13.92
N PRO C 31 14.67 -42.12 14.90
CA PRO C 31 16.02 -41.82 15.41
C PRO C 31 17.09 -41.60 14.35
N GLY C 32 16.84 -42.00 13.11
CA GLY C 32 17.86 -41.90 12.08
C GLY C 32 17.92 -40.58 11.36
N MET C 33 17.24 -39.56 11.86
CA MET C 33 17.14 -38.29 11.17
C MET C 33 18.33 -37.39 11.49
N ASP C 34 18.36 -36.22 10.86
CA ASP C 34 19.43 -35.24 11.03
C ASP C 34 18.94 -33.92 11.58
N LYS C 35 17.88 -33.35 10.99
CA LYS C 35 17.32 -32.07 11.43
C LYS C 35 18.39 -30.98 11.44
N SER C 36 18.90 -30.69 10.25
CA SER C 36 19.89 -29.62 10.10
C SER C 36 19.24 -28.25 10.27
N GLY C 37 20.06 -27.28 10.64
CA GLY C 37 19.57 -25.94 10.89
C GLY C 37 18.93 -25.73 12.24
N ALA C 38 19.12 -26.65 13.18
CA ALA C 38 18.54 -26.55 14.51
C ALA C 38 19.60 -26.09 15.50
N ALA C 39 19.15 -25.30 16.48
CA ALA C 39 20.06 -24.73 17.45
C ALA C 39 20.80 -25.83 18.20
N VAL C 40 21.84 -25.43 18.93
CA VAL C 40 22.61 -26.36 19.75
C VAL C 40 21.96 -26.48 21.12
N CYS C 41 21.92 -27.71 21.64
CA CYS C 41 21.27 -27.95 22.92
C CYS C 41 21.91 -27.10 24.01
N GLU C 42 21.10 -26.29 24.68
CA GLU C 42 21.60 -25.44 25.75
C GLU C 42 21.73 -26.20 27.07
N PHE C 43 21.12 -27.38 27.18
CA PHE C 43 21.23 -28.19 28.38
C PHE C 43 22.39 -29.17 28.29
N PHE C 44 22.59 -29.79 27.12
CA PHE C 44 23.71 -30.70 26.95
C PHE C 44 25.04 -30.02 27.17
N LEU C 45 25.10 -28.69 27.03
CA LEU C 45 26.36 -27.98 27.20
C LEU C 45 26.74 -27.80 28.66
N LYS C 46 25.75 -27.75 29.57
CA LYS C 46 26.07 -27.52 30.98
C LYS C 46 26.21 -28.83 31.75
N ALA C 47 25.15 -29.64 31.81
CA ALA C 47 25.24 -30.94 32.48
C ALA C 47 24.92 -32.09 31.55
N ALA C 48 23.73 -32.14 30.98
CA ALA C 48 23.32 -33.23 30.09
C ALA C 48 21.93 -32.93 29.57
N CYS C 49 21.64 -33.38 28.34
CA CYS C 49 20.32 -33.16 27.78
C CYS C 49 19.29 -34.10 28.38
N GLY C 50 19.65 -35.35 28.57
CA GLY C 50 18.73 -36.36 29.07
C GLY C 50 17.88 -37.01 28.00
N LYS C 51 18.04 -36.63 26.73
CA LYS C 51 17.30 -37.20 25.62
C LYS C 51 18.25 -37.54 24.48
N GLY C 52 19.37 -38.17 24.81
CA GLY C 52 20.39 -38.46 23.83
C GLY C 52 19.85 -39.15 22.60
N GLY C 53 20.15 -38.59 21.42
CA GLY C 53 19.65 -39.09 20.17
C GLY C 53 18.24 -38.65 19.82
N MET C 54 17.41 -38.43 20.82
CA MET C 54 16.04 -37.97 20.62
C MET C 54 15.90 -36.45 20.73
N CYS C 55 16.99 -35.74 20.99
CA CYS C 55 16.88 -34.31 21.24
C CYS C 55 16.45 -33.58 19.98
N PRO C 56 15.53 -32.62 20.07
CA PRO C 56 15.23 -31.79 18.90
C PRO C 56 16.42 -30.95 18.45
N PHE C 57 17.26 -30.52 19.39
CA PHE C 57 18.36 -29.62 19.09
C PHE C 57 19.62 -30.42 18.80
N ARG C 58 20.77 -29.74 18.75
CA ARG C 58 22.03 -30.35 18.33
C ARG C 58 22.98 -30.48 19.52
N HIS C 59 23.63 -31.63 19.61
CA HIS C 59 24.65 -31.89 20.62
C HIS C 59 26.01 -31.76 19.96
N ILE C 60 26.87 -30.89 20.50
CA ILE C 60 28.13 -30.54 19.87
C ILE C 60 29.30 -31.04 20.72
N SER C 61 30.43 -31.26 20.06
CA SER C 61 31.66 -31.65 20.71
C SER C 61 32.81 -30.81 20.17
N GLY C 62 33.78 -30.53 21.03
CA GLY C 62 34.90 -29.69 20.65
C GLY C 62 36.10 -30.45 20.11
N GLU C 63 35.93 -31.14 18.99
CA GLU C 63 37.00 -31.91 18.39
C GLU C 63 37.20 -31.61 16.91
N LYS C 64 36.13 -31.37 16.17
CA LYS C 64 36.23 -31.21 14.71
C LYS C 64 36.81 -29.86 14.35
N THR C 65 37.63 -29.83 13.31
CA THR C 65 38.25 -28.60 12.81
C THR C 65 37.84 -28.27 11.39
N VAL C 66 37.97 -29.21 10.46
CA VAL C 66 37.69 -28.94 9.05
C VAL C 66 36.18 -28.78 8.84
N VAL C 67 35.80 -27.72 8.14
CA VAL C 67 34.39 -27.44 7.90
C VAL C 67 33.82 -28.46 6.91
N CYS C 68 32.67 -29.02 7.26
CA CYS C 68 32.02 -30.01 6.40
C CYS C 68 31.70 -29.38 5.05
N LYS C 69 32.30 -29.91 3.98
CA LYS C 69 32.07 -29.33 2.66
C LYS C 69 30.67 -29.64 2.14
N HIS C 70 30.07 -30.75 2.56
CA HIS C 70 28.70 -31.05 2.18
C HIS C 70 27.71 -30.17 2.93
N TRP C 71 27.96 -29.88 4.20
CA TRP C 71 27.07 -28.99 4.94
C TRP C 71 26.97 -27.64 4.27
N LEU C 72 28.06 -27.15 3.66
CA LEU C 72 28.00 -25.91 2.91
C LEU C 72 26.97 -25.99 1.79
N ARG C 73 27.05 -27.05 0.98
CA ARG C 73 26.07 -27.27 -0.08
C ARG C 73 24.67 -27.47 0.48
N GLY C 74 24.55 -27.85 1.75
CA GLY C 74 23.27 -28.07 2.37
C GLY C 74 22.78 -29.51 2.36
N LEU C 75 23.62 -30.46 1.97
CA LEU C 75 23.26 -31.88 1.92
C LEU C 75 24.38 -32.69 2.57
N CYS C 76 24.34 -32.85 3.89
CA CYS C 76 25.20 -33.81 4.56
C CYS C 76 24.33 -34.63 5.51
N LYS C 77 24.45 -35.95 5.41
CA LYS C 77 23.55 -36.86 6.10
C LYS C 77 24.03 -37.23 7.50
N LYS C 78 25.32 -37.13 7.77
CA LYS C 78 25.83 -37.49 9.09
C LYS C 78 25.22 -36.58 10.16
N GLY C 79 25.13 -35.29 9.89
CA GLY C 79 24.45 -34.37 10.78
C GLY C 79 25.06 -34.28 12.16
N ASP C 80 24.27 -34.61 13.19
CA ASP C 80 24.73 -34.43 14.56
C ASP C 80 26.01 -35.20 14.84
N GLN C 81 26.27 -36.27 14.08
CA GLN C 81 27.46 -37.09 14.25
C GLN C 81 28.50 -36.82 13.16
N CYS C 82 28.39 -35.69 12.47
CA CYS C 82 29.30 -35.40 11.36
C CYS C 82 30.72 -35.31 11.88
N GLU C 83 31.65 -35.99 11.21
CA GLU C 83 33.04 -36.01 11.61
C GLU C 83 33.80 -34.75 11.20
N PHE C 84 33.09 -33.73 10.70
CA PHE C 84 33.71 -32.50 10.25
C PHE C 84 32.98 -31.31 10.85
N LEU C 85 33.69 -30.20 10.97
CA LEU C 85 33.17 -29.02 11.64
C LEU C 85 31.97 -28.47 10.89
N HIS C 86 31.04 -27.87 11.62
CA HIS C 86 29.74 -27.44 11.10
C HIS C 86 29.50 -25.97 11.41
N GLU C 87 30.49 -25.13 11.14
CA GLU C 87 30.37 -23.69 11.27
C GLU C 87 30.98 -23.03 10.03
N TYR C 88 30.78 -21.72 9.90
CA TYR C 88 31.15 -20.99 8.71
C TYR C 88 32.57 -20.42 8.77
N ASP C 89 33.36 -20.79 9.78
CA ASP C 89 34.71 -20.28 9.87
C ASP C 89 35.49 -20.69 8.63
N MET C 90 35.82 -19.72 7.78
CA MET C 90 36.46 -20.00 6.48
C MET C 90 37.98 -19.96 6.60
N THR C 91 38.52 -20.64 7.60
CA THR C 91 39.96 -20.81 7.76
C THR C 91 40.35 -22.26 7.94
N LYS C 92 39.40 -23.17 8.16
CA LYS C 92 39.65 -24.60 8.21
C LYS C 92 39.03 -25.32 7.02
N MET C 93 38.72 -24.59 5.95
CA MET C 93 38.09 -25.21 4.80
C MET C 93 39.06 -26.18 4.13
N PRO C 94 38.54 -27.18 3.42
CA PRO C 94 39.43 -28.16 2.78
C PRO C 94 40.32 -27.50 1.73
N GLU C 95 41.49 -28.10 1.53
CA GLU C 95 42.40 -27.61 0.50
C GLU C 95 41.85 -27.91 -0.89
N CYS C 96 42.02 -26.96 -1.80
CA CYS C 96 41.49 -27.10 -3.15
C CYS C 96 42.15 -28.29 -3.85
N TYR C 97 41.34 -29.24 -4.30
CA TYR C 97 41.87 -30.43 -4.95
C TYR C 97 42.63 -30.07 -6.22
N PHE C 98 42.06 -29.21 -7.05
CA PHE C 98 42.69 -28.87 -8.32
C PHE C 98 43.99 -28.11 -8.09
N TYR C 99 44.00 -27.16 -7.14
CA TYR C 99 45.22 -26.44 -6.84
C TYR C 99 46.29 -27.37 -6.29
N SER C 100 45.92 -28.28 -5.39
CA SER C 100 46.91 -29.14 -4.75
C SER C 100 47.45 -30.19 -5.70
N LYS C 101 46.61 -30.72 -6.61
CA LYS C 101 47.00 -31.81 -7.48
C LYS C 101 47.09 -31.38 -8.95
N PHE C 102 46.00 -30.85 -9.50
CA PHE C 102 45.94 -30.53 -10.93
C PHE C 102 46.31 -29.07 -11.20
N GLY C 103 47.52 -28.69 -10.80
CA GLY C 103 48.03 -27.36 -11.12
C GLY C 103 47.35 -26.24 -10.36
N GLU C 104 46.57 -25.44 -11.06
CA GLU C 104 45.97 -24.22 -10.53
C GLU C 104 44.47 -24.42 -10.34
N CYS C 105 43.81 -23.33 -9.92
CA CYS C 105 42.38 -23.33 -9.66
C CYS C 105 41.66 -22.62 -10.81
N SER C 106 40.83 -23.36 -11.54
CA SER C 106 40.19 -22.80 -12.72
C SER C 106 39.26 -21.65 -12.36
N ASN C 107 38.48 -21.81 -11.29
CA ASN C 107 37.52 -20.78 -10.90
C ASN C 107 38.15 -19.80 -9.93
N LYS C 108 37.84 -18.52 -10.11
CA LYS C 108 38.40 -17.45 -9.30
C LYS C 108 37.56 -17.14 -8.05
N GLU C 109 36.46 -17.86 -7.84
CA GLU C 109 35.62 -17.69 -6.66
C GLU C 109 35.65 -18.93 -5.77
N CYS C 110 36.78 -19.64 -5.77
CA CYS C 110 36.91 -20.87 -5.00
C CYS C 110 37.10 -20.55 -3.53
N PRO C 111 36.29 -21.11 -2.63
CA PRO C 111 36.50 -20.89 -1.19
C PRO C 111 37.46 -21.88 -0.54
N PHE C 112 37.82 -22.97 -1.22
CA PHE C 112 38.75 -23.93 -0.65
C PHE C 112 40.14 -23.33 -0.53
N LEU C 113 40.81 -23.65 0.57
CA LEU C 113 42.11 -23.06 0.87
C LEU C 113 43.12 -23.45 -0.21
N HIS C 114 43.91 -22.46 -0.64
CA HIS C 114 44.94 -22.67 -1.64
C HIS C 114 46.30 -22.68 -0.93
N ILE C 115 47.08 -23.73 -1.17
CA ILE C 115 48.40 -23.85 -0.57
C ILE C 115 49.40 -24.35 -1.60
ZN ZN E . 19.67 -32.11 23.83
ZN ZN F . 28.31 -32.30 7.72
ZN ZN G . 40.56 -23.49 -5.63
#